data_5TCX
# 
_entry.id   5TCX 
# 
_audit_conform.dict_name       mmcif_pdbx.dic 
_audit_conform.dict_version    5.379 
_audit_conform.dict_location   http://mmcif.pdb.org/dictionaries/ascii/mmcif_pdbx.dic 
# 
loop_
_database_2.database_id 
_database_2.database_code 
_database_2.pdbx_database_accession 
_database_2.pdbx_DOI 
PDB   5TCX         pdb_00005tcx 10.2210/pdb5tcx/pdb 
WWPDB D_1000217111 ?            ?                   
# 
_pdbx_database_status.status_code                     REL 
_pdbx_database_status.status_code_sf                  REL 
_pdbx_database_status.status_code_mr                  ? 
_pdbx_database_status.entry_id                        5TCX 
_pdbx_database_status.recvd_initial_deposition_date   2016-09-16 
_pdbx_database_status.SG_entry                        N 
_pdbx_database_status.deposit_site                    RCSB 
_pdbx_database_status.process_site                    RCSB 
_pdbx_database_status.status_code_cs                  ? 
_pdbx_database_status.methods_development_category    ? 
_pdbx_database_status.pdb_format_compatible           Y 
_pdbx_database_status.status_code_nmr_data            ? 
# 
loop_
_audit_author.name 
_audit_author.pdbx_ordinal 
'Zimmerman, B.'  1 
'McMillan, B.J.' 2 
'Seegar, T.C.M.' 3 
'Kruse, A.C.'    4 
'Blacklow, S.C.' 5 
# 
_citation.abstract                  ? 
_citation.abstract_id_CAS           ? 
_citation.book_id_ISBN              ? 
_citation.book_publisher            ? 
_citation.book_publisher_city       ? 
_citation.book_title                ? 
_citation.coordinate_linkage        ? 
_citation.country                   ? 
_citation.database_id_Medline       ? 
_citation.details                   ? 
_citation.id                        primary 
_citation.journal_abbrev            Cell 
_citation.journal_id_ASTM           ? 
_citation.journal_id_CSD            ? 
_citation.journal_id_ISSN           1097-4172 
_citation.journal_full              ? 
_citation.journal_issue             ? 
_citation.journal_volume            167 
_citation.language                  ? 
_citation.page_first                1041 
_citation.page_last                 1051.e11 
_citation.title                     'Crystal Structure of a Full-Length Human Tetraspanin Reveals a Cholesterol-Binding Pocket.' 
_citation.year                      2016 
_citation.database_id_CSD           ? 
_citation.pdbx_database_id_DOI      10.1016/j.cell.2016.09.056 
_citation.pdbx_database_id_PubMed   27881302 
_citation.unpublished_flag          ? 
# 
loop_
_citation_author.citation_id 
_citation_author.name 
_citation_author.ordinal 
_citation_author.identifier_ORCID 
primary 'Zimmerman, B.'  1 ? 
primary 'Kelly, B.'      2 ? 
primary 'McMillan, B.J.' 3 ? 
primary 'Seegar, T.C.'   4 ? 
primary 'Dror, R.O.'     5 ? 
primary 'Kruse, A.C.'    6 ? 
primary 'Blacklow, S.C.' 7 ? 
# 
_cell.angle_alpha                  90.00 
_cell.angle_alpha_esd              ? 
_cell.angle_beta                   125.11 
_cell.angle_beta_esd               ? 
_cell.angle_gamma                  90.00 
_cell.angle_gamma_esd              ? 
_cell.entry_id                     5TCX 
_cell.details                      ? 
_cell.formula_units_Z              ? 
_cell.length_a                     101.430 
_cell.length_a_esd                 ? 
_cell.length_b                     73.510 
_cell.length_b_esd                 ? 
_cell.length_c                     70.350 
_cell.length_c_esd                 ? 
_cell.volume                       ? 
_cell.volume_esd                   ? 
_cell.Z_PDB                        4 
_cell.reciprocal_angle_alpha       ? 
_cell.reciprocal_angle_beta        ? 
_cell.reciprocal_angle_gamma       ? 
_cell.reciprocal_angle_alpha_esd   ? 
_cell.reciprocal_angle_beta_esd    ? 
_cell.reciprocal_angle_gamma_esd   ? 
_cell.reciprocal_length_a          ? 
_cell.reciprocal_length_b          ? 
_cell.reciprocal_length_c          ? 
_cell.reciprocal_length_a_esd      ? 
_cell.reciprocal_length_b_esd      ? 
_cell.reciprocal_length_c_esd      ? 
_cell.pdbx_unique_axis             ? 
# 
_symmetry.entry_id                         5TCX 
_symmetry.cell_setting                     ? 
_symmetry.Int_Tables_number                5 
_symmetry.space_group_name_Hall            ? 
_symmetry.space_group_name_H-M             'C 1 2 1' 
_symmetry.pdbx_full_space_group_name_H-M   ? 
# 
loop_
_entity.id 
_entity.type 
_entity.src_method 
_entity.pdbx_description 
_entity.formula_weight 
_entity.pdbx_number_of_molecules 
_entity.pdbx_ec 
_entity.pdbx_mutation 
_entity.pdbx_fragment 
_entity.details 
1 polymer     man 'CD81 antigen' 27203.586 1 ? 'C6S, C9S, C227S, C228S' ? ? 
2 non-polymer syn CHOLESTEROL    386.654   1 ? ?                        ? ? 
3 water       nat water          18.015    3 ? ?                        ? ? 
# 
_entity_name_com.entity_id   1 
_entity_name_com.name        
'26 kDa cell surface protein TAPA-1,Target of the antiproliferative antibody 1,Tetraspanin-28,Tspan-28' 
# 
_entity_poly.entity_id                      1 
_entity_poly.type                           'polypeptide(L)' 
_entity_poly.nstd_linkage                   no 
_entity_poly.nstd_monomer                   yes 
_entity_poly.pdbx_seq_one_letter_code       
;RGVEGSTKSIKYLLFVFNFVFWLAGGVILGVALWLRHDPQTTNLLYLELGDKPAPNTFYVGIYILIAVGAVMMFVGFLG
(YCM)YGAIQESQ(YCM)LLGTFFTCLVILFACEVAAGIWGFVNKDQIAKDVKQFYDQALQQAVVDDDANNAKAVVKTFH
ETLDCCGSSTLTALTTSVLKNNLCPSGSNIISNLFKEDCHQKIDDLFSGKLYLIGIAAIVVAVIMIFEMILSMVLSSGIR
NSSVYVPHHHHHHHH
;
_entity_poly.pdbx_seq_one_letter_code_can   
;RGVEGSTKSIKYLLFVFNFVFWLAGGVILGVALWLRHDPQTTNLLYLELGDKPAPNTFYVGIYILIAVGAVMMFVGFLGC
YGAIQESQCLLGTFFTCLVILFACEVAAGIWGFVNKDQIAKDVKQFYDQALQQAVVDDDANNAKAVVKTFHETLDCCGSS
TLTALTTSVLKNNLCPSGSNIISNLFKEDCHQKIDDLFSGKLYLIGIAAIVVAVIMIFEMILSMVLSSGIRNSSVYVPHH
HHHHHH
;
_entity_poly.pdbx_strand_id                 A 
_entity_poly.pdbx_target_identifier         ? 
# 
loop_
_entity_poly_seq.entity_id 
_entity_poly_seq.num 
_entity_poly_seq.mon_id 
_entity_poly_seq.hetero 
1 1   ARG n 
1 2   GLY n 
1 3   VAL n 
1 4   GLU n 
1 5   GLY n 
1 6   SER n 
1 7   THR n 
1 8   LYS n 
1 9   SER n 
1 10  ILE n 
1 11  LYS n 
1 12  TYR n 
1 13  LEU n 
1 14  LEU n 
1 15  PHE n 
1 16  VAL n 
1 17  PHE n 
1 18  ASN n 
1 19  PHE n 
1 20  VAL n 
1 21  PHE n 
1 22  TRP n 
1 23  LEU n 
1 24  ALA n 
1 25  GLY n 
1 26  GLY n 
1 27  VAL n 
1 28  ILE n 
1 29  LEU n 
1 30  GLY n 
1 31  VAL n 
1 32  ALA n 
1 33  LEU n 
1 34  TRP n 
1 35  LEU n 
1 36  ARG n 
1 37  HIS n 
1 38  ASP n 
1 39  PRO n 
1 40  GLN n 
1 41  THR n 
1 42  THR n 
1 43  ASN n 
1 44  LEU n 
1 45  LEU n 
1 46  TYR n 
1 47  LEU n 
1 48  GLU n 
1 49  LEU n 
1 50  GLY n 
1 51  ASP n 
1 52  LYS n 
1 53  PRO n 
1 54  ALA n 
1 55  PRO n 
1 56  ASN n 
1 57  THR n 
1 58  PHE n 
1 59  TYR n 
1 60  VAL n 
1 61  GLY n 
1 62  ILE n 
1 63  TYR n 
1 64  ILE n 
1 65  LEU n 
1 66  ILE n 
1 67  ALA n 
1 68  VAL n 
1 69  GLY n 
1 70  ALA n 
1 71  VAL n 
1 72  MET n 
1 73  MET n 
1 74  PHE n 
1 75  VAL n 
1 76  GLY n 
1 77  PHE n 
1 78  LEU n 
1 79  GLY n 
1 80  YCM n 
1 81  TYR n 
1 82  GLY n 
1 83  ALA n 
1 84  ILE n 
1 85  GLN n 
1 86  GLU n 
1 87  SER n 
1 88  GLN n 
1 89  YCM n 
1 90  LEU n 
1 91  LEU n 
1 92  GLY n 
1 93  THR n 
1 94  PHE n 
1 95  PHE n 
1 96  THR n 
1 97  CYS n 
1 98  LEU n 
1 99  VAL n 
1 100 ILE n 
1 101 LEU n 
1 102 PHE n 
1 103 ALA n 
1 104 CYS n 
1 105 GLU n 
1 106 VAL n 
1 107 ALA n 
1 108 ALA n 
1 109 GLY n 
1 110 ILE n 
1 111 TRP n 
1 112 GLY n 
1 113 PHE n 
1 114 VAL n 
1 115 ASN n 
1 116 LYS n 
1 117 ASP n 
1 118 GLN n 
1 119 ILE n 
1 120 ALA n 
1 121 LYS n 
1 122 ASP n 
1 123 VAL n 
1 124 LYS n 
1 125 GLN n 
1 126 PHE n 
1 127 TYR n 
1 128 ASP n 
1 129 GLN n 
1 130 ALA n 
1 131 LEU n 
1 132 GLN n 
1 133 GLN n 
1 134 ALA n 
1 135 VAL n 
1 136 VAL n 
1 137 ASP n 
1 138 ASP n 
1 139 ASP n 
1 140 ALA n 
1 141 ASN n 
1 142 ASN n 
1 143 ALA n 
1 144 LYS n 
1 145 ALA n 
1 146 VAL n 
1 147 VAL n 
1 148 LYS n 
1 149 THR n 
1 150 PHE n 
1 151 HIS n 
1 152 GLU n 
1 153 THR n 
1 154 LEU n 
1 155 ASP n 
1 156 CYS n 
1 157 CYS n 
1 158 GLY n 
1 159 SER n 
1 160 SER n 
1 161 THR n 
1 162 LEU n 
1 163 THR n 
1 164 ALA n 
1 165 LEU n 
1 166 THR n 
1 167 THR n 
1 168 SER n 
1 169 VAL n 
1 170 LEU n 
1 171 LYS n 
1 172 ASN n 
1 173 ASN n 
1 174 LEU n 
1 175 CYS n 
1 176 PRO n 
1 177 SER n 
1 178 GLY n 
1 179 SER n 
1 180 ASN n 
1 181 ILE n 
1 182 ILE n 
1 183 SER n 
1 184 ASN n 
1 185 LEU n 
1 186 PHE n 
1 187 LYS n 
1 188 GLU n 
1 189 ASP n 
1 190 CYS n 
1 191 HIS n 
1 192 GLN n 
1 193 LYS n 
1 194 ILE n 
1 195 ASP n 
1 196 ASP n 
1 197 LEU n 
1 198 PHE n 
1 199 SER n 
1 200 GLY n 
1 201 LYS n 
1 202 LEU n 
1 203 TYR n 
1 204 LEU n 
1 205 ILE n 
1 206 GLY n 
1 207 ILE n 
1 208 ALA n 
1 209 ALA n 
1 210 ILE n 
1 211 VAL n 
1 212 VAL n 
1 213 ALA n 
1 214 VAL n 
1 215 ILE n 
1 216 MET n 
1 217 ILE n 
1 218 PHE n 
1 219 GLU n 
1 220 MET n 
1 221 ILE n 
1 222 LEU n 
1 223 SER n 
1 224 MET n 
1 225 VAL n 
1 226 LEU n 
1 227 SER n 
1 228 SER n 
1 229 GLY n 
1 230 ILE n 
1 231 ARG n 
1 232 ASN n 
1 233 SER n 
1 234 SER n 
1 235 VAL n 
1 236 TYR n 
1 237 VAL n 
1 238 PRO n 
1 239 HIS n 
1 240 HIS n 
1 241 HIS n 
1 242 HIS n 
1 243 HIS n 
1 244 HIS n 
1 245 HIS n 
1 246 HIS n 
# 
_entity_src_gen.entity_id                          1 
_entity_src_gen.pdbx_src_id                        1 
_entity_src_gen.pdbx_alt_source_flag               sample 
_entity_src_gen.pdbx_seq_type                      'Biological sequence' 
_entity_src_gen.pdbx_beg_seq_num                   1 
_entity_src_gen.pdbx_end_seq_num                   246 
_entity_src_gen.gene_src_common_name               Human 
_entity_src_gen.gene_src_genus                     ? 
_entity_src_gen.pdbx_gene_src_gene                 'CD81, TAPA1, TSPAN28' 
_entity_src_gen.gene_src_species                   ? 
_entity_src_gen.gene_src_strain                    ? 
_entity_src_gen.gene_src_tissue                    ? 
_entity_src_gen.gene_src_tissue_fraction           ? 
_entity_src_gen.gene_src_details                   ? 
_entity_src_gen.pdbx_gene_src_fragment             ? 
_entity_src_gen.pdbx_gene_src_scientific_name      'Homo sapiens' 
_entity_src_gen.pdbx_gene_src_ncbi_taxonomy_id     9606 
_entity_src_gen.pdbx_gene_src_variant              ? 
_entity_src_gen.pdbx_gene_src_cell_line            ? 
_entity_src_gen.pdbx_gene_src_atcc                 ? 
_entity_src_gen.pdbx_gene_src_organ                ? 
_entity_src_gen.pdbx_gene_src_organelle            ? 
_entity_src_gen.pdbx_gene_src_cell                 ? 
_entity_src_gen.pdbx_gene_src_cellular_location    ? 
_entity_src_gen.host_org_common_name               ? 
_entity_src_gen.pdbx_host_org_scientific_name      'Spodoptera frugiperda' 
_entity_src_gen.pdbx_host_org_ncbi_taxonomy_id     7108 
_entity_src_gen.host_org_genus                     ? 
_entity_src_gen.pdbx_host_org_gene                 ? 
_entity_src_gen.pdbx_host_org_organ                ? 
_entity_src_gen.host_org_species                   ? 
_entity_src_gen.pdbx_host_org_tissue               ? 
_entity_src_gen.pdbx_host_org_tissue_fraction      ? 
_entity_src_gen.pdbx_host_org_strain               ? 
_entity_src_gen.pdbx_host_org_variant              ? 
_entity_src_gen.pdbx_host_org_cell_line            ? 
_entity_src_gen.pdbx_host_org_atcc                 ? 
_entity_src_gen.pdbx_host_org_culture_collection   ? 
_entity_src_gen.pdbx_host_org_cell                 ? 
_entity_src_gen.pdbx_host_org_organelle            ? 
_entity_src_gen.pdbx_host_org_cellular_location    ? 
_entity_src_gen.pdbx_host_org_vector_type          ? 
_entity_src_gen.pdbx_host_org_vector               ? 
_entity_src_gen.host_org_details                   ? 
_entity_src_gen.expression_system_id               ? 
_entity_src_gen.plasmid_name                       ? 
_entity_src_gen.plasmid_details                    ? 
_entity_src_gen.pdbx_description                   ? 
# 
_struct_ref.id                         1 
_struct_ref.db_name                    UNP 
_struct_ref.db_code                    CD81_HUMAN 
_struct_ref.pdbx_db_accession          P60033 
_struct_ref.pdbx_db_isoform            ? 
_struct_ref.entity_id                  1 
_struct_ref.pdbx_seq_one_letter_code   
;GVEGCTKCIKYLLFVFNFVFWLAGGVILGVALWLRHDPQTTNLLYLELGDKPAPNTFYVGIYILIAVGAVMMFVGFLGCY
GAIQESQCLLGTFFTCLVILFACEVAAGIWGFVNKDQIAKDVKQFYDQALQQAVVDDDANNAKAVVKTFHETLDCCGSST
LTALTTSVLKNNLCPSGSNIISNLFKEDCHQKIDDLFSGKLYLIGIAAIVVAVIMIFEMILSMVLCCGIRNSSVY
;
_struct_ref.pdbx_align_begin           2 
# 
_struct_ref_seq.align_id                      1 
_struct_ref_seq.ref_id                        1 
_struct_ref_seq.pdbx_PDB_id_code              5TCX 
_struct_ref_seq.pdbx_strand_id                A 
_struct_ref_seq.seq_align_beg                 2 
_struct_ref_seq.pdbx_seq_align_beg_ins_code   ? 
_struct_ref_seq.seq_align_end                 236 
_struct_ref_seq.pdbx_seq_align_end_ins_code   ? 
_struct_ref_seq.pdbx_db_accession             P60033 
_struct_ref_seq.db_align_beg                  2 
_struct_ref_seq.pdbx_db_align_beg_ins_code    ? 
_struct_ref_seq.db_align_end                  236 
_struct_ref_seq.pdbx_db_align_end_ins_code    ? 
_struct_ref_seq.pdbx_auth_seq_align_beg       2 
_struct_ref_seq.pdbx_auth_seq_align_end       236 
# 
loop_
_struct_ref_seq_dif.align_id 
_struct_ref_seq_dif.pdbx_pdb_id_code 
_struct_ref_seq_dif.mon_id 
_struct_ref_seq_dif.pdbx_pdb_strand_id 
_struct_ref_seq_dif.seq_num 
_struct_ref_seq_dif.pdbx_pdb_ins_code 
_struct_ref_seq_dif.pdbx_seq_db_name 
_struct_ref_seq_dif.pdbx_seq_db_accession_code 
_struct_ref_seq_dif.db_mon_id 
_struct_ref_seq_dif.pdbx_seq_db_seq_num 
_struct_ref_seq_dif.details 
_struct_ref_seq_dif.pdbx_auth_seq_num 
_struct_ref_seq_dif.pdbx_ordinal 
1 5TCX ARG A 1   ? UNP P60033 ?   ?   'expression tag'      1   1  
1 5TCX SER A 6   ? UNP P60033 CYS 6   'engineered mutation' 6   2  
1 5TCX SER A 9   ? UNP P60033 CYS 9   'engineered mutation' 9   3  
1 5TCX SER A 227 ? UNP P60033 CYS 227 'engineered mutation' 227 4  
1 5TCX SER A 228 ? UNP P60033 CYS 228 'engineered mutation' 228 5  
1 5TCX VAL A 237 ? UNP P60033 ?   ?   'expression tag'      237 6  
1 5TCX PRO A 238 ? UNP P60033 ?   ?   'expression tag'      238 7  
1 5TCX HIS A 239 ? UNP P60033 ?   ?   'expression tag'      239 8  
1 5TCX HIS A 240 ? UNP P60033 ?   ?   'expression tag'      240 9  
1 5TCX HIS A 241 ? UNP P60033 ?   ?   'expression tag'      241 10 
1 5TCX HIS A 242 ? UNP P60033 ?   ?   'expression tag'      242 11 
1 5TCX HIS A 243 ? UNP P60033 ?   ?   'expression tag'      243 12 
1 5TCX HIS A 244 ? UNP P60033 ?   ?   'expression tag'      244 13 
1 5TCX HIS A 245 ? UNP P60033 ?   ?   'expression tag'      245 14 
1 5TCX HIS A 246 ? UNP P60033 ?   ?   'expression tag'      246 15 
# 
loop_
_chem_comp.id 
_chem_comp.type 
_chem_comp.mon_nstd_flag 
_chem_comp.name 
_chem_comp.pdbx_synonyms 
_chem_comp.formula 
_chem_comp.formula_weight 
ALA 'L-peptide linking' y ALANINE                             ?                    'C3 H7 N O2'     89.093  
ARG 'L-peptide linking' y ARGININE                            ?                    'C6 H15 N4 O2 1' 175.209 
ASN 'L-peptide linking' y ASPARAGINE                          ?                    'C4 H8 N2 O3'    132.118 
ASP 'L-peptide linking' y 'ASPARTIC ACID'                     ?                    'C4 H7 N O4'     133.103 
CLR non-polymer         . CHOLESTEROL                         ?                    'C27 H46 O'      386.654 
CYS 'L-peptide linking' y CYSTEINE                            ?                    'C3 H7 N O2 S'   121.158 
GLN 'L-peptide linking' y GLUTAMINE                           ?                    'C5 H10 N2 O3'   146.144 
GLU 'L-peptide linking' y 'GLUTAMIC ACID'                     ?                    'C5 H9 N O4'     147.129 
GLY 'peptide linking'   y GLYCINE                             ?                    'C2 H5 N O2'     75.067  
HIS 'L-peptide linking' y HISTIDINE                           ?                    'C6 H10 N3 O2 1' 156.162 
HOH non-polymer         . WATER                               ?                    'H2 O'           18.015  
ILE 'L-peptide linking' y ISOLEUCINE                          ?                    'C6 H13 N O2'    131.173 
LEU 'L-peptide linking' y LEUCINE                             ?                    'C6 H13 N O2'    131.173 
LYS 'L-peptide linking' y LYSINE                              ?                    'C6 H15 N2 O2 1' 147.195 
MET 'L-peptide linking' y METHIONINE                          ?                    'C5 H11 N O2 S'  149.211 
PHE 'L-peptide linking' y PHENYLALANINE                       ?                    'C9 H11 N O2'    165.189 
PRO 'L-peptide linking' y PROLINE                             ?                    'C5 H9 N O2'     115.130 
SER 'L-peptide linking' y SERINE                              ?                    'C3 H7 N O3'     105.093 
THR 'L-peptide linking' y THREONINE                           ?                    'C4 H9 N O3'     119.119 
TRP 'L-peptide linking' y TRYPTOPHAN                          ?                    'C11 H12 N2 O2'  204.225 
TYR 'L-peptide linking' y TYROSINE                            ?                    'C9 H11 N O3'    181.189 
VAL 'L-peptide linking' y VALINE                              ?                    'C5 H11 N O2'    117.146 
YCM 'L-peptide linking' n 'S-(2-AMINO-2-OXOETHYL)-L-CYSTEINE' CYSTEINE-S-ACETAMIDE 'C5 H10 N2 O3 S' 178.209 
# 
_exptl.absorpt_coefficient_mu     ? 
_exptl.absorpt_correction_T_max   ? 
_exptl.absorpt_correction_T_min   ? 
_exptl.absorpt_correction_type    ? 
_exptl.absorpt_process_details    ? 
_exptl.entry_id                   5TCX 
_exptl.crystals_number            1 
_exptl.details                    ? 
_exptl.method                     'X-RAY DIFFRACTION' 
_exptl.method_details             ? 
# 
_exptl_crystal.colour                      ? 
_exptl_crystal.density_diffrn              ? 
_exptl_crystal.density_Matthews            3.94 
_exptl_crystal.density_method              ? 
_exptl_crystal.density_percent_sol         68.81 
_exptl_crystal.description                 ? 
_exptl_crystal.F_000                       ? 
_exptl_crystal.id                          1 
_exptl_crystal.preparation                 ? 
_exptl_crystal.size_max                    ? 
_exptl_crystal.size_mid                    ? 
_exptl_crystal.size_min                    ? 
_exptl_crystal.size_rad                    ? 
_exptl_crystal.colour_lustre               ? 
_exptl_crystal.colour_modifier             ? 
_exptl_crystal.colour_primary              ? 
_exptl_crystal.density_meas                ? 
_exptl_crystal.density_meas_esd            ? 
_exptl_crystal.density_meas_gt             ? 
_exptl_crystal.density_meas_lt             ? 
_exptl_crystal.density_meas_temp           ? 
_exptl_crystal.density_meas_temp_esd       ? 
_exptl_crystal.density_meas_temp_gt        ? 
_exptl_crystal.density_meas_temp_lt        ? 
_exptl_crystal.pdbx_crystal_image_url      ? 
_exptl_crystal.pdbx_crystal_image_format   ? 
_exptl_crystal.pdbx_mosaicity              ? 
_exptl_crystal.pdbx_mosaicity_esd          ? 
# 
_exptl_crystal_grow.apparatus       ? 
_exptl_crystal_grow.atmosphere      ? 
_exptl_crystal_grow.crystal_id      1 
_exptl_crystal_grow.details         ? 
_exptl_crystal_grow.method          'LIPIDIC CUBIC PHASE' 
_exptl_crystal_grow.method_ref      ? 
_exptl_crystal_grow.pH              8.0 
_exptl_crystal_grow.pressure        ? 
_exptl_crystal_grow.pressure_esd    ? 
_exptl_crystal_grow.seeding         ? 
_exptl_crystal_grow.seeding_ref     ? 
_exptl_crystal_grow.temp            291 
_exptl_crystal_grow.temp_details    ? 
_exptl_crystal_grow.temp_esd        ? 
_exptl_crystal_grow.time            ? 
_exptl_crystal_grow.pdbx_details    '25-35% PEG300, Ammonium citrate dibasic, Tris' 
_exptl_crystal_grow.pdbx_pH_range   7.6-8.2 
# 
_diffrn.ambient_environment    ? 
_diffrn.ambient_temp           77 
_diffrn.ambient_temp_details   ? 
_diffrn.ambient_temp_esd       ? 
_diffrn.crystal_id             1 
_diffrn.crystal_support        ? 
_diffrn.crystal_treatment      ? 
_diffrn.details                ? 
_diffrn.id                     1 
_diffrn.ambient_pressure       ? 
_diffrn.ambient_pressure_esd   ? 
_diffrn.ambient_pressure_gt    ? 
_diffrn.ambient_pressure_lt    ? 
_diffrn.ambient_temp_gt        ? 
_diffrn.ambient_temp_lt        ? 
# 
_diffrn_detector.details                      ? 
_diffrn_detector.detector                     CCD 
_diffrn_detector.diffrn_id                    1 
_diffrn_detector.type                         'MARMOSAIC 300 mm CCD' 
_diffrn_detector.area_resol_mean              ? 
_diffrn_detector.dtime                        ? 
_diffrn_detector.pdbx_frames_total            ? 
_diffrn_detector.pdbx_collection_time_total   ? 
_diffrn_detector.pdbx_collection_date         2015-10-26 
# 
_diffrn_radiation.collimation                      ? 
_diffrn_radiation.diffrn_id                        1 
_diffrn_radiation.filter_edge                      ? 
_diffrn_radiation.inhomogeneity                    ? 
_diffrn_radiation.monochromator                    'Si(111)' 
_diffrn_radiation.polarisn_norm                    ? 
_diffrn_radiation.polarisn_ratio                   ? 
_diffrn_radiation.probe                            ? 
_diffrn_radiation.type                             ? 
_diffrn_radiation.xray_symbol                      ? 
_diffrn_radiation.wavelength_id                    1 
_diffrn_radiation.pdbx_monochromatic_or_laue_m_l   M 
_diffrn_radiation.pdbx_wavelength_list             ? 
_diffrn_radiation.pdbx_wavelength                  ? 
_diffrn_radiation.pdbx_diffrn_protocol             'SINGLE WAVELENGTH' 
_diffrn_radiation.pdbx_analyzer                    ? 
_diffrn_radiation.pdbx_scattering_type             x-ray 
# 
_diffrn_radiation_wavelength.id           1 
_diffrn_radiation_wavelength.wavelength   1.033 
_diffrn_radiation_wavelength.wt           1.0 
# 
_diffrn_source.current                     ? 
_diffrn_source.details                     ? 
_diffrn_source.diffrn_id                   1 
_diffrn_source.power                       ? 
_diffrn_source.size                        ? 
_diffrn_source.source                      SYNCHROTRON 
_diffrn_source.target                      ? 
_diffrn_source.type                        'APS BEAMLINE 23-ID-D' 
_diffrn_source.voltage                     ? 
_diffrn_source.take-off_angle              ? 
_diffrn_source.pdbx_wavelength_list        1.033 
_diffrn_source.pdbx_wavelength             ? 
_diffrn_source.pdbx_synchrotron_beamline   23-ID-D 
_diffrn_source.pdbx_synchrotron_site       APS 
# 
_reflns.B_iso_Wilson_estimate            ? 
_reflns.entry_id                         5TCX 
_reflns.data_reduction_details           ? 
_reflns.data_reduction_method            ? 
_reflns.d_resolution_high                2.95 
_reflns.d_resolution_low                 36.755 
_reflns.details                          ? 
_reflns.limit_h_max                      ? 
_reflns.limit_h_min                      ? 
_reflns.limit_k_max                      ? 
_reflns.limit_k_min                      ? 
_reflns.limit_l_max                      ? 
_reflns.limit_l_min                      ? 
_reflns.number_all                       ? 
_reflns.number_obs                       5006 
_reflns.observed_criterion               ? 
_reflns.observed_criterion_F_max         ? 
_reflns.observed_criterion_F_min         ? 
_reflns.observed_criterion_I_max         ? 
_reflns.observed_criterion_I_min         ? 
_reflns.observed_criterion_sigma_F       ? 
_reflns.observed_criterion_sigma_I       ? 
_reflns.percent_possible_obs             98.6 
_reflns.R_free_details                   ? 
_reflns.Rmerge_F_all                     ? 
_reflns.Rmerge_F_obs                     ? 
_reflns.Friedel_coverage                 ? 
_reflns.number_gt                        ? 
_reflns.threshold_expression             ? 
_reflns.pdbx_redundancy                  4.9 
_reflns.pdbx_Rmerge_I_obs                0.18 
_reflns.pdbx_Rmerge_I_all                ? 
_reflns.pdbx_Rsym_value                  ? 
_reflns.pdbx_netI_over_av_sigmaI         5.9 
_reflns.pdbx_netI_over_sigmaI            3.5 
_reflns.pdbx_res_netI_over_av_sigmaI_2   ? 
_reflns.pdbx_res_netI_over_sigmaI_2      ? 
_reflns.pdbx_chi_squared                 ? 
_reflns.pdbx_scaling_rejects             ? 
_reflns.pdbx_d_res_high_opt              ? 
_reflns.pdbx_d_res_low_opt               ? 
_reflns.pdbx_d_res_opt_method            ? 
_reflns.phase_calculation_details        ? 
_reflns.pdbx_Rrim_I_all                  ? 
_reflns.pdbx_Rpim_I_all                  ? 
_reflns.pdbx_d_opt                       ? 
_reflns.pdbx_number_measured_all         ? 
_reflns.pdbx_diffrn_id                   1 
_reflns.pdbx_ordinal                     1 
_reflns.pdbx_CC_half                     0.998 
_reflns.pdbx_R_split                     ? 
# 
_reflns_shell.d_res_high                  2.95 
_reflns_shell.d_res_low                   3.03 
_reflns_shell.meanI_over_sigI_all         ? 
_reflns_shell.meanI_over_sigI_obs         0.3 
_reflns_shell.number_measured_all         ? 
_reflns_shell.number_measured_obs         ? 
_reflns_shell.number_possible             ? 
_reflns_shell.number_unique_all           ? 
_reflns_shell.number_unique_obs           ? 
_reflns_shell.percent_possible_all        95.5 
_reflns_shell.percent_possible_obs        ? 
_reflns_shell.Rmerge_F_all                ? 
_reflns_shell.Rmerge_F_obs                ? 
_reflns_shell.Rmerge_I_all                ? 
_reflns_shell.Rmerge_I_obs                ? 
_reflns_shell.meanI_over_sigI_gt          ? 
_reflns_shell.meanI_over_uI_all           ? 
_reflns_shell.meanI_over_uI_gt            ? 
_reflns_shell.number_measured_gt          ? 
_reflns_shell.number_unique_gt            ? 
_reflns_shell.percent_possible_gt         ? 
_reflns_shell.Rmerge_F_gt                 ? 
_reflns_shell.Rmerge_I_gt                 ? 
_reflns_shell.pdbx_redundancy             3.2 
_reflns_shell.pdbx_Rsym_value             ? 
_reflns_shell.pdbx_chi_squared            ? 
_reflns_shell.pdbx_netI_over_sigmaI_all   ? 
_reflns_shell.pdbx_netI_over_sigmaI_obs   ? 
_reflns_shell.pdbx_Rrim_I_all             ? 
_reflns_shell.pdbx_Rpim_I_all             ? 
_reflns_shell.pdbx_rejects                ? 
_reflns_shell.pdbx_ordinal                1 
_reflns_shell.pdbx_diffrn_id              1 
_reflns_shell.pdbx_CC_half                ? 
_reflns_shell.pdbx_R_split                ? 
# 
_refine.aniso_B[1][1]                            ? 
_refine.aniso_B[1][2]                            ? 
_refine.aniso_B[1][3]                            ? 
_refine.aniso_B[2][2]                            ? 
_refine.aniso_B[2][3]                            ? 
_refine.aniso_B[3][3]                            ? 
_refine.B_iso_max                                ? 
_refine.B_iso_mean                               ? 
_refine.B_iso_min                                ? 
_refine.correlation_coeff_Fo_to_Fc               ? 
_refine.correlation_coeff_Fo_to_Fc_free          ? 
_refine.details                                  ? 
_refine.diff_density_max                         ? 
_refine.diff_density_max_esd                     ? 
_refine.diff_density_min                         ? 
_refine.diff_density_min_esd                     ? 
_refine.diff_density_rms                         ? 
_refine.diff_density_rms_esd                     ? 
_refine.entry_id                                 5TCX 
_refine.pdbx_refine_id                           'X-RAY DIFFRACTION' 
_refine.ls_abs_structure_details                 ? 
_refine.ls_abs_structure_Flack                   ? 
_refine.ls_abs_structure_Flack_esd               ? 
_refine.ls_abs_structure_Rogers                  ? 
_refine.ls_abs_structure_Rogers_esd              ? 
_refine.ls_d_res_high                            2.955 
_refine.ls_d_res_low                             36.755 
_refine.ls_extinction_coef                       ? 
_refine.ls_extinction_coef_esd                   ? 
_refine.ls_extinction_expression                 ? 
_refine.ls_extinction_method                     ? 
_refine.ls_goodness_of_fit_all                   ? 
_refine.ls_goodness_of_fit_all_esd               ? 
_refine.ls_goodness_of_fit_obs                   ? 
_refine.ls_goodness_of_fit_obs_esd               ? 
_refine.ls_hydrogen_treatment                    ? 
_refine.ls_matrix_type                           ? 
_refine.ls_number_constraints                    ? 
_refine.ls_number_parameters                     ? 
_refine.ls_number_reflns_all                     ? 
_refine.ls_number_reflns_obs                     5006 
_refine.ls_number_reflns_R_free                  533 
_refine.ls_number_reflns_R_work                  ? 
_refine.ls_number_restraints                     ? 
_refine.ls_percent_reflns_obs                    55.70 
_refine.ls_percent_reflns_R_free                 10.65 
_refine.ls_R_factor_all                          ? 
_refine.ls_R_factor_obs                          0.2695 
_refine.ls_R_factor_R_free                       0.2935 
_refine.ls_R_factor_R_free_error                 ? 
_refine.ls_R_factor_R_free_error_details         ? 
_refine.ls_R_factor_R_work                       0.2668 
_refine.ls_R_Fsqd_factor_obs                     ? 
_refine.ls_R_I_factor_obs                        ? 
_refine.ls_redundancy_reflns_all                 ? 
_refine.ls_redundancy_reflns_obs                 ? 
_refine.ls_restrained_S_all                      ? 
_refine.ls_restrained_S_obs                      ? 
_refine.ls_shift_over_esd_max                    ? 
_refine.ls_shift_over_esd_mean                   ? 
_refine.ls_structure_factor_coef                 ? 
_refine.ls_weighting_details                     ? 
_refine.ls_weighting_scheme                      ? 
_refine.ls_wR_factor_all                         ? 
_refine.ls_wR_factor_obs                         ? 
_refine.ls_wR_factor_R_free                      ? 
_refine.ls_wR_factor_R_work                      ? 
_refine.occupancy_max                            ? 
_refine.occupancy_min                            ? 
_refine.solvent_model_details                    ? 
_refine.solvent_model_param_bsol                 ? 
_refine.solvent_model_param_ksol                 ? 
_refine.ls_R_factor_gt                           ? 
_refine.ls_goodness_of_fit_gt                    ? 
_refine.ls_goodness_of_fit_ref                   ? 
_refine.ls_shift_over_su_max                     ? 
_refine.ls_shift_over_su_max_lt                  ? 
_refine.ls_shift_over_su_mean                    ? 
_refine.ls_shift_over_su_mean_lt                 ? 
_refine.pdbx_ls_sigma_I                          ? 
_refine.pdbx_ls_sigma_F                          1.36 
_refine.pdbx_ls_sigma_Fsqd                       ? 
_refine.pdbx_data_cutoff_high_absF               ? 
_refine.pdbx_data_cutoff_high_rms_absF           ? 
_refine.pdbx_data_cutoff_low_absF                ? 
_refine.pdbx_isotropic_thermal_model             ? 
_refine.pdbx_ls_cross_valid_method               'FREE R-VALUE' 
_refine.pdbx_method_to_determine_struct          'MOLECULAR REPLACEMENT' 
_refine.pdbx_starting_model                      1G8Q 
_refine.pdbx_stereochemistry_target_values       ? 
_refine.pdbx_R_Free_selection_details            'Random selection' 
_refine.pdbx_stereochem_target_val_spec_case     ? 
_refine.pdbx_overall_ESU_R                       ? 
_refine.pdbx_overall_ESU_R_Free                  ? 
_refine.pdbx_solvent_vdw_probe_radii             1.11 
_refine.pdbx_solvent_ion_probe_radii             ? 
_refine.pdbx_solvent_shrinkage_radii             0.90 
_refine.pdbx_real_space_R                        ? 
_refine.pdbx_density_correlation                 ? 
_refine.pdbx_pd_number_of_powder_patterns        ? 
_refine.pdbx_pd_number_of_points                 ? 
_refine.pdbx_pd_meas_number_of_points            ? 
_refine.pdbx_pd_proc_ls_prof_R_factor            ? 
_refine.pdbx_pd_proc_ls_prof_wR_factor           ? 
_refine.pdbx_pd_Marquardt_correlation_coeff      ? 
_refine.pdbx_pd_Fsqrd_R_factor                   ? 
_refine.pdbx_pd_ls_matrix_band_width             ? 
_refine.pdbx_overall_phase_error                 36.53 
_refine.pdbx_overall_SU_R_free_Cruickshank_DPI   ? 
_refine.pdbx_overall_SU_R_free_Blow_DPI          ? 
_refine.pdbx_overall_SU_R_Blow_DPI               ? 
_refine.pdbx_TLS_residual_ADP_flag               ? 
_refine.pdbx_diffrn_id                           1 
_refine.overall_SU_B                             ? 
_refine.overall_SU_ML                            0.41 
_refine.overall_SU_R_Cruickshank_DPI             ? 
_refine.overall_SU_R_free                        ? 
_refine.overall_FOM_free_R_set                   ? 
_refine.overall_FOM_work_R_set                   ? 
_refine.pdbx_average_fsc_overall                 ? 
_refine.pdbx_average_fsc_work                    ? 
_refine.pdbx_average_fsc_free                    ? 
# 
_refine_hist.pdbx_refine_id                   'X-RAY DIFFRACTION' 
_refine_hist.cycle_id                         LAST 
_refine_hist.pdbx_number_atoms_protein        1597 
_refine_hist.pdbx_number_atoms_nucleic_acid   0 
_refine_hist.pdbx_number_atoms_ligand         28 
_refine_hist.number_atoms_solvent             3 
_refine_hist.number_atoms_total               1628 
_refine_hist.d_res_high                       2.955 
_refine_hist.d_res_low                        36.755 
# 
loop_
_refine_ls_restr.pdbx_refine_id 
_refine_ls_restr.criterion 
_refine_ls_restr.dev_ideal 
_refine_ls_restr.dev_ideal_target 
_refine_ls_restr.number 
_refine_ls_restr.rejects 
_refine_ls_restr.type 
_refine_ls_restr.weight 
_refine_ls_restr.pdbx_restraint_function 
'X-RAY DIFFRACTION' ? 0.002 ? 1664 ? f_bond_d           ? ? 
'X-RAY DIFFRACTION' ? 0.589 ? 2258 ? f_angle_d          ? ? 
'X-RAY DIFFRACTION' ? 9.466 ? 962  ? f_dihedral_angle_d ? ? 
'X-RAY DIFFRACTION' ? 0.034 ? 274  ? f_chiral_restr     ? ? 
'X-RAY DIFFRACTION' ? 0.001 ? 269  ? f_plane_restr      ? ? 
# 
loop_
_refine_ls_shell.pdbx_refine_id 
_refine_ls_shell.d_res_high 
_refine_ls_shell.d_res_low 
_refine_ls_shell.number_reflns_all 
_refine_ls_shell.number_reflns_obs 
_refine_ls_shell.number_reflns_R_free 
_refine_ls_shell.number_reflns_R_work 
_refine_ls_shell.percent_reflns_obs 
_refine_ls_shell.percent_reflns_R_free 
_refine_ls_shell.R_factor_all 
_refine_ls_shell.R_factor_obs 
_refine_ls_shell.R_factor_R_free 
_refine_ls_shell.R_factor_R_free_error 
_refine_ls_shell.R_factor_R_work 
_refine_ls_shell.redundancy_reflns_all 
_refine_ls_shell.redundancy_reflns_obs 
_refine_ls_shell.wR_factor_all 
_refine_ls_shell.wR_factor_obs 
_refine_ls_shell.wR_factor_R_free 
_refine_ls_shell.wR_factor_R_work 
_refine_ls_shell.pdbx_total_number_of_bins_used 
_refine_ls_shell.pdbx_phase_error 
_refine_ls_shell.pdbx_fsc_work 
_refine_ls_shell.pdbx_fsc_free 
'X-RAY DIFFRACTION' 2.9547 3.2519  . . 44  410  20.00 . . . 0.3621 . 0.3636 . . . . . . . . . . 
'X-RAY DIFFRACTION' 3.2519 3.7221  . . 100 795  40.00 . . . 0.3528 . 0.3211 . . . . . . . . . . 
'X-RAY DIFFRACTION' 3.7221 4.6879  . . 159 1304 65.00 . . . 0.2984 . 0.2628 . . . . . . . . . . 
'X-RAY DIFFRACTION' 4.6879 36.7578 . . 230 1964 96.00 . . . 0.2773 . 0.2542 . . . . . . . . . . 
# 
_struct.entry_id                     5TCX 
_struct.title                        'Crystal structure of human tetraspanin CD81' 
_struct.pdbx_model_details           ? 
_struct.pdbx_formula_weight          ? 
_struct.pdbx_formula_weight_method   ? 
_struct.pdbx_model_type_details      ? 
_struct.pdbx_CASP_flag               N 
# 
_struct_keywords.entry_id        5TCX 
_struct_keywords.text            'tetraspanin, transmembrane, cholesterol, CELL INVASION' 
_struct_keywords.pdbx_keywords   'CELL INVASION' 
# 
loop_
_struct_asym.id 
_struct_asym.pdbx_blank_PDB_chainid_flag 
_struct_asym.pdbx_modified 
_struct_asym.entity_id 
_struct_asym.details 
A N N 1 ? 
B N N 2 ? 
C N N 3 ? 
# 
loop_
_struct_conf.conf_type_id 
_struct_conf.id 
_struct_conf.pdbx_PDB_helix_id 
_struct_conf.beg_label_comp_id 
_struct_conf.beg_label_asym_id 
_struct_conf.beg_label_seq_id 
_struct_conf.pdbx_beg_PDB_ins_code 
_struct_conf.end_label_comp_id 
_struct_conf.end_label_asym_id 
_struct_conf.end_label_seq_id 
_struct_conf.pdbx_end_PDB_ins_code 
_struct_conf.beg_auth_comp_id 
_struct_conf.beg_auth_asym_id 
_struct_conf.beg_auth_seq_id 
_struct_conf.end_auth_comp_id 
_struct_conf.end_auth_asym_id 
_struct_conf.end_auth_seq_id 
_struct_conf.pdbx_PDB_helix_class 
_struct_conf.details 
_struct_conf.pdbx_PDB_helix_length 
HELX_P HELX_P1  AA1 SER A 9   ? HIS A 37  ? SER A 9   HIS A 37  1 ? 29 
HELX_P HELX_P2  AA2 ASN A 56  ? TYR A 81  ? ASN A 56  TYR A 81  1 ? 26 
HELX_P HELX_P3  AA3 GLY A 82  ? GLN A 85  ? GLY A 82  GLN A 85  5 ? 4  
HELX_P HELX_P4  AA4 YCM A 89  ? ASN A 115 ? YCM A 89  ASN A 115 1 ? 27 
HELX_P HELX_P5  AA5 ASN A 115 ? ASP A 137 ? ASN A 115 ASP A 137 1 ? 23 
HELX_P HELX_P6  AA6 ALA A 140 ? ASP A 155 ? ALA A 140 ASP A 155 1 ? 16 
HELX_P HELX_P7  AA7 SER A 160 ? LEU A 170 ? SER A 160 LEU A 170 1 ? 11 
HELX_P HELX_P8  AA8 ILE A 181 ? LYS A 187 ? ILE A 181 LYS A 187 1 ? 7  
HELX_P HELX_P9  AA9 ASP A 189 ? SER A 199 ? ASP A 189 SER A 199 1 ? 11 
HELX_P HELX_P10 AB1 LYS A 201 ? ARG A 231 ? LYS A 201 ARG A 231 1 ? 31 
# 
_struct_conf_type.id          HELX_P 
_struct_conf_type.criteria    ? 
_struct_conf_type.reference   ? 
# 
loop_
_struct_conn.id 
_struct_conn.conn_type_id 
_struct_conn.pdbx_leaving_atom_flag 
_struct_conn.pdbx_PDB_id 
_struct_conn.ptnr1_label_asym_id 
_struct_conn.ptnr1_label_comp_id 
_struct_conn.ptnr1_label_seq_id 
_struct_conn.ptnr1_label_atom_id 
_struct_conn.pdbx_ptnr1_label_alt_id 
_struct_conn.pdbx_ptnr1_PDB_ins_code 
_struct_conn.pdbx_ptnr1_standard_comp_id 
_struct_conn.ptnr1_symmetry 
_struct_conn.ptnr2_label_asym_id 
_struct_conn.ptnr2_label_comp_id 
_struct_conn.ptnr2_label_seq_id 
_struct_conn.ptnr2_label_atom_id 
_struct_conn.pdbx_ptnr2_label_alt_id 
_struct_conn.pdbx_ptnr2_PDB_ins_code 
_struct_conn.ptnr1_auth_asym_id 
_struct_conn.ptnr1_auth_comp_id 
_struct_conn.ptnr1_auth_seq_id 
_struct_conn.ptnr2_auth_asym_id 
_struct_conn.ptnr2_auth_comp_id 
_struct_conn.ptnr2_auth_seq_id 
_struct_conn.ptnr2_symmetry 
_struct_conn.pdbx_ptnr3_label_atom_id 
_struct_conn.pdbx_ptnr3_label_seq_id 
_struct_conn.pdbx_ptnr3_label_comp_id 
_struct_conn.pdbx_ptnr3_label_asym_id 
_struct_conn.pdbx_ptnr3_label_alt_id 
_struct_conn.pdbx_ptnr3_PDB_ins_code 
_struct_conn.details 
_struct_conn.pdbx_dist_value 
_struct_conn.pdbx_value_order 
_struct_conn.pdbx_role 
disulf1 disulf ?    ? A CYS 156 SG ? ? ? 1_555 A CYS 190 SG ? ? A CYS 156 A CYS 190 1_555 ? ? ? ? ? ? ? 2.027 ? ? 
disulf2 disulf ?    ? A CYS 157 SG ? ? ? 1_555 A CYS 175 SG ? ? A CYS 157 A CYS 175 1_555 ? ? ? ? ? ? ? 2.029 ? ? 
covale1 covale both ? A GLY 79  C  ? ? ? 1_555 A YCM 80  N  ? ? A GLY 79  A YCM 80  1_555 ? ? ? ? ? ? ? 1.329 ? ? 
covale2 covale both ? A YCM 80  C  ? ? ? 1_555 A TYR 81  N  ? ? A YCM 80  A TYR 81  1_555 ? ? ? ? ? ? ? 1.330 ? ? 
covale3 covale both ? A GLN 88  C  ? ? ? 1_555 A YCM 89  N  ? ? A GLN 88  A YCM 89  1_555 ? ? ? ? ? ? ? 1.328 ? ? 
covale4 covale both ? A YCM 89  C  ? ? ? 1_555 A LEU 90  N  ? ? A YCM 89  A LEU 90  1_555 ? ? ? ? ? ? ? 1.330 ? ? 
# 
loop_
_struct_conn_type.id 
_struct_conn_type.criteria 
_struct_conn_type.reference 
disulf ? ? 
covale ? ? 
# 
_struct_site.id                   AC1 
_struct_site.pdbx_evidence_code   Software 
_struct_site.pdbx_auth_asym_id    A 
_struct_site.pdbx_auth_comp_id    CLR 
_struct_site.pdbx_auth_seq_id     301 
_struct_site.pdbx_auth_ins_code   ? 
_struct_site.pdbx_num_residues    10 
_struct_site.details              'binding site for residue CLR A 301' 
# 
loop_
_struct_site_gen.id 
_struct_site_gen.site_id 
_struct_site_gen.pdbx_num_res 
_struct_site_gen.label_comp_id 
_struct_site_gen.label_asym_id 
_struct_site_gen.label_seq_id 
_struct_site_gen.pdbx_auth_ins_code 
_struct_site_gen.auth_comp_id 
_struct_site_gen.auth_asym_id 
_struct_site_gen.auth_seq_id 
_struct_site_gen.label_atom_id 
_struct_site_gen.label_alt_id 
_struct_site_gen.symmetry 
_struct_site_gen.details 
1  AC1 10 ASN A 18  ? ASN A 18  . ? 1_555 ? 
2  AC1 10 PHE A 21  ? PHE A 21  . ? 1_555 ? 
3  AC1 10 VAL A 68  ? VAL A 68  . ? 1_555 ? 
4  AC1 10 VAL A 71  ? VAL A 71  . ? 1_555 ? 
5  AC1 10 MET A 72  ? MET A 72  . ? 1_555 ? 
6  AC1 10 VAL A 75  ? VAL A 75  . ? 1_555 ? 
7  AC1 10 YCM A 89  ? YCM A 89  . ? 2_656 ? 
8  AC1 10 LEU A 101 ? LEU A 101 . ? 1_555 ? 
9  AC1 10 MET A 216 ? MET A 216 . ? 1_555 ? 
10 AC1 10 GLU A 219 ? GLU A 219 . ? 1_555 ? 
# 
_atom_sites.entry_id                    5TCX 
_atom_sites.fract_transf_matrix[1][1]   -0.01005806 
_atom_sites.fract_transf_matrix[1][2]   -0.00083247 
_atom_sites.fract_transf_matrix[1][3]   0.00658748 
_atom_sites.fract_transf_matrix[2][1]   -0.00731557 
_atom_sites.fract_transf_matrix[2][2]   0.00432388 
_atom_sites.fract_transf_matrix[2][3]   -0.01062334 
_atom_sites.fract_transf_matrix[3][1]   -0.01004388 
_atom_sites.fract_transf_matrix[3][2]   -0.01413240 
_atom_sites.fract_transf_matrix[3][3]   0.00116441 
_atom_sites.fract_transf_vector[1]      0.300451 
_atom_sites.fract_transf_vector[2]      0.439455 
_atom_sites.fract_transf_vector[3]      0.249732 
# 
loop_
_atom_type.symbol 
C 
N 
O 
S 
# 
loop_
_atom_site.group_PDB 
_atom_site.id 
_atom_site.type_symbol 
_atom_site.label_atom_id 
_atom_site.label_alt_id 
_atom_site.label_comp_id 
_atom_site.label_asym_id 
_atom_site.label_entity_id 
_atom_site.label_seq_id 
_atom_site.pdbx_PDB_ins_code 
_atom_site.Cartn_x 
_atom_site.Cartn_y 
_atom_site.Cartn_z 
_atom_site.occupancy 
_atom_site.B_iso_or_equiv 
_atom_site.pdbx_formal_charge 
_atom_site.auth_seq_id 
_atom_site.auth_comp_id 
_atom_site.auth_asym_id 
_atom_site.auth_atom_id 
_atom_site.pdbx_PDB_model_num 
ATOM   1    N N   . SER A 1 6   ? -15.181 -32.241 -2.703  1.00 62.91  ? 6   SER A N   1 
ATOM   2    C CA  . SER A 1 6   ? -14.891 -31.612 -3.986  1.00 71.22  ? 6   SER A CA  1 
ATOM   3    C C   . SER A 1 6   ? -13.636 -32.212 -4.613  1.00 87.49  ? 6   SER A C   1 
ATOM   4    O O   . SER A 1 6   ? -12.621 -32.393 -3.941  1.00 94.30  ? 6   SER A O   1 
ATOM   5    C CB  . SER A 1 6   ? -14.732 -30.101 -3.818  1.00 72.23  ? 6   SER A CB  1 
ATOM   6    O OG  . SER A 1 6   ? -15.914 -29.521 -3.294  1.00 63.06  ? 6   SER A OG  1 
ATOM   7    N N   . THR A 1 7   ? -13.710 -32.512 -5.912  1.00 86.41  ? 7   THR A N   1 
ATOM   8    C CA  . THR A 1 7   ? -12.604 -33.180 -6.588  1.00 85.87  ? 7   THR A CA  1 
ATOM   9    C C   . THR A 1 7   ? -11.517 -32.200 -7.014  1.00 102.42 ? 7   THR A C   1 
ATOM   10   O O   . THR A 1 7   ? -10.326 -32.520 -6.933  1.00 98.14  ? 7   THR A O   1 
ATOM   11   C CB  . THR A 1 7   ? -13.119 -33.952 -7.805  1.00 69.44  ? 7   THR A CB  1 
ATOM   12   O OG1 . THR A 1 7   ? -13.852 -33.067 -8.661  1.00 78.14  ? 7   THR A OG1 1 
ATOM   13   C CG2 . THR A 1 7   ? -14.024 -35.097 -7.370  1.00 67.44  ? 7   THR A CG2 1 
ATOM   14   N N   . LYS A 1 8   ? -11.902 -31.009 -7.467  1.00 95.05  ? 8   LYS A N   1 
ATOM   15   C CA  . LYS A 1 8   ? -10.935 -30.068 -8.017  1.00 78.24  ? 8   LYS A CA  1 
ATOM   16   C C   . LYS A 1 8   ? -10.022 -29.525 -6.924  1.00 94.28  ? 8   LYS A C   1 
ATOM   17   O O   . LYS A 1 8   ? -10.490 -29.035 -5.892  1.00 93.18  ? 8   LYS A O   1 
ATOM   18   C CB  . LYS A 1 8   ? -11.654 -28.916 -8.720  1.00 73.27  ? 8   LYS A CB  1 
ATOM   19   C CG  . LYS A 1 8   ? -12.514 -29.325 -9.913  1.00 81.50  ? 8   LYS A CG  1 
ATOM   20   C CD  . LYS A 1 8   ? -11.758 -29.215 -11.234 1.00 79.83  ? 8   LYS A CD  1 
ATOM   21   C CE  . LYS A 1 8   ? -10.881 -30.432 -11.498 1.00 62.74  ? 8   LYS A CE  1 
ATOM   22   N NZ  . LYS A 1 8   ? -10.118 -30.307 -12.770 1.00 56.46  ? 8   LYS A NZ  1 
ATOM   23   N N   . SER A 1 9   ? -8.712  -29.613 -7.157  1.00 107.48 ? 9   SER A N   1 
ATOM   24   C CA  . SER A 1 9   ? -7.736  -29.013 -6.258  1.00 105.12 ? 9   SER A CA  1 
ATOM   25   C C   . SER A 1 9   ? -7.488  -27.541 -6.561  1.00 105.84 ? 9   SER A C   1 
ATOM   26   O O   . SER A 1 9   ? -6.789  -26.875 -5.789  1.00 106.99 ? 9   SER A O   1 
ATOM   27   C CB  . SER A 1 9   ? -6.415  -29.784 -6.322  1.00 95.01  ? 9   SER A CB  1 
ATOM   28   O OG  . SER A 1 9   ? -6.586  -31.121 -5.885  1.00 101.20 ? 9   SER A OG  1 
ATOM   29   N N   . ILE A 1 10  ? -8.037  -27.022 -7.664  1.00 108.41 ? 10  ILE A N   1 
ATOM   30   C CA  . ILE A 1 10  ? -7.923  -25.596 -7.944  1.00 109.92 ? 10  ILE A CA  1 
ATOM   31   C C   . ILE A 1 10  ? -8.779  -24.794 -6.972  1.00 100.78 ? 10  ILE A C   1 
ATOM   32   O O   . ILE A 1 10  ? -8.432  -23.662 -6.612  1.00 107.39 ? 10  ILE A O   1 
ATOM   33   C CB  . ILE A 1 10  ? -8.293  -25.307 -9.413  1.00 109.03 ? 10  ILE A CB  1 
ATOM   34   C CG1 . ILE A 1 10  ? -8.071  -23.829 -9.749  1.00 116.77 ? 10  ILE A CG1 1 
ATOM   35   C CG2 . ILE A 1 10  ? -9.728  -25.730 -9.708  1.00 68.56  ? 10  ILE A CG2 1 
ATOM   36   C CD1 . ILE A 1 10  ? -8.282  -23.498 -11.211 1.00 78.65  ? 10  ILE A CD1 1 
ATOM   37   N N   . LYS A 1 11  ? -9.904  -25.361 -6.528  1.00 92.08  ? 11  LYS A N   1 
ATOM   38   C CA  . LYS A 1 11  ? -10.658 -24.745 -5.443  1.00 78.05  ? 11  LYS A CA  1 
ATOM   39   C C   . LYS A 1 11  ? -9.847  -24.729 -4.157  1.00 88.15  ? 11  LYS A C   1 
ATOM   40   O O   . LYS A 1 11  ? -9.938  -23.779 -3.372  1.00 95.64  ? 11  LYS A O   1 
ATOM   41   C CB  . LYS A 1 11  ? -11.971 -25.497 -5.225  1.00 87.20  ? 11  LYS A CB  1 
ATOM   42   C CG  . LYS A 1 11  ? -12.757 -25.786 -6.497  1.00 99.95  ? 11  LYS A CG  1 
ATOM   43   C CD  . LYS A 1 11  ? -13.719 -26.948 -6.288  1.00 69.29  ? 11  LYS A CD  1 
ATOM   44   C CE  . LYS A 1 11  ? -14.562 -27.216 -7.526  1.00 67.43  ? 11  LYS A CE  1 
ATOM   45   N NZ  . LYS A 1 11  ? -15.252 -28.535 -7.437  1.00 94.88  ? 11  LYS A NZ  1 
ATOM   46   N N   . TYR A 1 12  ? -9.042  -25.770 -3.935  1.00 98.90  ? 12  TYR A N   1 
ATOM   47   C CA  . TYR A 1 12  ? -8.176  -25.835 -2.767  1.00 90.81  ? 12  TYR A CA  1 
ATOM   48   C C   . TYR A 1 12  ? -7.046  -24.817 -2.831  1.00 89.45  ? 12  TYR A C   1 
ATOM   49   O O   . TYR A 1 12  ? -6.470  -24.482 -1.791  1.00 82.64  ? 12  TYR A O   1 
ATOM   50   C CB  . TYR A 1 12  ? -7.612  -27.254 -2.637  1.00 100.68 ? 12  TYR A CB  1 
ATOM   51   C CG  . TYR A 1 12  ? -7.098  -27.620 -1.262  1.00 112.07 ? 12  TYR A CG  1 
ATOM   52   C CD1 . TYR A 1 12  ? -7.973  -27.823 -0.201  1.00 118.10 ? 12  TYR A CD1 1 
ATOM   53   C CD2 . TYR A 1 12  ? -5.738  -27.782 -1.030  1.00 119.37 ? 12  TYR A CD2 1 
ATOM   54   C CE1 . TYR A 1 12  ? -7.507  -28.164 1.055   1.00 116.45 ? 12  TYR A CE1 1 
ATOM   55   C CE2 . TYR A 1 12  ? -5.264  -28.125 0.224   1.00 117.81 ? 12  TYR A CE2 1 
ATOM   56   C CZ  . TYR A 1 12  ? -6.153  -28.313 1.263   1.00 119.96 ? 12  TYR A CZ  1 
ATOM   57   O OH  . TYR A 1 12  ? -5.688  -28.654 2.513   1.00 127.71 ? 12  TYR A OH  1 
ATOM   58   N N   . LEU A 1 13  ? -6.721  -24.317 -4.026  1.00 98.89  ? 13  LEU A N   1 
ATOM   59   C CA  . LEU A 1 13  ? -5.662  -23.322 -4.158  1.00 101.27 ? 13  LEU A CA  1 
ATOM   60   C C   . LEU A 1 13  ? -6.083  -21.989 -3.551  1.00 96.65  ? 13  LEU A C   1 
ATOM   61   O O   . LEU A 1 13  ? -5.254  -21.270 -2.981  1.00 82.00  ? 13  LEU A O   1 
ATOM   62   C CB  . LEU A 1 13  ? -5.291  -23.155 -5.636  1.00 92.68  ? 13  LEU A CB  1 
ATOM   63   C CG  . LEU A 1 13  ? -4.037  -22.389 -6.078  1.00 96.96  ? 13  LEU A CG  1 
ATOM   64   C CD1 . LEU A 1 13  ? -3.630  -22.828 -7.480  1.00 86.52  ? 13  LEU A CD1 1 
ATOM   65   C CD2 . LEU A 1 13  ? -4.231  -20.874 -6.043  1.00 94.74  ? 13  LEU A CD2 1 
ATOM   66   N N   . LEU A 1 14  ? -7.371  -21.648 -3.658  1.00 97.94  ? 14  LEU A N   1 
ATOM   67   C CA  . LEU A 1 14  ? -7.839  -20.345 -3.199  1.00 68.64  ? 14  LEU A CA  1 
ATOM   68   C C   . LEU A 1 14  ? -7.644  -20.164 -1.700  1.00 72.61  ? 14  LEU A C   1 
ATOM   69   O O   . LEU A 1 14  ? -7.418  -19.040 -1.237  1.00 84.65  ? 14  LEU A O   1 
ATOM   70   C CB  . LEU A 1 14  ? -9.313  -20.158 -3.562  1.00 69.39  ? 14  LEU A CB  1 
ATOM   71   C CG  . LEU A 1 14  ? -9.652  -20.034 -5.046  1.00 82.02  ? 14  LEU A CG  1 
ATOM   72   C CD1 . LEU A 1 14  ? -11.151 -19.873 -5.241  1.00 79.04  ? 14  LEU A CD1 1 
ATOM   73   C CD2 . LEU A 1 14  ? -8.901  -18.868 -5.668  1.00 97.53  ? 14  LEU A CD2 1 
ATOM   74   N N   . PHE A 1 15  ? -7.733  -21.249 -0.929  1.00 76.99  ? 15  PHE A N   1 
ATOM   75   C CA  . PHE A 1 15  ? -7.524  -21.154 0.513   1.00 81.73  ? 15  PHE A CA  1 
ATOM   76   C C   . PHE A 1 15  ? -6.141  -20.604 0.831   1.00 81.81  ? 15  PHE A C   1 
ATOM   77   O O   . PHE A 1 15  ? -5.993  -19.705 1.666   1.00 86.97  ? 15  PHE A O   1 
ATOM   78   C CB  . PHE A 1 15  ? -7.718  -22.525 1.163   1.00 80.08  ? 15  PHE A CB  1 
ATOM   79   C CG  . PHE A 1 15  ? -7.101  -22.642 2.530   1.00 75.80  ? 15  PHE A CG  1 
ATOM   80   C CD1 . PHE A 1 15  ? -7.740  -22.119 3.640   1.00 73.20  ? 15  PHE A CD1 1 
ATOM   81   C CD2 . PHE A 1 15  ? -5.882  -23.279 2.703   1.00 86.49  ? 15  PHE A CD2 1 
ATOM   82   C CE1 . PHE A 1 15  ? -7.176  -22.224 4.897   1.00 74.97  ? 15  PHE A CE1 1 
ATOM   83   C CE2 . PHE A 1 15  ? -5.312  -23.387 3.956   1.00 66.84  ? 15  PHE A CE2 1 
ATOM   84   C CZ  . PHE A 1 15  ? -5.961  -22.858 5.054   1.00 57.41  ? 15  PHE A CZ  1 
ATOM   85   N N   . VAL A 1 16  ? -5.110  -21.135 0.169   1.00 79.47  ? 16  VAL A N   1 
ATOM   86   C CA  . VAL A 1 16  ? -3.749  -20.687 0.437   1.00 76.93  ? 16  VAL A CA  1 
ATOM   87   C C   . VAL A 1 16  ? -3.538  -19.268 -0.078  1.00 65.88  ? 16  VAL A C   1 
ATOM   88   O O   . VAL A 1 16  ? -2.858  -18.456 0.560   1.00 57.16  ? 16  VAL A O   1 
ATOM   89   C CB  . VAL A 1 16  ? -2.737  -21.672 -0.176  1.00 69.87  ? 16  VAL A CB  1 
ATOM   90   C CG1 . VAL A 1 16  ? -1.315  -21.266 0.178   1.00 58.98  ? 16  VAL A CG1 1 
ATOM   91   C CG2 . VAL A 1 16  ? -3.028  -23.090 0.293   1.00 84.13  ? 16  VAL A CG2 1 
ATOM   92   N N   . PHE A 1 17  ? -4.126  -18.943 -1.233  1.00 72.94  ? 17  PHE A N   1 
ATOM   93   C CA  . PHE A 1 17  ? -3.924  -17.622 -1.819  1.00 74.25  ? 17  PHE A CA  1 
ATOM   94   C C   . PHE A 1 17  ? -4.566  -16.532 -0.967  1.00 64.61  ? 17  PHE A C   1 
ATOM   95   O O   . PHE A 1 17  ? -3.964  -15.474 -0.749  1.00 69.45  ? 17  PHE A O   1 
ATOM   96   C CB  . PHE A 1 17  ? -4.477  -17.588 -3.244  1.00 79.82  ? 17  PHE A CB  1 
ATOM   97   C CG  . PHE A 1 17  ? -4.071  -16.369 -4.025  1.00 86.86  ? 17  PHE A CG  1 
ATOM   98   C CD1 . PHE A 1 17  ? -2.873  -16.342 -4.720  1.00 84.38  ? 17  PHE A CD1 1 
ATOM   99   C CD2 . PHE A 1 17  ? -4.888  -15.252 -4.067  1.00 81.02  ? 17  PHE A CD2 1 
ATOM   100  C CE1 . PHE A 1 17  ? -2.496  -15.223 -5.440  1.00 81.69  ? 17  PHE A CE1 1 
ATOM   101  C CE2 . PHE A 1 17  ? -4.517  -14.130 -4.785  1.00 80.94  ? 17  PHE A CE2 1 
ATOM   102  C CZ  . PHE A 1 17  ? -3.320  -14.116 -5.471  1.00 76.73  ? 17  PHE A CZ  1 
ATOM   103  N N   . ASN A 1 18  ? -5.783  -16.769 -0.476  1.00 66.91  ? 18  ASN A N   1 
ATOM   104  C CA  . ASN A 1 18  ? -6.452  -15.770 0.349   1.00 61.46  ? 18  ASN A CA  1 
ATOM   105  C C   . ASN A 1 18  ? -5.933  -15.763 1.782   1.00 58.94  ? 18  ASN A C   1 
ATOM   106  O O   . ASN A 1 18  ? -5.998  -14.726 2.451   1.00 66.13  ? 18  ASN A O   1 
ATOM   107  C CB  . ASN A 1 18  ? -7.964  -15.997 0.339   1.00 58.02  ? 18  ASN A CB  1 
ATOM   108  C CG  . ASN A 1 18  ? -8.618  -15.517 -0.942  1.00 61.76  ? 18  ASN A CG  1 
ATOM   109  O OD1 . ASN A 1 18  ? -8.878  -16.301 -1.855  1.00 69.22  ? 18  ASN A OD1 1 
ATOM   110  N ND2 . ASN A 1 18  ? -8.886  -14.217 -1.017  1.00 66.86  ? 18  ASN A ND2 1 
ATOM   111  N N   . PHE A 1 19  ? -5.422  -16.898 2.270   1.00 55.18  ? 19  PHE A N   1 
ATOM   112  C CA  . PHE A 1 19  ? -4.823  -16.915 3.600   1.00 51.77  ? 19  PHE A CA  1 
ATOM   113  C C   . PHE A 1 19  ? -3.555  -16.075 3.648   1.00 64.94  ? 19  PHE A C   1 
ATOM   114  O O   . PHE A 1 19  ? -3.219  -15.523 4.702   1.00 71.22  ? 19  PHE A O   1 
ATOM   115  C CB  . PHE A 1 19  ? -4.527  -18.351 4.034   1.00 50.76  ? 19  PHE A CB  1 
ATOM   116  C CG  . PHE A 1 19  ? -3.900  -18.459 5.394   1.00 53.75  ? 19  PHE A CG  1 
ATOM   117  C CD1 . PHE A 1 19  ? -4.668  -18.332 6.540   1.00 62.14  ? 19  PHE A CD1 1 
ATOM   118  C CD2 . PHE A 1 19  ? -2.542  -18.695 5.529   1.00 58.07  ? 19  PHE A CD2 1 
ATOM   119  C CE1 . PHE A 1 19  ? -4.093  -18.432 7.792   1.00 62.23  ? 19  PHE A CE1 1 
ATOM   120  C CE2 . PHE A 1 19  ? -1.961  -18.796 6.778   1.00 59.18  ? 19  PHE A CE2 1 
ATOM   121  C CZ  . PHE A 1 19  ? -2.738  -18.665 7.912   1.00 54.45  ? 19  PHE A CZ  1 
ATOM   122  N N   . VAL A 1 20  ? -2.840  -15.971 2.525   1.00 65.95  ? 20  VAL A N   1 
ATOM   123  C CA  . VAL A 1 20  ? -1.694  -15.070 2.457   1.00 57.73  ? 20  VAL A CA  1 
ATOM   124  C C   . VAL A 1 20  ? -2.144  -13.631 2.664   1.00 59.97  ? 20  VAL A C   1 
ATOM   125  O O   . VAL A 1 20  ? -1.520  -12.870 3.414   1.00 52.46  ? 20  VAL A O   1 
ATOM   126  C CB  . VAL A 1 20  ? -0.951  -15.247 1.119   1.00 57.61  ? 20  VAL A CB  1 
ATOM   127  C CG1 . VAL A 1 20  ? 0.062   -14.129 0.921   1.00 61.98  ? 20  VAL A CG1 1 
ATOM   128  C CG2 . VAL A 1 20  ? -0.264  -16.601 1.071   1.00 43.83  ? 20  VAL A CG2 1 
ATOM   129  N N   . PHE A 1 21  ? -3.242  -13.238 2.015   1.00 55.62  ? 21  PHE A N   1 
ATOM   130  C CA  . PHE A 1 21  ? -3.772  -11.891 2.185   1.00 50.02  ? 21  PHE A CA  1 
ATOM   131  C C   . PHE A 1 21  ? -4.494  -11.707 3.514   1.00 62.30  ? 21  PHE A C   1 
ATOM   132  O O   . PHE A 1 21  ? -4.700  -10.564 3.935   1.00 73.33  ? 21  PHE A O   1 
ATOM   133  C CB  . PHE A 1 21  ? -4.712  -11.541 1.030   1.00 48.38  ? 21  PHE A CB  1 
ATOM   134  C CG  . PHE A 1 21  ? -3.998  -11.210 -0.250  1.00 80.29  ? 21  PHE A CG  1 
ATOM   135  C CD1 . PHE A 1 21  ? -3.406  -9.970  -0.425  1.00 93.75  ? 21  PHE A CD1 1 
ATOM   136  C CD2 . PHE A 1 21  ? -3.918  -12.136 -1.277  1.00 79.93  ? 21  PHE A CD2 1 
ATOM   137  C CE1 . PHE A 1 21  ? -2.746  -9.659  -1.599  1.00 77.75  ? 21  PHE A CE1 1 
ATOM   138  C CE2 . PHE A 1 21  ? -3.259  -11.830 -2.455  1.00 92.30  ? 21  PHE A CE2 1 
ATOM   139  C CZ  . PHE A 1 21  ? -2.674  -10.590 -2.615  1.00 99.02  ? 21  PHE A CZ  1 
ATOM   140  N N   . TRP A 1 22  ? -4.884  -12.796 4.181   1.00 61.02  ? 22  TRP A N   1 
ATOM   141  C CA  . TRP A 1 22  ? -5.441  -12.669 5.524   1.00 61.00  ? 22  TRP A CA  1 
ATOM   142  C C   . TRP A 1 22  ? -4.352  -12.309 6.526   1.00 59.96  ? 22  TRP A C   1 
ATOM   143  O O   . TRP A 1 22  ? -4.522  -11.397 7.343   1.00 69.28  ? 22  TRP A O   1 
ATOM   144  C CB  . TRP A 1 22  ? -6.146  -13.963 5.933   1.00 70.10  ? 22  TRP A CB  1 
ATOM   145  C CG  . TRP A 1 22  ? -6.807  -13.874 7.279   1.00 70.82  ? 22  TRP A CG  1 
ATOM   146  C CD1 . TRP A 1 22  ? -7.957  -13.207 7.582   1.00 72.05  ? 22  TRP A CD1 1 
ATOM   147  C CD2 . TRP A 1 22  ? -6.359  -14.475 8.500   1.00 65.19  ? 22  TRP A CD2 1 
ATOM   148  N NE1 . TRP A 1 22  ? -8.253  -13.352 8.915   1.00 72.48  ? 22  TRP A NE1 1 
ATOM   149  C CE2 . TRP A 1 22  ? -7.288  -14.127 9.502   1.00 72.15  ? 22  TRP A CE2 1 
ATOM   150  C CE3 . TRP A 1 22  ? -5.263  -15.273 8.845   1.00 63.53  ? 22  TRP A CE3 1 
ATOM   151  C CZ2 . TRP A 1 22  ? -7.155  -14.548 10.823  1.00 76.09  ? 22  TRP A CZ2 1 
ATOM   152  C CZ3 . TRP A 1 22  ? -5.134  -15.690 10.159  1.00 64.10  ? 22  TRP A CZ3 1 
ATOM   153  C CH2 . TRP A 1 22  ? -6.074  -15.327 11.131  1.00 65.11  ? 22  TRP A CH2 1 
ATOM   154  N N   . LEU A 1 23  ? -3.221  -13.018 6.476   1.00 56.20  ? 23  LEU A N   1 
ATOM   155  C CA  . LEU A 1 23  ? -2.084  -12.652 7.312   1.00 61.43  ? 23  LEU A CA  1 
ATOM   156  C C   . LEU A 1 23  ? -1.506  -11.307 6.893   1.00 65.10  ? 23  LEU A C   1 
ATOM   157  O O   . LEU A 1 23  ? -1.164  -10.481 7.745   1.00 60.80  ? 23  LEU A O   1 
ATOM   158  C CB  . LEU A 1 23  ? -1.011  -13.737 7.253   1.00 60.61  ? 23  LEU A CB  1 
ATOM   159  C CG  . LEU A 1 23  ? -1.327  -15.058 7.954   1.00 66.71  ? 23  LEU A CG  1 
ATOM   160  C CD1 . LEU A 1 23  ? -0.126  -15.988 7.892   1.00 66.82  ? 23  LEU A CD1 1 
ATOM   161  C CD2 . LEU A 1 23  ? -1.742  -14.811 9.395   1.00 75.53  ? 23  LEU A CD2 1 
ATOM   162  N N   . ALA A 1 24  ? -1.386  -11.073 5.583   1.00 58.84  ? 24  ALA A N   1 
ATOM   163  C CA  . ALA A 1 24  ? -0.932  -9.771  5.108   1.00 45.24  ? 24  ALA A CA  1 
ATOM   164  C C   . ALA A 1 24  ? -1.885  -8.668  5.547   1.00 49.22  ? 24  ALA A C   1 
ATOM   165  O O   . ALA A 1 24  ? -1.449  -7.575  5.925   1.00 54.11  ? 24  ALA A O   1 
ATOM   166  C CB  . ALA A 1 24  ? -0.787  -9.782  3.586   1.00 48.64  ? 24  ALA A CB  1 
ATOM   167  N N   . GLY A 1 25  ? -3.191  -8.939  5.512   1.00 58.39  ? 25  GLY A N   1 
ATOM   168  C CA  . GLY A 1 25  ? -4.147  -7.965  6.010   1.00 61.85  ? 25  GLY A CA  1 
ATOM   169  C C   . GLY A 1 25  ? -3.981  -7.694  7.493   1.00 53.43  ? 25  GLY A C   1 
ATOM   170  O O   . GLY A 1 25  ? -4.053  -6.545  7.935   1.00 45.84  ? 25  GLY A O   1 
ATOM   171  N N   . GLY A 1 26  ? -3.751  -8.747  8.278   1.00 51.94  ? 26  GLY A N   1 
ATOM   172  C CA  . GLY A 1 26  ? -3.540  -8.558  9.704   1.00 44.36  ? 26  GLY A CA  1 
ATOM   173  C C   . GLY A 1 26  ? -2.229  -7.861  10.014  1.00 42.75  ? 26  GLY A C   1 
ATOM   174  O O   . GLY A 1 26  ? -2.150  -7.061  10.950  1.00 46.82  ? 26  GLY A O   1 
ATOM   175  N N   . VAL A 1 27  ? -1.185  -8.153  9.237   1.00 45.07  ? 27  VAL A N   1 
ATOM   176  C CA  . VAL A 1 27  ? 0.103   -7.501  9.449   1.00 43.50  ? 27  VAL A CA  1 
ATOM   177  C C   . VAL A 1 27  ? 0.030   -6.034  9.043   1.00 46.26  ? 27  VAL A C   1 
ATOM   178  O O   . VAL A 1 27  ? 0.506   -5.149  9.765   1.00 43.94  ? 27  VAL A O   1 
ATOM   179  C CB  . VAL A 1 27  ? 1.217   -8.245  8.689   1.00 37.99  ? 27  VAL A CB  1 
ATOM   180  C CG1 . VAL A 1 27  ? 2.488   -7.409  8.651   1.00 24.13  ? 27  VAL A CG1 1 
ATOM   181  C CG2 . VAL A 1 27  ? 1.489   -9.592  9.339   1.00 22.21  ? 27  VAL A CG2 1 
ATOM   182  N N   . ILE A 1 28  ? -0.570  -5.751  7.883   1.00 49.87  ? 28  ILE A N   1 
ATOM   183  C CA  . ILE A 1 28  ? -0.725  -4.364  7.449   1.00 45.84  ? 28  ILE A CA  1 
ATOM   184  C C   . ILE A 1 28  ? -1.581  -3.590  8.444   1.00 48.04  ? 28  ILE A C   1 
ATOM   185  O O   . ILE A 1 28  ? -1.291  -2.431  8.765   1.00 41.61  ? 28  ILE A O   1 
ATOM   186  C CB  . ILE A 1 28  ? -1.310  -4.308  6.025   1.00 33.96  ? 28  ILE A CB  1 
ATOM   187  C CG1 . ILE A 1 28  ? -0.292  -4.829  5.009   1.00 31.95  ? 28  ILE A CG1 1 
ATOM   188  C CG2 . ILE A 1 28  ? -1.732  -2.890  5.667   1.00 28.05  ? 28  ILE A CG2 1 
ATOM   189  C CD1 . ILE A 1 28  ? 1.047   -4.130  5.073   1.00 59.18  ? 28  ILE A CD1 1 
ATOM   190  N N   . LEU A 1 29  ? -2.640  -4.221  8.957   1.00 46.89  ? 29  LEU A N   1 
ATOM   191  C CA  . LEU A 1 29  ? -3.460  -3.573  9.976   1.00 40.73  ? 29  LEU A CA  1 
ATOM   192  C C   . LEU A 1 29  ? -2.680  -3.374  11.269  1.00 38.03  ? 29  LEU A C   1 
ATOM   193  O O   . LEU A 1 29  ? -2.765  -2.311  11.895  1.00 38.61  ? 29  LEU A O   1 
ATOM   194  C CB  . LEU A 1 29  ? -4.724  -4.394  10.234  1.00 45.02  ? 29  LEU A CB  1 
ATOM   195  C CG  . LEU A 1 29  ? -5.631  -3.913  11.369  1.00 44.52  ? 29  LEU A CG  1 
ATOM   196  C CD1 . LEU A 1 29  ? -6.136  -2.504  11.095  1.00 37.74  ? 29  LEU A CD1 1 
ATOM   197  C CD2 . LEU A 1 29  ? -6.792  -4.875  11.571  1.00 45.20  ? 29  LEU A CD2 1 
ATOM   198  N N   . GLY A 1 30  ? -1.913  -4.385  11.685  1.00 32.54  ? 30  GLY A N   1 
ATOM   199  C CA  . GLY A 1 30  ? -1.137  -4.255  12.908  1.00 22.19  ? 30  GLY A CA  1 
ATOM   200  C C   . GLY A 1 30  ? -0.032  -3.222  12.795  1.00 33.25  ? 30  GLY A C   1 
ATOM   201  O O   . GLY A 1 30  ? 0.212   -2.457  13.732  1.00 43.21  ? 30  GLY A O   1 
ATOM   202  N N   . VAL A 1 31  ? 0.650   -3.183  11.649  1.00 43.05  ? 31  VAL A N   1 
ATOM   203  C CA  . VAL A 1 31  ? 1.706   -2.196  11.446  1.00 44.22  ? 31  VAL A CA  1 
ATOM   204  C C   . VAL A 1 31  ? 1.116   -0.794  11.353  1.00 46.61  ? 31  VAL A C   1 
ATOM   205  O O   . VAL A 1 31  ? 1.692   0.172   11.870  1.00 43.70  ? 31  VAL A O   1 
ATOM   206  C CB  . VAL A 1 31  ? 2.534   -2.554  10.197  1.00 35.93  ? 31  VAL A CB  1 
ATOM   207  C CG1 . VAL A 1 31  ? 3.439   -1.398  9.800   1.00 26.49  ? 31  VAL A CG1 1 
ATOM   208  C CG2 . VAL A 1 31  ? 3.359   -3.806  10.453  1.00 42.30  ? 31  VAL A CG2 1 
ATOM   209  N N   . ALA A 1 32  ? -0.045  -0.660  10.706  1.00 45.63  ? 32  ALA A N   1 
ATOM   210  C CA  . ALA A 1 32  ? -0.690  0.646   10.608  1.00 48.12  ? 32  ALA A CA  1 
ATOM   211  C C   . ALA A 1 32  ? -1.053  1.188   11.984  1.00 44.22  ? 32  ALA A C   1 
ATOM   212  O O   . ALA A 1 32  ? -0.904  2.388   12.246  1.00 35.53  ? 32  ALA A O   1 
ATOM   213  C CB  . ALA A 1 32  ? -1.932  0.554   9.722   1.00 37.64  ? 32  ALA A CB  1 
ATOM   214  N N   . LEU A 1 33  ? -1.530  0.319   12.879  1.00 43.20  ? 33  LEU A N   1 
ATOM   215  C CA  . LEU A 1 33  ? -1.820  0.751   14.242  1.00 44.51  ? 33  LEU A CA  1 
ATOM   216  C C   . LEU A 1 33  ? -0.549  1.121   14.994  1.00 66.15  ? 33  LEU A C   1 
ATOM   217  O O   . LEU A 1 33  ? -0.584  1.977   15.884  1.00 78.29  ? 33  LEU A O   1 
ATOM   218  C CB  . LEU A 1 33  ? -2.581  -0.342  14.992  1.00 42.75  ? 33  LEU A CB  1 
ATOM   219  C CG  . LEU A 1 33  ? -3.973  -0.692  14.464  1.00 41.56  ? 33  LEU A CG  1 
ATOM   220  C CD1 . LEU A 1 33  ? -4.581  -1.825  15.276  1.00 43.97  ? 33  LEU A CD1 1 
ATOM   221  C CD2 . LEU A 1 33  ? -4.877  0.529   14.481  1.00 35.37  ? 33  LEU A CD2 1 
ATOM   222  N N   . TRP A 1 34  ? 0.577   0.486   14.657  1.00 61.60  ? 34  TRP A N   1 
ATOM   223  C CA  . TRP A 1 34  ? 1.849   0.865   15.263  1.00 65.18  ? 34  TRP A CA  1 
ATOM   224  C C   . TRP A 1 34  ? 2.265   2.267   14.837  1.00 69.09  ? 34  TRP A C   1 
ATOM   225  O O   . TRP A 1 34  ? 2.807   3.033   15.642  1.00 63.67  ? 34  TRP A O   1 
ATOM   226  C CB  . TRP A 1 34  ? 2.930   -0.151  14.896  1.00 68.91  ? 34  TRP A CB  1 
ATOM   227  C CG  . TRP A 1 34  ? 4.325   0.352   15.116  1.00 90.83  ? 34  TRP A CG  1 
ATOM   228  C CD1 . TRP A 1 34  ? 5.141   0.937   14.191  1.00 88.28  ? 34  TRP A CD1 1 
ATOM   229  C CD2 . TRP A 1 34  ? 5.068   0.321   16.342  1.00 99.54  ? 34  TRP A CD2 1 
ATOM   230  N NE1 . TRP A 1 34  ? 6.345   1.270   14.763  1.00 102.45 ? 34  TRP A NE1 1 
ATOM   231  C CE2 . TRP A 1 34  ? 6.325   0.903   16.083  1.00 105.80 ? 34  TRP A CE2 1 
ATOM   232  C CE3 . TRP A 1 34  ? 4.792   -0.141  17.632  1.00 98.20  ? 34  TRP A CE3 1 
ATOM   233  C CZ2 . TRP A 1 34  ? 7.304   1.033   17.065  1.00 93.14  ? 34  TRP A CZ2 1 
ATOM   234  C CZ3 . TRP A 1 34  ? 5.765   -0.011  18.606  1.00 87.03  ? 34  TRP A CZ3 1 
ATOM   235  C CH2 . TRP A 1 34  ? 7.006   0.571   18.317  1.00 92.35  ? 34  TRP A CH2 1 
ATOM   236  N N   . LEU A 1 35  ? 2.021   2.619   13.572  1.00 72.38  ? 35  LEU A N   1 
ATOM   237  C CA  . LEU A 1 35  ? 2.362   3.956   13.100  1.00 54.35  ? 35  LEU A CA  1 
ATOM   238  C C   . LEU A 1 35  ? 1.463   5.015   13.726  1.00 56.87  ? 35  LEU A C   1 
ATOM   239  O O   . LEU A 1 35  ? 1.878   6.170   13.872  1.00 46.48  ? 35  LEU A O   1 
ATOM   240  C CB  . LEU A 1 35  ? 2.275   4.013   11.575  1.00 41.27  ? 35  LEU A CB  1 
ATOM   241  C CG  . LEU A 1 35  ? 3.069   2.943   10.821  1.00 32.19  ? 35  LEU A CG  1 
ATOM   242  C CD1 . LEU A 1 35  ? 2.954   3.144   9.318   1.00 38.94  ? 35  LEU A CD1 1 
ATOM   243  C CD2 . LEU A 1 35  ? 4.528   2.935   11.258  1.00 42.05  ? 35  LEU A CD2 1 
ATOM   244  N N   . ARG A 1 36  ? 0.235   4.646   14.098  1.00 63.70  ? 36  ARG A N   1 
ATOM   245  C CA  . ARG A 1 36  ? -0.627  5.583   14.811  1.00 57.07  ? 36  ARG A CA  1 
ATOM   246  C C   . ARG A 1 36  ? -0.079  5.876   16.201  1.00 70.34  ? 36  ARG A C   1 
ATOM   247  O O   . ARG A 1 36  ? -0.036  7.037   16.625  1.00 82.49  ? 36  ARG A O   1 
ATOM   248  C CB  . ARG A 1 36  ? -2.049  5.028   14.896  1.00 55.56  ? 36  ARG A CB  1 
ATOM   249  C CG  . ARG A 1 36  ? -3.016  5.918   15.661  1.00 65.82  ? 36  ARG A CG  1 
ATOM   250  C CD  . ARG A 1 36  ? -3.083  7.311   15.051  1.00 55.26  ? 36  ARG A CD  1 
ATOM   251  N NE  . ARG A 1 36  ? -3.922  8.213   15.836  1.00 58.41  ? 36  ARG A NE  1 
ATOM   252  N N   . HIS A 1 37  ? 0.342   4.836   16.918  1.00 75.71  ? 37  HIS A N   1 
ATOM   253  C CA  . HIS A 1 37  ? 0.995   4.968   18.221  1.00 90.47  ? 37  HIS A CA  1 
ATOM   254  C C   . HIS A 1 37  ? 0.143   5.754   19.215  1.00 97.74  ? 37  HIS A C   1 
ATOM   255  O O   . HIS A 1 37  ? 0.444   6.905   19.529  1.00 91.97  ? 37  HIS A O   1 
ATOM   256  C CB  . HIS A 1 37  ? 2.367   5.632   18.061  1.00 81.26  ? 37  HIS A CB  1 
ATOM   257  C CG  . HIS A 1 37  ? 3.247   5.504   19.265  1.00 98.36  ? 37  HIS A CG  1 
ATOM   258  N ND1 . HIS A 1 37  ? 2.915   4.727   20.353  1.00 116.53 ? 37  HIS A ND1 1 
ATOM   259  C CD2 . HIS A 1 37  ? 4.452   6.055   19.549  1.00 109.07 ? 37  HIS A CD2 1 
ATOM   260  C CE1 . HIS A 1 37  ? 3.875   4.805   21.257  1.00 115.72 ? 37  HIS A CE1 1 
ATOM   261  N NE2 . HIS A 1 37  ? 4.819   5.604   20.794  1.00 115.68 ? 37  HIS A NE2 1 
ATOM   262  N N   . PRO A 1 55  ? -1.380  19.318  10.431  1.00 71.13  ? 55  PRO A N   1 
ATOM   263  C CA  . PRO A 1 55  ? -0.645  18.306  11.199  1.00 94.33  ? 55  PRO A CA  1 
ATOM   264  C C   . PRO A 1 55  ? -1.358  16.957  11.230  1.00 80.67  ? 55  PRO A C   1 
ATOM   265  O O   . PRO A 1 55  ? -0.873  16.015  11.855  1.00 57.84  ? 55  PRO A O   1 
ATOM   266  C CB  . PRO A 1 55  ? -0.572  18.917  12.601  1.00 75.89  ? 55  PRO A CB  1 
ATOM   267  C CG  . PRO A 1 55  ? -1.749  19.826  12.673  1.00 76.55  ? 55  PRO A CG  1 
ATOM   268  C CD  . PRO A 1 55  ? -1.900  20.394  11.292  1.00 63.96  ? 55  PRO A CD  1 
ATOM   269  N N   . ASN A 1 56  ? -2.506  16.872  10.559  1.00 60.76  ? 56  ASN A N   1 
ATOM   270  C CA  . ASN A 1 56  ? -3.266  15.634  10.483  1.00 56.53  ? 56  ASN A CA  1 
ATOM   271  C C   . ASN A 1 56  ? -3.084  14.905  9.159   1.00 71.84  ? 56  ASN A C   1 
ATOM   272  O O   . ASN A 1 56  ? -3.466  13.733  9.062   1.00 81.16  ? 56  ASN A O   1 
ATOM   273  C CB  . ASN A 1 56  ? -4.758  15.912  10.713  1.00 61.01  ? 56  ASN A CB  1 
ATOM   274  C CG  . ASN A 1 56  ? -5.051  16.393  12.122  1.00 66.34  ? 56  ASN A CG  1 
ATOM   275  O OD1 . ASN A 1 56  ? -5.639  17.457  12.319  1.00 82.83  ? 56  ASN A OD1 1 
ATOM   276  N ND2 . ASN A 1 56  ? -4.639  15.609  13.111  1.00 73.13  ? 56  ASN A ND2 1 
ATOM   277  N N   . THR A 1 57  ? -2.506  15.562  8.149   1.00 76.70  ? 57  THR A N   1 
ATOM   278  C CA  . THR A 1 57  ? -2.316  14.916  6.852   1.00 71.07  ? 57  THR A CA  1 
ATOM   279  C C   . THR A 1 57  ? -1.444  13.672  6.967   1.00 64.38  ? 57  THR A C   1 
ATOM   280  O O   . THR A 1 57  ? -1.676  12.683  6.261   1.00 49.16  ? 57  THR A O   1 
ATOM   281  C CB  . THR A 1 57  ? -1.709  15.909  5.857   1.00 72.15  ? 57  THR A CB  1 
ATOM   282  O OG1 . THR A 1 57  ? -2.534  17.080  5.793   1.00 81.74  ? 57  THR A OG1 1 
ATOM   283  C CG2 . THR A 1 57  ? -1.615  15.291  4.465   1.00 61.04  ? 57  THR A CG2 1 
ATOM   284  N N   . PHE A 1 58  ? -0.443  13.698  7.849   1.00 71.02  ? 58  PHE A N   1 
ATOM   285  C CA  . PHE A 1 58  ? 0.352   12.500  8.097   1.00 53.14  ? 58  PHE A CA  1 
ATOM   286  C C   . PHE A 1 58  ? -0.506  11.392  8.692   1.00 58.99  ? 58  PHE A C   1 
ATOM   287  O O   . PHE A 1 58  ? -0.358  10.217  8.332   1.00 64.71  ? 58  PHE A O   1 
ATOM   288  C CB  . PHE A 1 58  ? 1.524   12.829  9.021   1.00 67.91  ? 58  PHE A CB  1 
ATOM   289  C CG  . PHE A 1 58  ? 2.293   11.624  9.484   1.00 70.30  ? 58  PHE A CG  1 
ATOM   290  C CD1 . PHE A 1 58  ? 3.128   10.942  8.614   1.00 59.77  ? 58  PHE A CD1 1 
ATOM   291  C CD2 . PHE A 1 58  ? 2.189   11.182  10.792  1.00 56.21  ? 58  PHE A CD2 1 
ATOM   292  C CE1 . PHE A 1 58  ? 3.839   9.832   9.041   1.00 49.40  ? 58  PHE A CE1 1 
ATOM   293  C CE2 . PHE A 1 58  ? 2.897   10.078  11.224  1.00 39.20  ? 58  PHE A CE2 1 
ATOM   294  C CZ  . PHE A 1 58  ? 3.723   9.402   10.347  1.00 48.17  ? 58  PHE A CZ  1 
ATOM   295  N N   . TYR A 1 59  ? -1.412  11.745  9.606   1.00 63.97  ? 59  TYR A N   1 
ATOM   296  C CA  . TYR A 1 59  ? -2.327  10.754  10.162  1.00 56.40  ? 59  TYR A CA  1 
ATOM   297  C C   . TYR A 1 59  ? -3.419  10.383  9.170   1.00 62.98  ? 59  TYR A C   1 
ATOM   298  O O   . TYR A 1 59  ? -3.951  9.267   9.225   1.00 63.51  ? 59  TYR A O   1 
ATOM   299  C CB  . TYR A 1 59  ? -2.945  11.278  11.457  1.00 43.84  ? 59  TYR A CB  1 
ATOM   300  C CG  . TYR A 1 59  ? -2.026  11.196  12.652  1.00 66.63  ? 59  TYR A CG  1 
ATOM   301  C CD1 . TYR A 1 59  ? -0.939  10.332  12.656  1.00 75.31  ? 59  TYR A CD1 1 
ATOM   302  C CD2 . TYR A 1 59  ? -2.250  11.975  13.779  1.00 80.00  ? 59  TYR A CD2 1 
ATOM   303  C CE1 . TYR A 1 59  ? -0.097  10.251  13.748  1.00 83.11  ? 59  TYR A CE1 1 
ATOM   304  C CE2 . TYR A 1 59  ? -1.413  11.900  14.876  1.00 93.51  ? 59  TYR A CE2 1 
ATOM   305  C CZ  . TYR A 1 59  ? -0.337  11.036  14.855  1.00 94.76  ? 59  TYR A CZ  1 
ATOM   306  O OH  . TYR A 1 59  ? 0.503   10.953  15.944  1.00 97.69  ? 59  TYR A OH  1 
ATOM   307  N N   . VAL A 1 60  ? -3.775  11.306  8.275   1.00 64.99  ? 60  VAL A N   1 
ATOM   308  C CA  . VAL A 1 60  ? -4.729  10.997  7.214   1.00 61.44  ? 60  VAL A CA  1 
ATOM   309  C C   . VAL A 1 60  ? -4.217  9.845   6.362   1.00 65.08  ? 60  VAL A C   1 
ATOM   310  O O   . VAL A 1 60  ? -4.969  8.923   6.017   1.00 72.70  ? 60  VAL A O   1 
ATOM   311  C CB  . VAL A 1 60  ? -5.005  12.258  6.375   1.00 69.16  ? 60  VAL A CB  1 
ATOM   312  C CG1 . VAL A 1 60  ? -5.550  11.894  5.005   1.00 70.49  ? 60  VAL A CG1 1 
ATOM   313  C CG2 . VAL A 1 60  ? -5.971  13.180  7.114   1.00 70.59  ? 60  VAL A CG2 1 
ATOM   314  N N   . GLY A 1 61  ? -2.928  9.871   6.017   1.00 66.16  ? 61  GLY A N   1 
ATOM   315  C CA  . GLY A 1 61  ? -2.348  8.771   5.272   1.00 57.06  ? 61  GLY A CA  1 
ATOM   316  C C   . GLY A 1 61  ? -2.241  7.497   6.084   1.00 46.80  ? 61  GLY A C   1 
ATOM   317  O O   . GLY A 1 61  ? -2.241  6.397   5.524   1.00 42.39  ? 61  GLY A O   1 
ATOM   318  N N   . ILE A 1 62  ? -2.138  7.623   7.408   1.00 56.41  ? 62  ILE A N   1 
ATOM   319  C CA  . ILE A 1 62  ? -2.053  6.440   8.259   1.00 59.91  ? 62  ILE A CA  1 
ATOM   320  C C   . ILE A 1 62  ? -3.389  5.709   8.295   1.00 52.53  ? 62  ILE A C   1 
ATOM   321  O O   . ILE A 1 62  ? -3.438  4.474   8.264   1.00 48.89  ? 62  ILE A O   1 
ATOM   322  C CB  . ILE A 1 62  ? -1.573  6.829   9.671   1.00 60.14  ? 62  ILE A CB  1 
ATOM   323  C CG1 . ILE A 1 62  ? -0.094  7.226   9.640   1.00 46.79  ? 62  ILE A CG1 1 
ATOM   324  C CG2 . ILE A 1 62  ? -1.796  5.691   10.648  1.00 56.17  ? 62  ILE A CG2 1 
ATOM   325  C CD1 . ILE A 1 62  ? 0.518   7.441   11.011  1.00 37.99  ? 62  ILE A CD1 1 
ATOM   326  N N   . TYR A 1 63  ? -4.495  6.457   8.349   1.00 50.79  ? 63  TYR A N   1 
ATOM   327  C CA  . TYR A 1 63  ? -5.809  5.824   8.408   1.00 48.14  ? 63  TYR A CA  1 
ATOM   328  C C   . TYR A 1 63  ? -6.128  5.072   7.124   1.00 49.20  ? 63  TYR A C   1 
ATOM   329  O O   . TYR A 1 63  ? -6.863  4.078   7.155   1.00 43.84  ? 63  TYR A O   1 
ATOM   330  C CB  . TYR A 1 63  ? -6.885  6.870   8.693   1.00 53.79  ? 63  TYR A CB  1 
ATOM   331  C CG  . TYR A 1 63  ? -6.658  7.645   9.969   1.00 60.41  ? 63  TYR A CG  1 
ATOM   332  C CD1 . TYR A 1 63  ? -5.992  7.071   11.047  1.00 54.59  ? 63  TYR A CD1 1 
ATOM   333  C CD2 . TYR A 1 63  ? -7.104  8.952   10.095  1.00 65.67  ? 63  TYR A CD2 1 
ATOM   334  C CE1 . TYR A 1 63  ? -5.781  7.780   12.214  1.00 53.65  ? 63  TYR A CE1 1 
ATOM   335  C CE2 . TYR A 1 63  ? -6.898  9.669   11.257  1.00 69.56  ? 63  TYR A CE2 1 
ATOM   336  C CZ  . TYR A 1 63  ? -6.235  9.079   12.314  1.00 62.64  ? 63  TYR A CZ  1 
ATOM   337  O OH  . TYR A 1 63  ? -6.026  9.788   13.475  1.00 49.91  ? 63  TYR A OH  1 
ATOM   338  N N   . ILE A 1 64  ? -5.600  5.535   5.989   1.00 58.07  ? 64  ILE A N   1 
ATOM   339  C CA  . ILE A 1 64  ? -5.754  4.786   4.746   1.00 45.90  ? 64  ILE A CA  1 
ATOM   340  C C   . ILE A 1 64  ? -5.139  3.401   4.887   1.00 44.83  ? 64  ILE A C   1 
ATOM   341  O O   . ILE A 1 64  ? -5.724  2.397   4.466   1.00 39.42  ? 64  ILE A O   1 
ATOM   342  C CB  . ILE A 1 64  ? -5.138  5.568   3.570   1.00 57.51  ? 64  ILE A CB  1 
ATOM   343  C CG1 . ILE A 1 64  ? -5.865  6.903   3.380   1.00 61.41  ? 64  ILE A CG1 1 
ATOM   344  C CG2 . ILE A 1 64  ? -5.188  4.742   2.295   1.00 52.10  ? 64  ILE A CG2 1 
ATOM   345  C CD1 . ILE A 1 64  ? -5.323  7.747   2.245   1.00 37.94  ? 64  ILE A CD1 1 
ATOM   346  N N   . LEU A 1 65  ? -3.955  3.323   5.505   1.00 47.85  ? 65  LEU A N   1 
ATOM   347  C CA  . LEU A 1 65  ? -3.332  2.029   5.759   1.00 37.56  ? 65  LEU A CA  1 
ATOM   348  C C   . LEU A 1 65  ? -4.154  1.191   6.730   1.00 36.75  ? 65  LEU A C   1 
ATOM   349  O O   . LEU A 1 65  ? -4.171  -0.041  6.622   1.00 38.98  ? 65  LEU A O   1 
ATOM   350  C CB  . LEU A 1 65  ? -1.915  2.230   6.295   1.00 46.28  ? 65  LEU A CB  1 
ATOM   351  C CG  . LEU A 1 65  ? -0.792  1.499   5.555   1.00 52.55  ? 65  LEU A CG  1 
ATOM   352  C CD1 . LEU A 1 65  ? -0.746  1.939   4.101   1.00 63.95  ? 65  LEU A CD1 1 
ATOM   353  C CD2 . LEU A 1 65  ? 0.548   1.737   6.234   1.00 50.06  ? 65  LEU A CD2 1 
ATOM   354  N N   . ILE A 1 66  ? -4.835  1.834   7.680   1.00 33.18  ? 66  ILE A N   1 
ATOM   355  C CA  . ILE A 1 66  ? -5.699  1.102   8.600   1.00 33.83  ? 66  ILE A CA  1 
ATOM   356  C C   . ILE A 1 66  ? -6.900  0.529   7.858   1.00 30.83  ? 66  ILE A C   1 
ATOM   357  O O   . ILE A 1 66  ? -7.313  -0.612  8.101   1.00 28.58  ? 66  ILE A O   1 
ATOM   358  C CB  . ILE A 1 66  ? -6.132  2.010   9.765   1.00 47.22  ? 66  ILE A CB  1 
ATOM   359  C CG1 . ILE A 1 66  ? -4.908  2.521   10.526  1.00 48.15  ? 66  ILE A CG1 1 
ATOM   360  C CG2 . ILE A 1 66  ? -7.078  1.270   10.702  1.00 53.12  ? 66  ILE A CG2 1 
ATOM   361  C CD1 . ILE A 1 66  ? -5.248  3.362   11.734  1.00 43.52  ? 66  ILE A CD1 1 
ATOM   362  N N   . ALA A 1 67  ? -7.479  1.308   6.943   1.00 45.77  ? 67  ALA A N   1 
ATOM   363  C CA  . ALA A 1 67  ? -8.607  0.819   6.159   1.00 38.40  ? 67  ALA A CA  1 
ATOM   364  C C   . ALA A 1 67  ? -8.175  -0.296  5.214   1.00 37.51  ? 67  ALA A C   1 
ATOM   365  O O   . ALA A 1 67  ? -8.849  -1.327  5.108   1.00 26.78  ? 67  ALA A O   1 
ATOM   366  C CB  . ALA A 1 67  ? -9.245  1.972   5.383   1.00 27.44  ? 67  ALA A CB  1 
ATOM   367  N N   . VAL A 1 68  ? -7.047  -0.108  4.525   1.00 48.25  ? 68  VAL A N   1 
ATOM   368  C CA  . VAL A 1 68  ? -6.538  -1.138  3.622   1.00 43.40  ? 68  VAL A CA  1 
ATOM   369  C C   . VAL A 1 68  ? -6.249  -2.421  4.391   1.00 41.67  ? 68  VAL A C   1 
ATOM   370  O O   . VAL A 1 68  ? -6.604  -3.523  3.956   1.00 44.94  ? 68  VAL A O   1 
ATOM   371  C CB  . VAL A 1 68  ? -5.288  -0.630  2.880   1.00 32.81  ? 68  VAL A CB  1 
ATOM   372  C CG1 . VAL A 1 68  ? -4.604  -1.774  2.139   1.00 43.35  ? 68  VAL A CG1 1 
ATOM   373  C CG2 . VAL A 1 68  ? -5.660  0.484   1.913   1.00 37.29  ? 68  VAL A CG2 1 
ATOM   374  N N   . GLY A 1 69  ? -5.606  -2.297  5.555   1.00 44.66  ? 69  GLY A N   1 
ATOM   375  C CA  . GLY A 1 69  ? -5.294  -3.472  6.347   1.00 51.46  ? 69  GLY A CA  1 
ATOM   376  C C   . GLY A 1 69  ? -6.522  -4.171  6.892   1.00 48.18  ? 69  GLY A C   1 
ATOM   377  O O   . GLY A 1 69  ? -6.530  -5.397  7.031   1.00 54.33  ? 69  GLY A O   1 
ATOM   378  N N   . ALA A 1 70  ? -7.575  -3.412  7.195   1.00 42.07  ? 70  ALA A N   1 
ATOM   379  C CA  . ALA A 1 70  ? -8.802  -4.019  7.697   1.00 46.08  ? 70  ALA A CA  1 
ATOM   380  C C   . ALA A 1 70  ? -9.625  -4.644  6.580   1.00 46.91  ? 70  ALA A C   1 
ATOM   381  O O   . ALA A 1 70  ? -10.287 -5.666  6.800   1.00 47.58  ? 70  ALA A O   1 
ATOM   382  C CB  . ALA A 1 70  ? -9.635  -2.978  8.446   1.00 52.68  ? 70  ALA A CB  1 
ATOM   383  N N   . VAL A 1 71  ? -9.599  -4.056  5.383   1.00 54.80  ? 71  VAL A N   1 
ATOM   384  C CA  . VAL A 1 71  ? -10.332 -4.632  4.261   1.00 48.36  ? 71  VAL A CA  1 
ATOM   385  C C   . VAL A 1 71  ? -9.692  -5.945  3.826   1.00 47.39  ? 71  VAL A C   1 
ATOM   386  O O   . VAL A 1 71  ? -10.379 -6.953  3.628   1.00 51.49  ? 71  VAL A O   1 
ATOM   387  C CB  . VAL A 1 71  ? -10.413 -3.629  3.096   1.00 44.58  ? 71  VAL A CB  1 
ATOM   388  C CG1 . VAL A 1 71  ? -10.950 -4.310  1.851   1.00 54.64  ? 71  VAL A CG1 1 
ATOM   389  C CG2 . VAL A 1 71  ? -11.301 -2.453  3.474   1.00 37.98  ? 71  VAL A CG2 1 
ATOM   390  N N   . MET A 1 72  ? -8.363  -5.957  3.682   1.00 54.41  ? 72  MET A N   1 
ATOM   391  C CA  . MET A 1 72  ? -7.667  -7.185  3.309   1.00 55.50  ? 72  MET A CA  1 
ATOM   392  C C   . MET A 1 72  ? -7.835  -8.286  4.348   1.00 60.71  ? 72  MET A C   1 
ATOM   393  O O   . MET A 1 72  ? -7.746  -9.469  4.002   1.00 61.08  ? 72  MET A O   1 
ATOM   394  C CB  . MET A 1 72  ? -6.177  -6.914  3.093   1.00 63.48  ? 72  MET A CB  1 
ATOM   395  C CG  . MET A 1 72  ? -5.858  -6.029  1.902   1.00 67.80  ? 72  MET A CG  1 
ATOM   396  S SD  . MET A 1 72  ? -4.098  -6.023  1.506   1.00 83.91  ? 72  MET A SD  1 
ATOM   397  C CE  . MET A 1 72  ? -3.395  -5.570  3.090   1.00 83.69  ? 72  MET A CE  1 
ATOM   398  N N   . MET A 1 73  ? -8.073  -7.925  5.610   1.00 66.51  ? 73  MET A N   1 
ATOM   399  C CA  . MET A 1 73  ? -8.221  -8.932  6.654   1.00 69.56  ? 73  MET A CA  1 
ATOM   400  C C   . MET A 1 73  ? -9.564  -9.644  6.557   1.00 61.29  ? 73  MET A C   1 
ATOM   401  O O   . MET A 1 73  ? -9.617  -10.877 6.488   1.00 64.76  ? 73  MET A O   1 
ATOM   402  C CB  . MET A 1 73  ? -8.055  -8.286  8.031   1.00 66.51  ? 73  MET A CB  1 
ATOM   403  C CG  . MET A 1 73  ? -8.067  -9.276  9.186   1.00 53.18  ? 73  MET A CG  1 
ATOM   404  S SD  . MET A 1 73  ? -7.820  -8.490  10.789  1.00 55.93  ? 73  MET A SD  1 
ATOM   405  C CE  . MET A 1 73  ? -7.741  -9.925  11.857  1.00 58.46  ? 73  MET A CE  1 
ATOM   406  N N   . PHE A 1 74  ? -10.661 -8.883  6.541   1.00 52.68  ? 74  PHE A N   1 
ATOM   407  C CA  . PHE A 1 74  ? -11.990 -9.480  6.516   1.00 48.41  ? 74  PHE A CA  1 
ATOM   408  C C   . PHE A 1 74  ? -12.324 -10.084 5.156   1.00 52.12  ? 74  PHE A C   1 
ATOM   409  O O   . PHE A 1 74  ? -13.019 -11.103 5.094   1.00 65.46  ? 74  PHE A O   1 
ATOM   410  C CB  . PHE A 1 74  ? -13.029 -8.432  6.930   1.00 51.83  ? 74  PHE A CB  1 
ATOM   411  C CG  . PHE A 1 74  ? -14.202 -8.316  5.998   1.00 38.18  ? 74  PHE A CG  1 
ATOM   412  C CD1 . PHE A 1 74  ? -15.330 -9.100  6.179   1.00 50.16  ? 74  PHE A CD1 1 
ATOM   413  C CD2 . PHE A 1 74  ? -14.189 -7.399  4.959   1.00 42.69  ? 74  PHE A CD2 1 
ATOM   414  C CE1 . PHE A 1 74  ? -16.413 -8.986  5.326   1.00 52.64  ? 74  PHE A CE1 1 
ATOM   415  C CE2 . PHE A 1 74  ? -15.267 -7.281  4.106   1.00 54.84  ? 74  PHE A CE2 1 
ATOM   416  C CZ  . PHE A 1 74  ? -16.380 -8.074  4.290   1.00 58.99  ? 74  PHE A CZ  1 
ATOM   417  N N   . VAL A 1 75  ? -11.845 -9.482  4.065   1.00 52.52  ? 75  VAL A N   1 
ATOM   418  C CA  . VAL A 1 75  ? -12.007 -10.098 2.751   1.00 51.36  ? 75  VAL A CA  1 
ATOM   419  C C   . VAL A 1 75  ? -11.124 -11.335 2.639   1.00 52.38  ? 75  VAL A C   1 
ATOM   420  O O   . VAL A 1 75  ? -11.560 -12.390 2.165   1.00 48.96  ? 75  VAL A O   1 
ATOM   421  C CB  . VAL A 1 75  ? -11.702 -9.082  1.636   1.00 63.58  ? 75  VAL A CB  1 
ATOM   422  C CG1 . VAL A 1 75  ? -11.679 -9.771  0.280   1.00 56.02  ? 75  VAL A CG1 1 
ATOM   423  C CG2 . VAL A 1 75  ? -12.728 -7.960  1.646   1.00 54.64  ? 75  VAL A CG2 1 
ATOM   424  N N   . GLY A 1 76  ? -9.868  -11.221 3.077   1.00 62.65  ? 76  GLY A N   1 
ATOM   425  C CA  . GLY A 1 76  ? -9.007  -12.389 3.134   1.00 54.03  ? 76  GLY A CA  1 
ATOM   426  C C   . GLY A 1 76  ? -9.514  -13.443 4.097   1.00 64.31  ? 76  GLY A C   1 
ATOM   427  O O   . GLY A 1 76  ? -9.218  -14.629 3.936   1.00 67.85  ? 76  GLY A O   1 
ATOM   428  N N   . PHE A 1 77  ? -10.280 -13.028 5.108   1.00 67.05  ? 77  PHE A N   1 
ATOM   429  C CA  . PHE A 1 77  ? -10.927 -13.989 5.994   1.00 52.53  ? 77  PHE A CA  1 
ATOM   430  C C   . PHE A 1 77  ? -11.955 -14.820 5.238   1.00 55.47  ? 77  PHE A C   1 
ATOM   431  O O   . PHE A 1 77  ? -11.922 -16.054 5.282   1.00 63.67  ? 77  PHE A O   1 
ATOM   432  C CB  . PHE A 1 77  ? -11.578 -13.262 7.173   1.00 50.72  ? 77  PHE A CB  1 
ATOM   433  C CG  . PHE A 1 77  ? -12.600 -14.083 7.906   1.00 56.35  ? 77  PHE A CG  1 
ATOM   434  C CD1 . PHE A 1 77  ? -12.210 -15.034 8.836   1.00 60.62  ? 77  PHE A CD1 1 
ATOM   435  C CD2 . PHE A 1 77  ? -13.954 -13.900 7.672   1.00 43.17  ? 77  PHE A CD2 1 
ATOM   436  C CE1 . PHE A 1 77  ? -13.149 -15.789 9.512   1.00 54.33  ? 77  PHE A CE1 1 
ATOM   437  C CE2 . PHE A 1 77  ? -14.897 -14.652 8.343   1.00 37.04  ? 77  PHE A CE2 1 
ATOM   438  C CZ  . PHE A 1 77  ? -14.495 -15.597 9.266   1.00 39.07  ? 77  PHE A CZ  1 
ATOM   439  N N   . LEU A 1 78  ? -12.873 -14.156 4.531   1.00 55.25  ? 78  LEU A N   1 
ATOM   440  C CA  . LEU A 1 78  ? -13.913 -14.871 3.797   1.00 53.89  ? 78  LEU A CA  1 
ATOM   441  C C   . LEU A 1 78  ? -13.312 -15.783 2.736   1.00 51.16  ? 78  LEU A C   1 
ATOM   442  O O   . LEU A 1 78  ? -13.708 -16.947 2.602   1.00 41.49  ? 78  LEU A O   1 
ATOM   443  C CB  . LEU A 1 78  ? -14.878 -13.874 3.157   1.00 40.57  ? 78  LEU A CB  1 
ATOM   444  C CG  . LEU A 1 78  ? -15.644 -12.935 4.089   1.00 36.80  ? 78  LEU A CG  1 
ATOM   445  C CD1 . LEU A 1 78  ? -16.350 -11.859 3.280   1.00 65.17  ? 78  LEU A CD1 1 
ATOM   446  C CD2 . LEU A 1 78  ? -16.639 -13.714 4.934   1.00 30.30  ? 78  LEU A CD2 1 
ATOM   447  N N   . GLY A 1 79  ? -12.355 -15.269 1.969   1.00 62.69  ? 79  GLY A N   1 
ATOM   448  C CA  . GLY A 1 79  ? -11.714 -16.045 0.923   1.00 70.15  ? 79  GLY A CA  1 
ATOM   449  C C   . GLY A 1 79  ? -10.995 -17.273 1.447   1.00 74.08  ? 79  GLY A C   1 
ATOM   450  O O   . GLY A 1 79  ? -11.152 -18.370 0.912   1.00 84.32  ? 79  GLY A O   1 
HETATM 451  N N   . YCM A 1 80  ? -10.208 -17.085 2.501   1.00 67.72  ? 80  YCM A N   1 
HETATM 452  C CA  . YCM A 1 80  ? -9.484  -18.175 3.110   1.00 62.79  ? 80  YCM A CA  1 
HETATM 453  C CB  . YCM A 1 80  ? -8.390  -17.716 4.075   1.00 55.46  ? 80  YCM A CB  1 
HETATM 454  S SG  . YCM A 1 80  ? -8.850  -17.670 5.784   1.00 92.69  ? 80  YCM A SG  1 
HETATM 455  C CD  . YCM A 1 80  ? -8.150  -19.129 6.485   1.00 69.39  ? 80  YCM A CD  1 
HETATM 456  C CE  . YCM A 1 80  ? -8.113  -19.125 7.998   1.00 60.03  ? 80  YCM A CE  1 
HETATM 457  O OZ1 . YCM A 1 80  ? -8.346  -20.169 8.647   1.00 35.45  ? 80  YCM A OZ1 1 
HETATM 458  N NZ2 . YCM A 1 80  ? -7.822  -17.954 8.643   1.00 61.12  ? 80  YCM A NZ2 1 
HETATM 459  C C   . YCM A 1 80  ? -10.393 -19.193 3.793   1.00 76.18  ? 80  YCM A C   1 
HETATM 460  O O   . YCM A 1 80  ? -10.275 -20.412 3.651   1.00 89.46  ? 80  YCM A O   1 
ATOM   461  N N   . TYR A 1 81  ? -11.346 -18.665 4.555   1.00 68.08  ? 81  TYR A N   1 
ATOM   462  C CA  . TYR A 1 81  ? -12.296 -19.505 5.279   1.00 59.19  ? 81  TYR A CA  1 
ATOM   463  C C   . TYR A 1 81  ? -13.316 -20.107 4.316   1.00 65.94  ? 81  TYR A C   1 
ATOM   464  O O   . TYR A 1 81  ? -14.167 -20.902 4.715   1.00 62.05  ? 81  TYR A O   1 
ATOM   465  C CB  . TYR A 1 81  ? -12.999 -18.703 6.377   1.00 43.97  ? 81  TYR A CB  1 
ATOM   466  C CG  . TYR A 1 81  ? -13.549 -19.546 7.504   1.00 44.45  ? 81  TYR A CG  1 
ATOM   467  C CD1 . TYR A 1 81  ? -12.703 -20.114 8.449   1.00 47.98  ? 81  TYR A CD1 1 
ATOM   468  C CD2 . TYR A 1 81  ? -14.912 -19.765 7.631   1.00 60.61  ? 81  TYR A CD2 1 
ATOM   469  C CE1 . TYR A 1 81  ? -13.202 -20.883 9.482   1.00 59.72  ? 81  TYR A CE1 1 
ATOM   470  C CE2 . TYR A 1 81  ? -15.421 -20.532 8.661   1.00 60.77  ? 81  TYR A CE2 1 
ATOM   471  C CZ  . TYR A 1 81  ? -14.562 -21.087 9.583   1.00 54.00  ? 81  TYR A CZ  1 
ATOM   472  O OH  . TYR A 1 81  ? -15.064 -21.851 10.611  1.00 59.49  ? 81  TYR A OH  1 
ATOM   473  N N   . GLY A 1 82  ? -13.224 -19.717 3.042   1.00 71.52  ? 82  GLY A N   1 
ATOM   474  C CA  . GLY A 1 82  ? -14.028 -20.343 2.009   1.00 43.71  ? 82  GLY A CA  1 
ATOM   475  C C   . GLY A 1 82  ? -13.690 -21.798 1.771   1.00 47.26  ? 82  GLY A C   1 
ATOM   476  O O   . GLY A 1 82  ? -14.487 -22.518 1.160   1.00 50.26  ? 82  GLY A O   1 
ATOM   477  N N   . ALA A 1 83  ? -12.517 -22.247 2.232   1.00 64.88  ? 83  ALA A N   1 
ATOM   478  C CA  . ALA A 1 83  ? -12.196 -23.669 2.182   1.00 63.11  ? 83  ALA A CA  1 
ATOM   479  C C   . ALA A 1 83  ? -13.166 -24.485 3.023   1.00 73.38  ? 83  ALA A C   1 
ATOM   480  O O   . ALA A 1 83  ? -13.472 -25.633 2.681   1.00 75.26  ? 83  ALA A O   1 
ATOM   481  C CB  . ALA A 1 83  ? -10.760 -23.901 2.652   1.00 44.14  ? 83  ALA A CB  1 
ATOM   482  N N   . ILE A 1 84  ? -13.658 -23.913 4.124   1.00 73.65  ? 84  ILE A N   1 
ATOM   483  C CA  . ILE A 1 84  ? -14.709 -24.547 4.910   1.00 58.49  ? 84  ILE A CA  1 
ATOM   484  C C   . ILE A 1 84  ? -16.028 -24.612 4.154   1.00 63.90  ? 84  ILE A C   1 
ATOM   485  O O   . ILE A 1 84  ? -16.926 -25.365 4.549   1.00 60.92  ? 84  ILE A O   1 
ATOM   486  C CB  . ILE A 1 84  ? -14.858 -23.797 6.251   1.00 50.47  ? 84  ILE A CB  1 
ATOM   487  C CG1 . ILE A 1 84  ? -13.484 -23.594 6.890   1.00 57.06  ? 84  ILE A CG1 1 
ATOM   488  C CG2 . ILE A 1 84  ? -15.732 -24.566 7.225   1.00 55.95  ? 84  ILE A CG2 1 
ATOM   489  C CD1 . ILE A 1 84  ? -12.826 -24.883 7.332   1.00 66.56  ? 84  ILE A CD1 1 
ATOM   490  N N   . GLN A 1 85  ? -16.155 -23.850 3.067   1.00 73.74  ? 85  GLN A N   1 
ATOM   491  C CA  . GLN A 1 85  ? -17.331 -23.871 2.199   1.00 66.81  ? 85  GLN A CA  1 
ATOM   492  C C   . GLN A 1 85  ? -18.593 -23.470 2.954   1.00 62.35  ? 85  GLN A C   1 
ATOM   493  O O   . GLN A 1 85  ? -18.791 -22.295 3.263   1.00 60.54  ? 85  GLN A O   1 
ATOM   494  C CB  . GLN A 1 85  ? -17.503 -25.254 1.562   1.00 48.74  ? 85  GLN A CB  1 
ATOM   495  C CG  . GLN A 1 85  ? -16.279 -25.722 0.791   1.00 50.74  ? 85  GLN A CG  1 
ATOM   496  C CD  . GLN A 1 85  ? -16.233 -27.228 0.613   1.00 70.69  ? 85  GLN A CD  1 
ATOM   497  O OE1 . GLN A 1 85  ? -17.223 -27.852 0.229   1.00 75.23  ? 85  GLN A OE1 1 
ATOM   498  N NE2 . GLN A 1 85  ? -15.080 -27.822 0.902   1.00 73.90  ? 85  GLN A NE2 1 
ATOM   499  N N   . GLN A 1 88  ? -21.265 -20.667 0.099   1.00 44.98  ? 88  GLN A N   1 
ATOM   500  C CA  . GLN A 1 88  ? -22.236 -20.328 1.133   1.00 49.25  ? 88  GLN A CA  1 
ATOM   501  C C   . GLN A 1 88  ? -22.536 -18.834 1.158   1.00 49.98  ? 88  GLN A C   1 
ATOM   502  O O   . GLN A 1 88  ? -22.264 -18.122 0.193   1.00 55.87  ? 88  GLN A O   1 
ATOM   503  C CB  . GLN A 1 88  ? -21.732 -20.781 2.502   1.00 57.21  ? 88  GLN A CB  1 
ATOM   504  C CG  . GLN A 1 88  ? -21.911 -22.260 2.734   1.00 70.51  ? 88  GLN A CG  1 
ATOM   505  C CD  . GLN A 1 88  ? -23.342 -22.690 2.490   1.00 73.06  ? 88  GLN A CD  1 
ATOM   506  O OE1 . GLN A 1 88  ? -24.248 -22.325 3.241   1.00 69.40  ? 88  GLN A OE1 1 
ATOM   507  N NE2 . GLN A 1 88  ? -23.557 -23.454 1.424   1.00 74.40  ? 88  GLN A NE2 1 
HETATM 508  N N   . YCM A 1 89  ? -23.123 -18.371 2.256   1.00 47.92  ? 89  YCM A N   1 
HETATM 509  C CA  . YCM A 1 89  ? -23.231 -16.960 2.500   1.00 48.19  ? 89  YCM A CA  1 
HETATM 510  C CB  . YCM A 1 89  ? -24.001 -16.619 3.776   1.00 42.20  ? 89  YCM A CB  1 
HETATM 511  S SG  . YCM A 1 89  ? -24.955 -15.129 3.737   1.00 55.62  ? 89  YCM A SG  1 
HETATM 512  C CD  . YCM A 1 89  ? -24.382 -14.177 5.108   1.00 75.15  ? 89  YCM A CD  1 
HETATM 513  C CE  . YCM A 1 89  ? -24.587 -12.686 4.944   1.00 66.57  ? 89  YCM A CE  1 
HETATM 514  O OZ1 . YCM A 1 89  ? -24.351 -11.891 5.883   1.00 22.66  ? 89  YCM A OZ1 1 
HETATM 515  N NZ2 . YCM A 1 89  ? -25.041 -12.220 3.739   1.00 79.57  ? 89  YCM A NZ2 1 
HETATM 516  C C   . YCM A 1 89  ? -21.827 -16.387 2.557   1.00 46.69  ? 89  YCM A C   1 
HETATM 517  O O   . YCM A 1 89  ? -21.429 -15.465 1.843   1.00 35.16  ? 89  YCM A O   1 
ATOM   518  N N   . LEU A 1 90  ? -21.050 -17.005 3.441   1.00 69.53  ? 90  LEU A N   1 
ATOM   519  C CA  . LEU A 1 90  ? -19.632 -16.713 3.622   1.00 78.56  ? 90  LEU A CA  1 
ATOM   520  C C   . LEU A 1 90  ? -18.893 -16.608 2.288   1.00 60.34  ? 90  LEU A C   1 
ATOM   521  O O   . LEU A 1 90  ? -18.182 -15.635 2.041   1.00 52.45  ? 90  LEU A O   1 
ATOM   522  C CB  . LEU A 1 90  ? -18.990 -17.796 4.490   1.00 65.15  ? 90  LEU A CB  1 
ATOM   523  C CG  . LEU A 1 90  ? -17.592 -17.527 5.043   1.00 52.36  ? 90  LEU A CG  1 
ATOM   524  C CD1 . LEU A 1 90  ? -17.659 -17.065 6.495   1.00 56.36  ? 90  LEU A CD1 1 
ATOM   525  C CD2 . LEU A 1 90  ? -16.733 -18.770 4.901   1.00 50.70  ? 90  LEU A CD2 1 
ATOM   526  N N   . LEU A 1 91  ? -19.072 -17.612 1.424   1.00 64.61  ? 91  LEU A N   1 
ATOM   527  C CA  . LEU A 1 91  ? -18.453 -17.556 0.103   1.00 43.58  ? 91  LEU A CA  1 
ATOM   528  C C   . LEU A 1 91  ? -19.192 -16.582 -0.804  1.00 50.31  ? 91  LEU A C   1 
ATOM   529  O O   . LEU A 1 91  ? -18.567 -15.864 -1.595  1.00 48.81  ? 91  LEU A O   1 
ATOM   530  C CB  . LEU A 1 91  ? -18.414 -18.950 -0.526  1.00 34.21  ? 91  LEU A CB  1 
ATOM   531  C CG  . LEU A 1 91  ? -17.500 -19.125 -1.742  1.00 28.54  ? 91  LEU A CG  1 
ATOM   532  C CD1 . LEU A 1 91  ? -16.044 -19.290 -1.314  1.00 32.67  ? 91  LEU A CD1 1 
ATOM   533  C CD2 . LEU A 1 91  ? -17.951 -20.298 -2.606  1.00 41.96  ? 91  LEU A CD2 1 
ATOM   534  N N   . GLY A 1 92  ? -20.522 -16.544 -0.705  1.00 54.27  ? 92  GLY A N   1 
ATOM   535  C CA  . GLY A 1 92  ? -21.288 -15.604 -1.504  1.00 42.10  ? 92  GLY A CA  1 
ATOM   536  C C   . GLY A 1 92  ? -21.035 -14.162 -1.106  1.00 57.17  ? 92  GLY A C   1 
ATOM   537  O O   . GLY A 1 92  ? -21.016 -13.269 -1.959  1.00 63.55  ? 92  GLY A O   1 
ATOM   538  N N   . THR A 1 93  ? -20.847 -13.911 0.192   1.00 60.49  ? 93  THR A N   1 
ATOM   539  C CA  . THR A 1 93  ? -20.444 -12.576 0.618   1.00 57.59  ? 93  THR A CA  1 
ATOM   540  C C   . THR A 1 93  ? -19.065 -12.227 0.077   1.00 61.27  ? 93  THR A C   1 
ATOM   541  O O   . THR A 1 93  ? -18.817 -11.080 -0.311  1.00 64.57  ? 93  THR A O   1 
ATOM   542  C CB  . THR A 1 93  ? -20.456 -12.463 2.146   1.00 47.50  ? 93  THR A CB  1 
ATOM   543  O OG1 . THR A 1 93  ? -19.707 -13.543 2.719   1.00 63.73  ? 93  THR A OG1 1 
ATOM   544  C CG2 . THR A 1 93  ? -21.882 -12.484 2.681   1.00 58.33  ? 93  THR A CG2 1 
ATOM   545  N N   . PHE A 1 94  ? -18.154 -13.206 0.039   1.00 58.61  ? 94  PHE A N   1 
ATOM   546  C CA  . PHE A 1 94  ? -16.818 -12.956 -0.492  1.00 47.01  ? 94  PHE A CA  1 
ATOM   547  C C   . PHE A 1 94  ? -16.873 -12.571 -1.964  1.00 57.11  ? 94  PHE A C   1 
ATOM   548  O O   . PHE A 1 94  ? -16.117 -11.703 -2.414  1.00 63.90  ? 94  PHE A O   1 
ATOM   549  C CB  . PHE A 1 94  ? -15.932 -14.186 -0.286  1.00 55.34  ? 94  PHE A CB  1 
ATOM   550  C CG  . PHE A 1 94  ? -14.604 -14.111 -0.993  1.00 63.70  ? 94  PHE A CG  1 
ATOM   551  C CD1 . PHE A 1 94  ? -13.757 -13.029 -0.805  1.00 79.64  ? 94  PHE A CD1 1 
ATOM   552  C CD2 . PHE A 1 94  ? -14.198 -15.134 -1.833  1.00 73.40  ? 94  PHE A CD2 1 
ATOM   553  C CE1 . PHE A 1 94  ? -12.535 -12.965 -1.454  1.00 87.81  ? 94  PHE A CE1 1 
ATOM   554  C CE2 . PHE A 1 94  ? -12.979 -15.076 -2.482  1.00 80.43  ? 94  PHE A CE2 1 
ATOM   555  C CZ  . PHE A 1 94  ? -12.147 -13.991 -2.293  1.00 80.31  ? 94  PHE A CZ  1 
ATOM   556  N N   . PHE A 1 95  ? -17.767 -13.200 -2.730  1.00 63.74  ? 95  PHE A N   1 
ATOM   557  C CA  . PHE A 1 95  ? -17.913 -12.835 -4.135  1.00 63.70  ? 95  PHE A CA  1 
ATOM   558  C C   . PHE A 1 95  ? -18.471 -11.424 -4.282  1.00 58.97  ? 95  PHE A C   1 
ATOM   559  O O   . PHE A 1 95  ? -18.055 -10.677 -5.176  1.00 59.12  ? 95  PHE A O   1 
ATOM   560  C CB  . PHE A 1 95  ? -18.807 -13.843 -4.855  1.00 52.83  ? 95  PHE A CB  1 
ATOM   561  C CG  . PHE A 1 95  ? -18.941 -13.592 -6.329  1.00 51.39  ? 95  PHE A CG  1 
ATOM   562  C CD1 . PHE A 1 95  ? -17.976 -14.044 -7.211  1.00 60.49  ? 95  PHE A CD1 1 
ATOM   563  C CD2 . PHE A 1 95  ? -20.034 -12.905 -6.833  1.00 53.67  ? 95  PHE A CD2 1 
ATOM   564  C CE1 . PHE A 1 95  ? -18.095 -13.815 -8.570  1.00 62.52  ? 95  PHE A CE1 1 
ATOM   565  C CE2 . PHE A 1 95  ? -20.159 -12.673 -8.192  1.00 59.94  ? 95  PHE A CE2 1 
ATOM   566  C CZ  . PHE A 1 95  ? -19.187 -13.130 -9.060  1.00 61.28  ? 95  PHE A CZ  1 
ATOM   567  N N   . THR A 1 96  ? -19.415 -11.044 -3.417  1.00 44.64  ? 96  THR A N   1 
ATOM   568  C CA  . THR A 1 96  ? -19.942 -9.684  -3.455  1.00 39.67  ? 96  THR A CA  1 
ATOM   569  C C   . THR A 1 96  ? -18.888 -8.669  -3.031  1.00 51.92  ? 96  THR A C   1 
ATOM   570  O O   . THR A 1 96  ? -18.890 -7.532  -3.519  1.00 52.49  ? 96  THR A O   1 
ATOM   571  C CB  . THR A 1 96  ? -21.181 -9.570  -2.563  1.00 27.52  ? 96  THR A CB  1 
ATOM   572  O OG1 . THR A 1 96  ? -22.090 -10.634 -2.869  1.00 25.69  ? 96  THR A OG1 1 
ATOM   573  C CG2 . THR A 1 96  ? -21.885 -8.236  -2.787  1.00 32.55  ? 96  THR A CG2 1 
ATOM   574  N N   . CYS A 1 97  ? -17.982 -9.058  -2.131  1.00 47.74  ? 97  CYS A N   1 
ATOM   575  C CA  . CYS A 1 97  ? -16.893 -8.165  -1.750  1.00 48.16  ? 97  CYS A CA  1 
ATOM   576  C C   . CYS A 1 97  ? -15.973 -7.890  -2.931  1.00 56.23  ? 97  CYS A C   1 
ATOM   577  O O   . CYS A 1 97  ? -15.449 -6.780  -3.075  1.00 50.48  ? 97  CYS A O   1 
ATOM   578  C CB  . CYS A 1 97  ? -16.104 -8.762  -0.585  1.00 45.45  ? 97  CYS A CB  1 
ATOM   579  S SG  . CYS A 1 97  ? -17.022 -8.859  0.967   1.00 52.66  ? 97  CYS A SG  1 
ATOM   580  N N   . LEU A 1 98  ? -15.767 -8.889  -3.792  1.00 59.92  ? 98  LEU A N   1 
ATOM   581  C CA  . LEU A 1 98  ? -14.911 -8.692  -4.956  1.00 52.36  ? 98  LEU A CA  1 
ATOM   582  C C   . LEU A 1 98  ? -15.587 -7.828  -6.013  1.00 55.10  ? 98  LEU A C   1 
ATOM   583  O O   . LEU A 1 98  ? -14.903 -7.112  -6.753  1.00 58.38  ? 98  LEU A O   1 
ATOM   584  C CB  . LEU A 1 98  ? -14.514 -10.043 -5.546  1.00 58.07  ? 98  LEU A CB  1 
ATOM   585  C CG  . LEU A 1 98  ? -13.648 -10.957 -4.677  1.00 64.26  ? 98  LEU A CG  1 
ATOM   586  C CD1 . LEU A 1 98  ? -13.525 -12.333 -5.312  1.00 74.06  ? 98  LEU A CD1 1 
ATOM   587  C CD2 . LEU A 1 98  ? -12.276 -10.343 -4.456  1.00 55.08  ? 98  LEU A CD2 1 
ATOM   588  N N   . VAL A 1 99  ? -16.918 -7.875  -6.098  1.00 53.58  ? 99  VAL A N   1 
ATOM   589  C CA  . VAL A 1 99  ? -17.627 -7.060  -7.079  1.00 50.05  ? 99  VAL A CA  1 
ATOM   590  C C   . VAL A 1 99  ? -17.601 -5.592  -6.669  1.00 49.38  ? 99  VAL A C   1 
ATOM   591  O O   . VAL A 1 99  ? -17.349 -4.704  -7.493  1.00 47.48  ? 99  VAL A O   1 
ATOM   592  C CB  . VAL A 1 99  ? -19.067 -7.570  -7.266  1.00 58.47  ? 99  VAL A CB  1 
ATOM   593  C CG1 . VAL A 1 99  ? -19.838 -6.659  -8.210  1.00 60.09  ? 99  VAL A CG1 1 
ATOM   594  C CG2 . VAL A 1 99  ? -19.059 -8.998  -7.792  1.00 56.94  ? 99  VAL A CG2 1 
ATOM   595  N N   . ILE A 1 100 ? -17.859 -5.312  -5.390  1.00 44.53  ? 100 ILE A N   1 
ATOM   596  C CA  . ILE A 1 100 ? -17.848 -3.929  -4.924  1.00 41.34  ? 100 ILE A CA  1 
ATOM   597  C C   . ILE A 1 100 ? -16.426 -3.378  -4.920  1.00 55.10  ? 100 ILE A C   1 
ATOM   598  O O   . ILE A 1 100 ? -16.210 -2.187  -5.176  1.00 64.36  ? 100 ILE A O   1 
ATOM   599  C CB  . ILE A 1 100 ? -18.506 -3.823  -3.536  1.00 46.46  ? 100 ILE A CB  1 
ATOM   600  C CG1 . ILE A 1 100 ? -17.752 -4.672  -2.512  1.00 55.20  ? 100 ILE A CG1 1 
ATOM   601  C CG2 . ILE A 1 100 ? -19.969 -4.238  -3.605  1.00 42.78  ? 100 ILE A CG2 1 
ATOM   602  C CD1 . ILE A 1 100 ? -18.404 -4.723  -1.152  1.00 72.42  ? 100 ILE A CD1 1 
ATOM   603  N N   . LEU A 1 101 ? -15.436 -4.230  -4.644  1.00 46.31  ? 101 LEU A N   1 
ATOM   604  C CA  . LEU A 1 101 ? -14.048 -3.783  -4.692  1.00 46.45  ? 101 LEU A CA  1 
ATOM   605  C C   . LEU A 1 101 ? -13.614 -3.493  -6.122  1.00 37.70  ? 101 LEU A C   1 
ATOM   606  O O   . LEU A 1 101 ? -12.826 -2.572  -6.364  1.00 36.05  ? 101 LEU A O   1 
ATOM   607  C CB  . LEU A 1 101 ? -13.134 -4.830  -4.057  1.00 49.40  ? 101 LEU A CB  1 
ATOM   608  C CG  . LEU A 1 101 ? -12.701 -4.621  -2.604  1.00 47.77  ? 101 LEU A CG  1 
ATOM   609  C CD1 . LEU A 1 101 ? -13.885 -4.311  -1.703  1.00 59.75  ? 101 LEU A CD1 1 
ATOM   610  C CD2 . LEU A 1 101 ? -11.961 -5.851  -2.108  1.00 50.54  ? 101 LEU A CD2 1 
ATOM   611  N N   . PHE A 1 102 ? -14.117 -4.272  -7.082  1.00 41.92  ? 102 PHE A N   1 
ATOM   612  C CA  . PHE A 1 102 ? -13.776 -4.031  -8.479  1.00 47.16  ? 102 PHE A CA  1 
ATOM   613  C C   . PHE A 1 102 ? -14.405 -2.738  -8.982  1.00 49.08  ? 102 PHE A C   1 
ATOM   614  O O   . PHE A 1 102 ? -13.799 -2.017  -9.784  1.00 58.15  ? 102 PHE A O   1 
ATOM   615  C CB  . PHE A 1 102 ? -14.220 -5.215  -9.339  1.00 52.47  ? 102 PHE A CB  1 
ATOM   616  C CG  . PHE A 1 102 ? -13.641 -5.208  -10.724 1.00 64.59  ? 102 PHE A CG  1 
ATOM   617  C CD1 . PHE A 1 102 ? -12.444 -5.851  -10.991 1.00 66.85  ? 102 PHE A CD1 1 
ATOM   618  C CD2 . PHE A 1 102 ? -14.291 -4.560  -11.760 1.00 65.08  ? 102 PHE A CD2 1 
ATOM   619  C CE1 . PHE A 1 102 ? -11.906 -5.847  -12.263 1.00 66.71  ? 102 PHE A CE1 1 
ATOM   620  C CE2 . PHE A 1 102 ? -13.759 -4.551  -13.035 1.00 65.68  ? 102 PHE A CE2 1 
ATOM   621  C CZ  . PHE A 1 102 ? -12.565 -5.197  -13.286 1.00 78.50  ? 102 PHE A CZ  1 
ATOM   622  N N   . ALA A 1 103 ? -15.619 -2.426  -8.522  1.00 42.66  ? 103 ALA A N   1 
ATOM   623  C CA  . ALA A 1 103 ? -16.262 -1.180  -8.926  1.00 45.66  ? 103 ALA A CA  1 
ATOM   624  C C   . ALA A 1 103 ? -15.594 0.021   -8.269  1.00 52.20  ? 103 ALA A C   1 
ATOM   625  O O   . ALA A 1 103 ? -15.482 1.089   -8.884  1.00 56.68  ? 103 ALA A O   1 
ATOM   626  C CB  . ALA A 1 103 ? -17.751 -1.221  -8.586  1.00 51.12  ? 103 ALA A CB  1 
ATOM   627  N N   . CYS A 1 104 ? -15.145 -0.132  -7.020  1.00 47.94  ? 104 CYS A N   1 
ATOM   628  C CA  . CYS A 1 104 ? -14.432 0.953   -6.355  1.00 43.79  ? 104 CYS A CA  1 
ATOM   629  C C   . CYS A 1 104 ? -13.046 1.160   -6.951  1.00 47.88  ? 104 CYS A C   1 
ATOM   630  O O   . CYS A 1 104 ? -12.533 2.285   -6.945  1.00 49.32  ? 104 CYS A O   1 
ATOM   631  C CB  . CYS A 1 104 ? -14.330 0.678   -4.855  1.00 44.36  ? 104 CYS A CB  1 
ATOM   632  S SG  . CYS A 1 104 ? -15.911 0.711   -3.978  1.00 60.30  ? 104 CYS A SG  1 
ATOM   633  N N   . GLU A 1 105 ? -12.424 0.093   -7.460  1.00 44.75  ? 105 GLU A N   1 
ATOM   634  C CA  . GLU A 1 105 ? -11.136 0.244   -8.130  1.00 40.49  ? 105 GLU A CA  1 
ATOM   635  C C   . GLU A 1 105 ? -11.285 1.012   -9.437  1.00 44.22  ? 105 GLU A C   1 
ATOM   636  O O   . GLU A 1 105 ? -10.433 1.840   -9.778  1.00 51.66  ? 105 GLU A O   1 
ATOM   637  C CB  . GLU A 1 105 ? -10.506 -1.126  -8.381  1.00 40.32  ? 105 GLU A CB  1 
ATOM   638  C CG  . GLU A 1 105 ? -9.169  -1.061  -9.104  1.00 41.51  ? 105 GLU A CG  1 
ATOM   639  C CD  . GLU A 1 105 ? -8.667  -2.423  -9.537  1.00 75.71  ? 105 GLU A CD  1 
ATOM   640  O OE1 . GLU A 1 105 ? -9.168  -3.441  -9.016  1.00 81.37  ? 105 GLU A OE1 1 
ATOM   641  O OE2 . GLU A 1 105 ? -7.772  -2.473  -10.406 1.00 84.29  ? 105 GLU A OE2 1 
ATOM   642  N N   . VAL A 1 106 ? -12.360 0.746   -10.182 1.00 36.94  ? 106 VAL A N   1 
ATOM   643  C CA  . VAL A 1 106 ? -12.633 1.507   -11.400 1.00 41.68  ? 106 VAL A CA  1 
ATOM   644  C C   . VAL A 1 106 ? -12.852 2.975   -11.064 1.00 45.18  ? 106 VAL A C   1 
ATOM   645  O O   . VAL A 1 106 ? -12.335 3.872   -11.742 1.00 41.91  ? 106 VAL A O   1 
ATOM   646  C CB  . VAL A 1 106 ? -13.842 0.910   -12.145 1.00 41.16  ? 106 VAL A CB  1 
ATOM   647  C CG1 . VAL A 1 106 ? -14.246 1.805   -13.305 1.00 38.67  ? 106 VAL A CG1 1 
ATOM   648  C CG2 . VAL A 1 106 ? -13.524 -0.492  -12.636 1.00 51.54  ? 106 VAL A CG2 1 
ATOM   649  N N   . ALA A 1 107 ? -13.621 3.244   -10.006 1.00 54.95  ? 107 ALA A N   1 
ATOM   650  C CA  . ALA A 1 107 ? -13.830 4.620   -9.570  1.00 53.30  ? 107 ALA A CA  1 
ATOM   651  C C   . ALA A 1 107 ? -12.522 5.246   -9.098  1.00 49.10  ? 107 ALA A C   1 
ATOM   652  O O   . ALA A 1 107 ? -12.168 6.356   -9.509  1.00 45.59  ? 107 ALA A O   1 
ATOM   653  C CB  . ALA A 1 107 ? -14.884 4.667   -8.465  1.00 50.62  ? 107 ALA A CB  1 
ATOM   654  N N   . ALA A 1 108 ? -11.789 4.542   -8.232  1.00 49.71  ? 108 ALA A N   1 
ATOM   655  C CA  . ALA A 1 108 ? -10.495 5.041   -7.782  1.00 52.13  ? 108 ALA A CA  1 
ATOM   656  C C   . ALA A 1 108 ? -9.465  5.069   -8.903  1.00 43.57  ? 108 ALA A C   1 
ATOM   657  O O   . ALA A 1 108 ? -8.481  5.808   -8.804  1.00 41.75  ? 108 ALA A O   1 
ATOM   658  C CB  . ALA A 1 108 ? -9.973  4.193   -6.621  1.00 51.67  ? 108 ALA A CB  1 
ATOM   659  N N   . GLY A 1 109 ? -9.668  4.287   -9.960  1.00 51.28  ? 109 GLY A N   1 
ATOM   660  C CA  . GLY A 1 109 ? -8.757  4.284   -11.086 1.00 46.77  ? 109 GLY A CA  1 
ATOM   661  C C   . GLY A 1 109 ? -8.961  5.469   -12.005 1.00 47.68  ? 109 GLY A C   1 
ATOM   662  O O   . GLY A 1 109 ? -8.003  6.166   -12.350 1.00 51.50  ? 109 GLY A O   1 
ATOM   663  N N   . ILE A 1 110 ? -10.211 5.706   -12.410 1.00 46.98  ? 110 ILE A N   1 
ATOM   664  C CA  . ILE A 1 110 ? -10.509 6.835   -13.285 1.00 41.20  ? 110 ILE A CA  1 
ATOM   665  C C   . ILE A 1 110 ? -10.303 8.150   -12.544 1.00 47.02  ? 110 ILE A C   1 
ATOM   666  O O   . ILE A 1 110 ? -9.640  9.066   -13.045 1.00 53.49  ? 110 ILE A O   1 
ATOM   667  C CB  . ILE A 1 110 ? -11.937 6.722   -13.847 1.00 37.74  ? 110 ILE A CB  1 
ATOM   668  C CG1 . ILE A 1 110 ? -12.057 5.514   -14.778 1.00 40.17  ? 110 ILE A CG1 1 
ATOM   669  C CG2 . ILE A 1 110 ? -12.329 8.002   -14.571 1.00 23.70  ? 110 ILE A CG2 1 
ATOM   670  C CD1 . ILE A 1 110 ? -13.414 5.388   -15.443 1.00 25.96  ? 110 ILE A CD1 1 
ATOM   671  N N   . TRP A 1 111 ? -10.872 8.266   -11.341 1.00 46.79  ? 111 TRP A N   1 
ATOM   672  C CA  . TRP A 1 111 ? -10.743 9.505   -10.578 1.00 43.23  ? 111 TRP A CA  1 
ATOM   673  C C   . TRP A 1 111 ? -9.290  9.767   -10.204 1.00 48.22  ? 111 TRP A C   1 
ATOM   674  O O   . TRP A 1 111 ? -8.786  10.884  -10.368 1.00 43.85  ? 111 TRP A O   1 
ATOM   675  C CB  . TRP A 1 111 ? -11.617 9.453   -9.324  1.00 41.67  ? 111 TRP A CB  1 
ATOM   676  C CG  . TRP A 1 111 ? -11.646 10.748  -8.563  1.00 53.13  ? 111 TRP A CG  1 
ATOM   677  C CD1 . TRP A 1 111 ? -12.599 11.721  -8.639  1.00 46.48  ? 111 TRP A CD1 1 
ATOM   678  C CD2 . TRP A 1 111 ? -10.675 11.212  -7.614  1.00 64.92  ? 111 TRP A CD2 1 
ATOM   679  N NE1 . TRP A 1 111 ? -12.284 12.759  -7.796  1.00 48.86  ? 111 TRP A NE1 1 
ATOM   680  C CE2 . TRP A 1 111 ? -11.107 12.471  -7.155  1.00 57.74  ? 111 TRP A CE2 1 
ATOM   681  C CE3 . TRP A 1 111 ? -9.483  10.683  -7.107  1.00 55.01  ? 111 TRP A CE3 1 
ATOM   682  C CZ2 . TRP A 1 111 ? -10.390 13.209  -6.216  1.00 67.66  ? 111 TRP A CZ2 1 
ATOM   683  C CZ3 . TRP A 1 111 ? -8.773  11.417  -6.176  1.00 54.85  ? 111 TRP A CZ3 1 
ATOM   684  C CH2 . TRP A 1 111 ? -9.229  12.666  -5.740  1.00 61.33  ? 111 TRP A CH2 1 
ATOM   685  N N   . GLY A 1 112 ? -8.603  8.747   -9.683  1.00 50.05  ? 112 GLY A N   1 
ATOM   686  C CA  . GLY A 1 112 ? -7.197  8.914   -9.356  1.00 44.03  ? 112 GLY A CA  1 
ATOM   687  C C   . GLY A 1 112 ? -6.357  9.286   -10.561 1.00 48.44  ? 112 GLY A C   1 
ATOM   688  O O   . GLY A 1 112 ? -5.335  9.966   -10.426 1.00 51.40  ? 112 GLY A O   1 
ATOM   689  N N   . PHE A 1 113 ? -6.771  8.851   -11.751 1.00 52.59  ? 113 PHE A N   1 
ATOM   690  C CA  . PHE A 1 113 ? -6.050  9.226   -12.962 1.00 60.25  ? 113 PHE A CA  1 
ATOM   691  C C   . PHE A 1 113 ? -6.242  10.705  -13.272 1.00 50.64  ? 113 PHE A C   1 
ATOM   692  O O   . PHE A 1 113 ? -5.267  11.439  -13.460 1.00 56.96  ? 113 PHE A O   1 
ATOM   693  C CB  . PHE A 1 113 ? -6.505  8.361   -14.138 1.00 63.88  ? 113 PHE A CB  1 
ATOM   694  C CG  . PHE A 1 113 ? -5.902  8.763   -15.456 1.00 70.57  ? 113 PHE A CG  1 
ATOM   695  C CD1 . PHE A 1 113 ? -4.617  8.373   -15.795 1.00 78.60  ? 113 PHE A CD1 1 
ATOM   696  C CD2 . PHE A 1 113 ? -6.625  9.530   -16.355 1.00 53.23  ? 113 PHE A CD2 1 
ATOM   697  C CE1 . PHE A 1 113 ? -4.062  8.744   -17.009 1.00 76.58  ? 113 PHE A CE1 1 
ATOM   698  C CE2 . PHE A 1 113 ? -6.076  9.904   -17.569 1.00 63.95  ? 113 PHE A CE2 1 
ATOM   699  C CZ  . PHE A 1 113 ? -4.793  9.509   -17.895 1.00 67.93  ? 113 PHE A CZ  1 
ATOM   700  N N   . VAL A 1 114 ? -7.497  11.162  -13.316 1.00 39.61  ? 114 VAL A N   1 
ATOM   701  C CA  . VAL A 1 114 ? -7.768  12.559  -13.640 1.00 50.49  ? 114 VAL A CA  1 
ATOM   702  C C   . VAL A 1 114 ? -7.276  13.502  -12.549 1.00 55.50  ? 114 VAL A C   1 
ATOM   703  O O   . VAL A 1 114 ? -7.072  14.692  -12.812 1.00 62.43  ? 114 VAL A O   1 
ATOM   704  C CB  . VAL A 1 114 ? -9.271  12.786  -13.899 1.00 34.60  ? 114 VAL A CB  1 
ATOM   705  C CG1 . VAL A 1 114 ? -9.809  11.766  -14.892 1.00 27.36  ? 114 VAL A CG1 1 
ATOM   706  C CG2 . VAL A 1 114 ? -10.057 12.749  -12.599 1.00 45.04  ? 114 VAL A CG2 1 
ATOM   707  N N   . ASN A 1 115 ? -7.080  13.009  -11.326 1.00 44.00  ? 115 ASN A N   1 
ATOM   708  C CA  . ASN A 1 115 ? -6.499  13.817  -10.260 1.00 55.68  ? 115 ASN A CA  1 
ATOM   709  C C   . ASN A 1 115 ? -5.128  13.277  -9.873  1.00 54.95  ? 115 ASN A C   1 
ATOM   710  O O   . ASN A 1 115 ? -4.848  13.072  -8.688  1.00 54.09  ? 115 ASN A O   1 
ATOM   711  C CB  . ASN A 1 115 ? -7.426  13.853  -9.041  1.00 58.31  ? 115 ASN A CB  1 
ATOM   712  C CG  . ASN A 1 115 ? -8.622  14.761  -9.244  1.00 42.49  ? 115 ASN A CG  1 
ATOM   713  O OD1 . ASN A 1 115 ? -8.518  15.980  -9.112  1.00 38.74  ? 115 ASN A OD1 1 
ATOM   714  N ND2 . ASN A 1 115 ? -9.770  14.171  -9.556  1.00 37.17  ? 115 ASN A ND2 1 
ATOM   715  N N   . LYS A 1 116 ? -4.267  13.045  -10.868 1.00 50.60  ? 116 LYS A N   1 
ATOM   716  C CA  . LYS A 1 116 ? -2.963  12.445  -10.595 1.00 43.65  ? 116 LYS A CA  1 
ATOM   717  C C   . LYS A 1 116 ? -2.062  13.402  -9.820  1.00 53.78  ? 116 LYS A C   1 
ATOM   718  O O   . LYS A 1 116 ? -1.269  12.966  -8.977  1.00 55.13  ? 116 LYS A O   1 
ATOM   719  C CB  . LYS A 1 116 ? -2.298  12.008  -11.906 1.00 40.23  ? 116 LYS A CB  1 
ATOM   720  C CG  . LYS A 1 116 ? -1.776  13.151  -12.766 1.00 53.05  ? 116 LYS A CG  1 
ATOM   721  C CD  . LYS A 1 116 ? -1.532  12.718  -14.203 1.00 75.32  ? 116 LYS A CD  1 
ATOM   722  C CE  . LYS A 1 116 ? -2.834  12.666  -14.992 1.00 78.90  ? 116 LYS A CE  1 
ATOM   723  N NZ  . LYS A 1 116 ? -2.614  12.418  -16.444 1.00 84.07  ? 116 LYS A NZ  1 
ATOM   724  N N   . ASP A 1 117 ? -2.178  14.706  -10.077 1.00 66.83  ? 117 ASP A N   1 
ATOM   725  C CA  . ASP A 1 117 ? -1.388  15.692  -9.349  1.00 64.21  ? 117 ASP A CA  1 
ATOM   726  C C   . ASP A 1 117 ? -1.984  16.027  -7.990  1.00 54.14  ? 117 ASP A C   1 
ATOM   727  O O   . ASP A 1 117 ? -1.256  16.495  -7.109  1.00 45.05  ? 117 ASP A O   1 
ATOM   728  C CB  . ASP A 1 117 ? -1.244  16.973  -10.177 1.00 64.97  ? 117 ASP A CB  1 
ATOM   729  C CG  . ASP A 1 117 ? -0.317  16.799  -11.363 1.00 64.16  ? 117 ASP A CG  1 
ATOM   730  O OD1 . ASP A 1 117 ? -0.044  15.641  -11.745 1.00 58.59  ? 117 ASP A OD1 1 
ATOM   731  O OD2 . ASP A 1 117 ? 0.138   17.822  -11.918 1.00 66.34  ? 117 ASP A OD2 1 
ATOM   732  N N   . GLN A 1 118 ? -3.285  15.801  -7.804  1.00 57.96  ? 118 GLN A N   1 
ATOM   733  C CA  . GLN A 1 118 ? -3.902  16.056  -6.506  1.00 60.18  ? 118 GLN A CA  1 
ATOM   734  C C   . GLN A 1 118 ? -3.367  15.097  -5.451  1.00 67.34  ? 118 GLN A C   1 
ATOM   735  O O   . GLN A 1 118 ? -2.975  15.518  -4.356  1.00 62.61  ? 118 GLN A O   1 
ATOM   736  C CB  . GLN A 1 118 ? -5.423  15.943  -6.617  1.00 66.75  ? 118 GLN A CB  1 
ATOM   737  C CG  . GLN A 1 118 ? -6.174  16.358  -5.361  1.00 72.04  ? 118 GLN A CG  1 
ATOM   738  C CD  . GLN A 1 118 ? -6.169  17.860  -5.142  1.00 82.49  ? 118 GLN A CD  1 
ATOM   739  O OE1 . GLN A 1 118 ? -5.148  18.446  -4.781  1.00 74.76  ? 118 GLN A OE1 1 
ATOM   740  N NE2 . GLN A 1 118 ? -7.316  18.492  -5.364  1.00 63.24  ? 118 GLN A NE2 1 
ATOM   741  N N   . ILE A 1 119 ? -3.341  13.800  -5.765  1.00 68.99  ? 119 ILE A N   1 
ATOM   742  C CA  . ILE A 1 119 ? -2.806  12.826  -4.820  1.00 51.70  ? 119 ILE A CA  1 
ATOM   743  C C   . ILE A 1 119 ? -1.288  12.916  -4.756  1.00 45.87  ? 119 ILE A C   1 
ATOM   744  O O   . ILE A 1 119 ? -0.684  12.591  -3.728  1.00 38.53  ? 119 ILE A O   1 
ATOM   745  C CB  . ILE A 1 119 ? -3.276  11.406  -5.186  1.00 48.24  ? 119 ILE A CB  1 
ATOM   746  C CG1 . ILE A 1 119 ? -2.796  11.020  -6.586  1.00 48.63  ? 119 ILE A CG1 1 
ATOM   747  C CG2 . ILE A 1 119 ? -4.792  11.308  -5.095  1.00 43.25  ? 119 ILE A CG2 1 
ATOM   748  C CD1 . ILE A 1 119 ? -3.345  9.695   -7.076  1.00 44.81  ? 119 ILE A CD1 1 
ATOM   749  N N   . ALA A 1 120 ? -0.646  13.361  -5.841  1.00 49.31  ? 120 ALA A N   1 
ATOM   750  C CA  . ALA A 1 120 ? 0.804   13.525  -5.822  1.00 38.72  ? 120 ALA A CA  1 
ATOM   751  C C   . ALA A 1 120 ? 1.221   14.612  -4.841  1.00 43.90  ? 120 ALA A C   1 
ATOM   752  O O   . ALA A 1 120 ? 2.178   14.434  -4.079  1.00 56.37  ? 120 ALA A O   1 
ATOM   753  C CB  . ALA A 1 120 ? 1.318   13.841  -7.225  1.00 41.44  ? 120 ALA A CB  1 
ATOM   754  N N   . LYS A 1 121 ? 0.515   15.745  -4.842  1.00 49.66  ? 121 LYS A N   1 
ATOM   755  C CA  . LYS A 1 121 ? 0.809   16.795  -3.873  1.00 45.30  ? 121 LYS A CA  1 
ATOM   756  C C   . LYS A 1 121 ? 0.434   16.370  -2.459  1.00 53.32  ? 121 LYS A C   1 
ATOM   757  O O   . LYS A 1 121 ? 1.028   16.858  -1.489  1.00 56.67  ? 121 LYS A O   1 
ATOM   758  C CB  . LYS A 1 121 ? 0.083   18.087  -4.253  1.00 49.16  ? 121 LYS A CB  1 
ATOM   759  C CG  . LYS A 1 121 ? 0.895   19.039  -5.128  1.00 60.04  ? 121 LYS A CG  1 
ATOM   760  C CD  . LYS A 1 121 ? 1.178   18.455  -6.506  1.00 51.90  ? 121 LYS A CD  1 
ATOM   761  C CE  . LYS A 1 121 ? 1.932   19.443  -7.387  1.00 45.22  ? 121 LYS A CE  1 
ATOM   762  N NZ  . LYS A 1 121 ? 1.141   20.680  -7.644  1.00 38.34  ? 121 LYS A NZ  1 
ATOM   763  N N   . ASP A 1 122 ? -0.539  15.466  -2.320  1.00 52.35  ? 122 ASP A N   1 
ATOM   764  C CA  . ASP A 1 122 ? -0.891  14.948  -1.002  1.00 47.86  ? 122 ASP A CA  1 
ATOM   765  C C   . ASP A 1 122 ? 0.150   13.966  -0.482  1.00 53.79  ? 122 ASP A C   1 
ATOM   766  O O   . ASP A 1 122 ? 0.397   13.911  0.728   1.00 43.21  ? 122 ASP A O   1 
ATOM   767  C CB  . ASP A 1 122 ? -2.266  14.281  -1.041  1.00 48.91  ? 122 ASP A CB  1 
ATOM   768  C CG  . ASP A 1 122 ? -3.381  15.258  -1.356  1.00 63.30  ? 122 ASP A CG  1 
ATOM   769  O OD1 . ASP A 1 122 ? -3.221  16.464  -1.066  1.00 62.16  ? 122 ASP A OD1 1 
ATOM   770  O OD2 . ASP A 1 122 ? -4.422  14.821  -1.893  1.00 74.29  ? 122 ASP A OD2 1 
ATOM   771  N N   . VAL A 1 123 ? 0.763   13.182  -1.371  1.00 50.75  ? 123 VAL A N   1 
ATOM   772  C CA  . VAL A 1 123 ? 1.869   12.324  -0.955  1.00 45.32  ? 123 VAL A CA  1 
ATOM   773  C C   . VAL A 1 123 ? 3.073   13.170  -0.556  1.00 47.10  ? 123 VAL A C   1 
ATOM   774  O O   . VAL A 1 123 ? 3.812   12.825  0.375   1.00 66.35  ? 123 VAL A O   1 
ATOM   775  C CB  . VAL A 1 123 ? 2.215   11.319  -2.067  1.00 35.91  ? 123 VAL A CB  1 
ATOM   776  C CG1 . VAL A 1 123 ? 3.491   10.566  -1.732  1.00 27.82  ? 123 VAL A CG1 1 
ATOM   777  C CG2 . VAL A 1 123 ? 1.067   10.341  -2.267  1.00 20.23  ? 123 VAL A CG2 1 
ATOM   778  N N   . LYS A 1 124 ? 3.281   14.297  -1.241  1.00 37.58  ? 124 LYS A N   1 
ATOM   779  C CA  . LYS A 1 124 ? 4.330   15.234  -0.849  1.00 37.28  ? 124 LYS A CA  1 
ATOM   780  C C   . LYS A 1 124 ? 4.113   15.732  0.573   1.00 42.39  ? 124 LYS A C   1 
ATOM   781  O O   . LYS A 1 124 ? 5.011   15.656  1.420   1.00 51.89  ? 124 LYS A O   1 
ATOM   782  C CB  . LYS A 1 124 ? 4.365   16.418  -1.816  1.00 49.84  ? 124 LYS A CB  1 
ATOM   783  C CG  . LYS A 1 124 ? 4.766   16.083  -3.224  1.00 45.76  ? 124 LYS A CG  1 
ATOM   784  C CD  . LYS A 1 124 ? 4.732   17.330  -4.082  1.00 66.76  ? 124 LYS A CD  1 
ATOM   785  C CE  . LYS A 1 124 ? 5.120   17.005  -5.501  1.00 64.40  ? 124 LYS A CE  1 
ATOM   786  N NZ  . LYS A 1 124 ? 6.455   16.358  -5.550  1.00 84.15  ? 124 LYS A NZ  1 
ATOM   787  N N   . GLN A 1 125 ? 2.916   16.257  0.846   1.00 46.10  ? 125 GLN A N   1 
ATOM   788  C CA  . GLN A 1 125 ? 2.623   16.797  2.168   1.00 63.59  ? 125 GLN A CA  1 
ATOM   789  C C   . GLN A 1 125 ? 2.716   15.715  3.234   1.00 69.20  ? 125 GLN A C   1 
ATOM   790  O O   . GLN A 1 125 ? 3.129   15.985  4.368   1.00 81.41  ? 125 GLN A O   1 
ATOM   791  C CB  . GLN A 1 125 ? 1.239   17.445  2.167   1.00 60.46  ? 125 GLN A CB  1 
ATOM   792  C CG  . GLN A 1 125 ? 0.916   18.236  3.417   1.00 74.08  ? 125 GLN A CG  1 
ATOM   793  C CD  . GLN A 1 125 ? -0.421  18.942  3.319   1.00 81.37  ? 125 GLN A CD  1 
ATOM   794  O OE1 . GLN A 1 125 ? -0.763  19.769  4.165   1.00 87.69  ? 125 GLN A OE1 1 
ATOM   795  N NE2 . GLN A 1 125 ? -1.186  18.618  2.283   1.00 86.77  ? 125 GLN A NE2 1 
ATOM   796  N N   . PHE A 1 126 ? 2.342   14.481  2.887   1.00 67.72  ? 126 PHE A N   1 
ATOM   797  C CA  . PHE A 1 126 ? 2.511   13.365  3.812   1.00 53.54  ? 126 PHE A CA  1 
ATOM   798  C C   . PHE A 1 126 ? 3.986   13.126  4.108   1.00 51.53  ? 126 PHE A C   1 
ATOM   799  O O   . PHE A 1 126 ? 4.380   12.951  5.267   1.00 50.28  ? 126 PHE A O   1 
ATOM   800  C CB  . PHE A 1 126 ? 1.863   12.107  3.233   1.00 45.01  ? 126 PHE A CB  1 
ATOM   801  C CG  . PHE A 1 126 ? 2.113   10.865  4.042   1.00 51.92  ? 126 PHE A CG  1 
ATOM   802  C CD1 . PHE A 1 126 ? 1.335   10.577  5.151   1.00 51.13  ? 126 PHE A CD1 1 
ATOM   803  C CD2 . PHE A 1 126 ? 3.118   9.980   3.688   1.00 42.64  ? 126 PHE A CD2 1 
ATOM   804  C CE1 . PHE A 1 126 ? 1.560   9.433   5.896   1.00 41.04  ? 126 PHE A CE1 1 
ATOM   805  C CE2 . PHE A 1 126 ? 3.349   8.837   4.429   1.00 40.54  ? 126 PHE A CE2 1 
ATOM   806  C CZ  . PHE A 1 126 ? 2.568   8.563   5.534   1.00 40.68  ? 126 PHE A CZ  1 
ATOM   807  N N   . TYR A 1 127 ? 4.820   13.122  3.065   1.00 49.33  ? 127 TYR A N   1 
ATOM   808  C CA  . TYR A 1 127 ? 6.251   12.919  3.253   1.00 49.22  ? 127 TYR A CA  1 
ATOM   809  C C   . TYR A 1 127 ? 6.897   14.090  3.984   1.00 56.62  ? 127 TYR A C   1 
ATOM   810  O O   . TYR A 1 127 ? 7.841   13.889  4.757   1.00 60.62  ? 127 TYR A O   1 
ATOM   811  C CB  . TYR A 1 127 ? 6.921   12.695  1.896   1.00 55.96  ? 127 TYR A CB  1 
ATOM   812  C CG  . TYR A 1 127 ? 8.434   12.723  1.930   1.00 46.73  ? 127 TYR A CG  1 
ATOM   813  C CD1 . TYR A 1 127 ? 9.160   11.610  2.334   1.00 45.77  ? 127 TYR A CD1 1 
ATOM   814  C CD2 . TYR A 1 127 ? 9.135   13.857  1.541   1.00 44.08  ? 127 TYR A CD2 1 
ATOM   815  C CE1 . TYR A 1 127 ? 10.541  11.631  2.361   1.00 49.32  ? 127 TYR A CE1 1 
ATOM   816  C CE2 . TYR A 1 127 ? 10.514  13.887  1.564   1.00 54.69  ? 127 TYR A CE2 1 
ATOM   817  C CZ  . TYR A 1 127 ? 11.211  12.772  1.975   1.00 45.86  ? 127 TYR A CZ  1 
ATOM   818  O OH  . TYR A 1 127 ? 12.586  12.803  1.998   1.00 43.89  ? 127 TYR A OH  1 
ATOM   819  N N   . ASP A 1 128 ? 6.404   15.309  3.759   1.00 65.29  ? 128 ASP A N   1 
ATOM   820  C CA  . ASP A 1 128 ? 6.993   16.478  4.403   1.00 57.57  ? 128 ASP A CA  1 
ATOM   821  C C   . ASP A 1 128 ? 6.746   16.460  5.908   1.00 49.12  ? 128 ASP A C   1 
ATOM   822  O O   . ASP A 1 128 ? 7.673   16.665  6.701   1.00 49.62  ? 128 ASP A O   1 
ATOM   823  C CB  . ASP A 1 128 ? 6.437   17.758  3.777   1.00 65.55  ? 128 ASP A CB  1 
ATOM   824  C CG  . ASP A 1 128 ? 6.938   17.978  2.361   1.00 65.12  ? 128 ASP A CG  1 
ATOM   825  O OD1 . ASP A 1 128 ? 7.488   17.026  1.768   1.00 53.56  ? 128 ASP A OD1 1 
ATOM   826  O OD2 . ASP A 1 128 ? 6.781   19.103  1.840   1.00 57.03  ? 128 ASP A OD2 1 
ATOM   827  N N   . GLN A 1 129 ? 5.501   16.215  6.320   1.00 46.18  ? 129 GLN A N   1 
ATOM   828  C CA  . GLN A 1 129 ? 5.193   16.168  7.746   1.00 51.52  ? 129 GLN A CA  1 
ATOM   829  C C   . GLN A 1 129 ? 5.870   14.987  8.428   1.00 68.62  ? 129 GLN A C   1 
ATOM   830  O O   . GLN A 1 129 ? 6.275   15.093  9.592   1.00 49.82  ? 129 GLN A O   1 
ATOM   831  C CB  . GLN A 1 129 ? 3.682   16.104  7.957   1.00 54.49  ? 129 GLN A CB  1 
ATOM   832  C CG  . GLN A 1 129 ? 2.922   17.290  7.385   1.00 71.19  ? 129 GLN A CG  1 
ATOM   833  C CD  . GLN A 1 129 ? 1.437   17.213  7.667   1.00 62.93  ? 129 GLN A CD  1 
ATOM   834  O OE1 . GLN A 1 129 ? 0.977   16.344  8.409   1.00 69.24  ? 129 GLN A OE1 1 
ATOM   835  N NE2 . GLN A 1 129 ? 0.674   18.123  7.071   1.00 56.58  ? 129 GLN A NE2 1 
ATOM   836  N N   . ALA A 1 130 ? 5.997   13.859  7.727   1.00 81.33  ? 130 ALA A N   1 
ATOM   837  C CA  . ALA A 1 130 ? 6.673   12.704  8.305   1.00 57.76  ? 130 ALA A CA  1 
ATOM   838  C C   . ALA A 1 130 ? 8.161   12.974  8.490   1.00 46.63  ? 130 ALA A C   1 
ATOM   839  O O   . ALA A 1 130 ? 8.752   12.564  9.495   1.00 52.57  ? 130 ALA A O   1 
ATOM   840  C CB  . ALA A 1 130 ? 6.453   11.473  7.426   1.00 51.74  ? 130 ALA A CB  1 
ATOM   841  N N   . LEU A 1 131 ? 8.782   13.664  7.531   1.00 55.61  ? 131 LEU A N   1 
ATOM   842  C CA  . LEU A 1 131 ? 10.208  13.958  7.636   1.00 43.61  ? 131 LEU A CA  1 
ATOM   843  C C   . LEU A 1 131 ? 10.481  14.995  8.718   1.00 33.60  ? 131 LEU A C   1 
ATOM   844  O O   . LEU A 1 131 ? 11.494  14.913  9.423   1.00 36.16  ? 131 LEU A O   1 
ATOM   845  C CB  . LEU A 1 131 ? 10.741  14.436  6.286   1.00 42.86  ? 131 LEU A CB  1 
ATOM   846  C CG  . LEU A 1 131 ? 12.216  14.835  6.232   1.00 37.88  ? 131 LEU A CG  1 
ATOM   847  C CD1 . LEU A 1 131 ? 13.112  13.653  6.566   1.00 40.11  ? 131 LEU A CD1 1 
ATOM   848  C CD2 . LEU A 1 131 ? 12.555  15.402  4.866   1.00 57.67  ? 131 LEU A CD2 1 
ATOM   849  N N   . GLN A 1 132 ? 9.590   15.979  8.863   1.00 39.57  ? 132 GLN A N   1 
ATOM   850  C CA  . GLN A 1 132 ? 9.770   16.999  9.891   1.00 45.62  ? 132 GLN A CA  1 
ATOM   851  C C   . GLN A 1 132 ? 9.728   16.385  11.284  1.00 50.45  ? 132 GLN A C   1 
ATOM   852  O O   . GLN A 1 132 ? 10.585  16.670  12.128  1.00 53.23  ? 132 GLN A O   1 
ATOM   853  C CB  . GLN A 1 132 ? 8.700   18.082  9.745   1.00 46.15  ? 132 GLN A CB  1 
ATOM   854  C CG  . GLN A 1 132 ? 8.752   19.158  10.818  1.00 44.81  ? 132 GLN A CG  1 
ATOM   855  C CD  . GLN A 1 132 ? 7.571   20.107  10.747  1.00 58.62  ? 132 GLN A CD  1 
ATOM   856  O OE1 . GLN A 1 132 ? 6.608   19.865  10.020  1.00 67.42  ? 132 GLN A OE1 1 
ATOM   857  N NE2 . GLN A 1 132 ? 7.641   21.195  11.506  1.00 66.19  ? 132 GLN A NE2 1 
ATOM   858  N N   . GLN A 1 133 ? 8.734   15.534  11.542  1.00 47.48  ? 133 GLN A N   1 
ATOM   859  C CA  . GLN A 1 133 ? 8.614   14.909  12.852  1.00 39.64  ? 133 GLN A CA  1 
ATOM   860  C C   . GLN A 1 133 ? 9.698   13.868  13.097  1.00 50.45  ? 133 GLN A C   1 
ATOM   861  O O   . GLN A 1 133 ? 10.040  13.609  14.254  1.00 56.26  ? 133 GLN A O   1 
ATOM   862  C CB  . GLN A 1 133 ? 7.228   14.278  13.002  1.00 46.71  ? 133 GLN A CB  1 
ATOM   863  C CG  . GLN A 1 133 ? 6.887   13.837  14.418  1.00 57.96  ? 133 GLN A CG  1 
ATOM   864  C CD  . GLN A 1 133 ? 5.520   13.193  14.518  1.00 78.61  ? 133 GLN A CD  1 
ATOM   865  O OE1 . GLN A 1 133 ? 5.022   12.935  15.614  1.00 70.66  ? 133 GLN A OE1 1 
ATOM   866  N NE2 . GLN A 1 133 ? 4.907   12.927  13.371  1.00 100.11 ? 133 GLN A NE2 1 
ATOM   867  N N   . ALA A 1 134 ? 10.250  13.272  12.040  1.00 51.77  ? 134 ALA A N   1 
ATOM   868  C CA  . ALA A 1 134 ? 11.300  12.278  12.221  1.00 42.82  ? 134 ALA A CA  1 
ATOM   869  C C   . ALA A 1 134 ? 12.628  12.924  12.598  1.00 45.98  ? 134 ALA A C   1 
ATOM   870  O O   . ALA A 1 134 ? 13.384  12.369  13.403  1.00 46.01  ? 134 ALA A O   1 
ATOM   871  C CB  . ALA A 1 134 ? 11.454  11.439  10.951  1.00 30.49  ? 134 ALA A CB  1 
ATOM   872  N N   . VAL A 1 135 ? 12.926  14.098  12.040  1.00 51.03  ? 135 VAL A N   1 
ATOM   873  C CA  . VAL A 1 135 ? 14.212  14.737  12.305  1.00 54.03  ? 135 VAL A CA  1 
ATOM   874  C C   . VAL A 1 135 ? 14.159  15.555  13.589  1.00 57.43  ? 135 VAL A C   1 
ATOM   875  O O   . VAL A 1 135 ? 15.036  15.440  14.451  1.00 52.91  ? 135 VAL A O   1 
ATOM   876  C CB  . VAL A 1 135 ? 14.635  15.603  11.104  1.00 41.06  ? 135 VAL A CB  1 
ATOM   877  C CG1 . VAL A 1 135 ? 15.943  16.319  11.402  1.00 38.97  ? 135 VAL A CG1 1 
ATOM   878  C CG2 . VAL A 1 135 ? 14.767  14.748  9.852   1.00 35.72  ? 135 VAL A CG2 1 
ATOM   879  N N   . VAL A 1 136 ? 13.128  16.389  13.738  1.00 56.71  ? 136 VAL A N   1 
ATOM   880  C CA  . VAL A 1 136 ? 13.045  17.269  14.899  1.00 50.34  ? 136 VAL A CA  1 
ATOM   881  C C   . VAL A 1 136 ? 12.739  16.468  16.158  1.00 63.61  ? 136 VAL A C   1 
ATOM   882  O O   . VAL A 1 136 ? 13.362  16.666  17.207  1.00 68.92  ? 136 VAL A O   1 
ATOM   883  C CB  . VAL A 1 136 ? 11.997  18.371  14.660  1.00 47.06  ? 136 VAL A CB  1 
ATOM   884  C CG1 . VAL A 1 136 ? 11.909  19.294  15.868  1.00 50.55  ? 136 VAL A CG1 1 
ATOM   885  C CG2 . VAL A 1 136 ? 12.335  19.158  13.403  1.00 47.91  ? 136 VAL A CG2 1 
ATOM   886  N N   . ASP A 1 137 ? 11.780  15.548  16.075  1.00 59.24  ? 137 ASP A N   1 
ATOM   887  C CA  . ASP A 1 137 ? 11.371  14.729  17.211  1.00 68.61  ? 137 ASP A CA  1 
ATOM   888  C C   . ASP A 1 137 ? 12.079  13.382  17.110  1.00 72.47  ? 137 ASP A C   1 
ATOM   889  O O   . ASP A 1 137 ? 11.717  12.541  16.281  1.00 57.04  ? 137 ASP A O   1 
ATOM   890  C CB  . ASP A 1 137 ? 9.854   14.560  17.240  1.00 68.80  ? 137 ASP A CB  1 
ATOM   891  C CG  . ASP A 1 137 ? 9.319   14.345  18.641  1.00 80.87  ? 137 ASP A CG  1 
ATOM   892  O OD1 . ASP A 1 137 ? 9.844   14.977  19.582  1.00 78.30  ? 137 ASP A OD1 1 
ATOM   893  O OD2 . ASP A 1 137 ? 8.371   13.547  18.802  1.00 89.41  ? 137 ASP A OD2 1 
ATOM   894  N N   . ASP A 1 138 ? 13.090  13.180  17.959  1.00 66.95  ? 138 ASP A N   1 
ATOM   895  C CA  . ASP A 1 138 ? 13.888  11.961  17.910  1.00 50.35  ? 138 ASP A CA  1 
ATOM   896  C C   . ASP A 1 138 ? 13.140  10.751  18.460  1.00 61.50  ? 138 ASP A C   1 
ATOM   897  O O   . ASP A 1 138 ? 13.507  9.614   18.148  1.00 55.08  ? 138 ASP A O   1 
ATOM   898  C CB  . ASP A 1 138 ? 15.193  12.172  18.679  1.00 37.81  ? 138 ASP A CB  1 
ATOM   899  C CG  . ASP A 1 138 ? 16.191  11.051  18.467  1.00 52.24  ? 138 ASP A CG  1 
ATOM   900  O OD1 . ASP A 1 138 ? 16.070  10.318  17.466  1.00 53.02  ? 138 ASP A OD1 1 
ATOM   901  O OD2 . ASP A 1 138 ? 17.107  10.908  19.302  1.00 56.81  ? 138 ASP A OD2 1 
ATOM   902  N N   . ASP A 1 139 ? 12.097  10.966  19.265  1.00 71.67  ? 139 ASP A N   1 
ATOM   903  C CA  . ASP A 1 139 ? 11.303  9.877   19.821  1.00 70.27  ? 139 ASP A CA  1 
ATOM   904  C C   . ASP A 1 139 ? 10.090  9.535   18.963  1.00 70.07  ? 139 ASP A C   1 
ATOM   905  O O   . ASP A 1 139 ? 9.085   9.036   19.485  1.00 68.33  ? 139 ASP A O   1 
ATOM   906  C CB  . ASP A 1 139 ? 10.869  10.218  21.248  1.00 69.54  ? 139 ASP A CB  1 
ATOM   907  C CG  . ASP A 1 139 ? 10.244  11.594  21.351  1.00 90.07  ? 139 ASP A CG  1 
ATOM   908  O OD1 . ASP A 1 139 ? 10.744  12.524  20.685  1.00 84.06  ? 139 ASP A OD1 1 
ATOM   909  O OD2 . ASP A 1 139 ? 9.252   11.743  22.096  1.00 111.15 ? 139 ASP A OD2 1 
ATOM   910  N N   . ALA A 1 140 ? 10.160  9.787   17.656  1.00 57.83  ? 140 ALA A N   1 
ATOM   911  C CA  . ALA A 1 140 ? 9.058   9.498   16.740  1.00 52.24  ? 140 ALA A CA  1 
ATOM   912  C C   . ALA A 1 140 ? 9.401   8.230   15.963  1.00 47.48  ? 140 ALA A C   1 
ATOM   913  O O   . ALA A 1 140 ? 9.892   8.269   14.835  1.00 43.29  ? 140 ALA A O   1 
ATOM   914  C CB  . ALA A 1 140 ? 8.802   10.684  15.814  1.00 50.07  ? 140 ALA A CB  1 
ATOM   915  N N   . ASN A 1 141 ? 9.131   7.082   16.591  1.00 48.39  ? 141 ASN A N   1 
ATOM   916  C CA  . ASN A 1 141 ? 9.404   5.804   15.943  1.00 55.10  ? 141 ASN A CA  1 
ATOM   917  C C   . ASN A 1 141 ? 8.556   5.618   14.692  1.00 55.13  ? 141 ASN A C   1 
ATOM   918  O O   . ASN A 1 141 ? 8.988   4.957   13.740  1.00 54.51  ? 141 ASN A O   1 
ATOM   919  C CB  . ASN A 1 141 ? 9.163   4.654   16.923  1.00 82.08  ? 141 ASN A CB  1 
ATOM   920  C CG  . ASN A 1 141 ? 9.930   4.822   18.219  1.00 78.15  ? 141 ASN A CG  1 
ATOM   921  O OD1 . ASN A 1 141 ? 11.100  4.456   18.315  1.00 95.86  ? 141 ASN A OD1 1 
ATOM   922  N ND2 . ASN A 1 141 ? 9.268   5.376   19.231  1.00 55.41  ? 141 ASN A ND2 1 
ATOM   923  N N   . ASN A 1 142 ? 7.352   6.193   14.673  1.00 50.00  ? 142 ASN A N   1 
ATOM   924  C CA  . ASN A 1 142 ? 6.489   6.064   13.504  1.00 55.83  ? 142 ASN A CA  1 
ATOM   925  C C   . ASN A 1 142 ? 6.967   6.950   12.361  1.00 53.39  ? 142 ASN A C   1 
ATOM   926  O O   . ASN A 1 142 ? 7.001   6.514   11.204  1.00 49.38  ? 142 ASN A O   1 
ATOM   927  C CB  . ASN A 1 142 ? 5.046   6.402   13.879  1.00 61.11  ? 142 ASN A CB  1 
ATOM   928  C CG  . ASN A 1 142 ? 4.929   7.710   14.640  1.00 53.66  ? 142 ASN A CG  1 
ATOM   929  O OD1 . ASN A 1 142 ? 5.875   8.496   14.699  1.00 62.28  ? 142 ASN A OD1 1 
ATOM   930  N ND2 . ASN A 1 142 ? 3.763   7.949   15.230  1.00 47.14  ? 142 ASN A ND2 1 
ATOM   931  N N   . ALA A 1 143 ? 7.341   8.195   12.664  1.00 47.43  ? 143 ALA A N   1 
ATOM   932  C CA  . ALA A 1 143 ? 7.790   9.108   11.618  1.00 42.83  ? 143 ALA A CA  1 
ATOM   933  C C   . ALA A 1 143 ? 9.094   8.632   10.989  1.00 52.57  ? 143 ALA A C   1 
ATOM   934  O O   . ALA A 1 143 ? 9.293   8.777   9.778   1.00 49.74  ? 143 ALA A O   1 
ATOM   935  C CB  . ALA A 1 143 ? 7.947   10.519  12.184  1.00 48.78  ? 143 ALA A CB  1 
ATOM   936  N N   . LYS A 1 144 ? 9.992   8.059   11.793  1.00 59.18  ? 144 LYS A N   1 
ATOM   937  C CA  . LYS A 1 144 ? 11.245  7.544   11.252  1.00 54.87  ? 144 LYS A CA  1 
ATOM   938  C C   . LYS A 1 144 ? 11.002  6.331   10.365  1.00 45.14  ? 144 LYS A C   1 
ATOM   939  O O   . LYS A 1 144 ? 11.561  6.229   9.268   1.00 37.82  ? 144 LYS A O   1 
ATOM   940  C CB  . LYS A 1 144 ? 12.206  7.194   12.387  1.00 33.28  ? 144 LYS A CB  1 
ATOM   941  C CG  . LYS A 1 144 ? 12.710  8.391   13.165  1.00 38.49  ? 144 LYS A CG  1 
ATOM   942  C CD  . LYS A 1 144 ? 13.620  7.952   14.296  1.00 59.60  ? 144 LYS A CD  1 
ATOM   943  C CE  . LYS A 1 144 ? 14.150  9.143   15.065  1.00 48.43  ? 144 LYS A CE  1 
ATOM   944  N NZ  . LYS A 1 144 ? 14.972  8.723   16.232  1.00 48.67  ? 144 LYS A NZ  1 
ATOM   945  N N   . ALA A 1 145 ? 10.164  5.398   10.826  1.00 44.16  ? 145 ALA A N   1 
ATOM   946  C CA  . ALA A 1 145 ? 9.894   4.194   10.047  1.00 40.89  ? 145 ALA A CA  1 
ATOM   947  C C   . ALA A 1 145 ? 9.245   4.520   8.710   1.00 53.30  ? 145 ALA A C   1 
ATOM   948  O O   . ALA A 1 145 ? 9.497   3.834   7.714   1.00 64.11  ? 145 ALA A O   1 
ATOM   949  C CB  . ALA A 1 145 ? 9.007   3.239   10.847  1.00 33.62  ? 145 ALA A CB  1 
ATOM   950  N N   . VAL A 1 146 ? 8.412   5.560   8.665   1.00 47.76  ? 146 VAL A N   1 
ATOM   951  C CA  . VAL A 1 146 ? 7.748   5.928   7.417   1.00 39.36  ? 146 VAL A CA  1 
ATOM   952  C C   . VAL A 1 146 ? 8.745   6.555   6.449   1.00 35.82  ? 146 VAL A C   1 
ATOM   953  O O   . VAL A 1 146 ? 8.809   6.185   5.270   1.00 49.20  ? 146 VAL A O   1 
ATOM   954  C CB  . VAL A 1 146 ? 6.564   6.869   7.700   1.00 34.79  ? 146 VAL A CB  1 
ATOM   955  C CG1 . VAL A 1 146 ? 6.042   7.473   6.407   1.00 39.68  ? 146 VAL A CG1 1 
ATOM   956  C CG2 . VAL A 1 146 ? 5.455   6.121   8.423   1.00 32.90  ? 146 VAL A CG2 1 
ATOM   957  N N   . VAL A 1 147 ? 9.540   7.512   6.934   1.00 40.88  ? 147 VAL A N   1 
ATOM   958  C CA  . VAL A 1 147 ? 10.497  8.194   6.068   1.00 44.93  ? 147 VAL A CA  1 
ATOM   959  C C   . VAL A 1 147 ? 11.625  7.258   5.660   1.00 47.48  ? 147 VAL A C   1 
ATOM   960  O O   . VAL A 1 147 ? 12.111  7.320   4.523   1.00 46.45  ? 147 VAL A O   1 
ATOM   961  C CB  . VAL A 1 147 ? 11.032  9.456   6.768   1.00 43.64  ? 147 VAL A CB  1 
ATOM   962  C CG1 . VAL A 1 147 ? 12.067  10.154  5.907   1.00 46.27  ? 147 VAL A CG1 1 
ATOM   963  C CG2 . VAL A 1 147 ? 9.890   10.398  7.079   1.00 36.17  ? 147 VAL A CG2 1 
ATOM   964  N N   . LYS A 1 148 ? 12.057  6.373   6.562   1.00 50.88  ? 148 LYS A N   1 
ATOM   965  C CA  . LYS A 1 148 ? 13.113  5.430   6.213   1.00 46.82  ? 148 LYS A CA  1 
ATOM   966  C C   . LYS A 1 148 ? 12.662  4.482   5.109   1.00 53.53  ? 148 LYS A C   1 
ATOM   967  O O   . LYS A 1 148 ? 13.410  4.228   4.158   1.00 45.25  ? 148 LYS A O   1 
ATOM   968  C CB  . LYS A 1 148 ? 13.553  4.649   7.451   1.00 31.53  ? 148 LYS A CB  1 
ATOM   969  C CG  . LYS A 1 148 ? 14.893  3.948   7.310   1.00 37.63  ? 148 LYS A CG  1 
ATOM   970  C CD  . LYS A 1 148 ? 15.317  3.330   8.631   1.00 54.17  ? 148 LYS A CD  1 
ATOM   971  C CE  . LYS A 1 148 ? 16.711  2.732   8.554   1.00 37.70  ? 148 LYS A CE  1 
ATOM   972  N NZ  . LYS A 1 148 ? 17.115  2.141   9.860   1.00 36.52  ? 148 LYS A NZ  1 
ATOM   973  N N   . THR A 1 149 ? 11.436  3.958   5.208   1.00 56.18  ? 149 THR A N   1 
ATOM   974  C CA  . THR A 1 149 ? 10.916  3.119   4.131   1.00 54.77  ? 149 THR A CA  1 
ATOM   975  C C   . THR A 1 149 ? 10.743  3.919   2.845   1.00 58.65  ? 149 THR A C   1 
ATOM   976  O O   . THR A 1 149 ? 11.026  3.414   1.752   1.00 51.42  ? 149 THR A O   1 
ATOM   977  C CB  . THR A 1 149 ? 9.592   2.474   4.542   1.00 31.04  ? 149 THR A CB  1 
ATOM   978  O OG1 . THR A 1 149 ? 8.690   3.483   5.014   1.00 37.75  ? 149 THR A OG1 1 
ATOM   979  C CG2 . THR A 1 149 ? 9.821   1.439   5.632   1.00 21.94  ? 149 THR A CG2 1 
ATOM   980  N N   . PHE A 1 150 ? 10.284  5.170   2.952   1.00 62.44  ? 150 PHE A N   1 
ATOM   981  C CA  . PHE A 1 150 ? 10.225  6.033   1.775   1.00 52.64  ? 150 PHE A CA  1 
ATOM   982  C C   . PHE A 1 150 ? 11.610  6.263   1.186   1.00 58.72  ? 150 PHE A C   1 
ATOM   983  O O   . PHE A 1 150 ? 11.749  6.420   -0.033  1.00 51.08  ? 150 PHE A O   1 
ATOM   984  C CB  . PHE A 1 150 ? 9.567   7.371   2.124   1.00 48.42  ? 150 PHE A CB  1 
ATOM   985  C CG  . PHE A 1 150 ? 8.075   7.387   1.929   1.00 68.68  ? 150 PHE A CG  1 
ATOM   986  C CD1 . PHE A 1 150 ? 7.415   6.271   1.441   1.00 92.99  ? 150 PHE A CD1 1 
ATOM   987  C CD2 . PHE A 1 150 ? 7.334   8.523   2.216   1.00 67.25  ? 150 PHE A CD2 1 
ATOM   988  C CE1 . PHE A 1 150 ? 6.045   6.282   1.255   1.00 88.46  ? 150 PHE A CE1 1 
ATOM   989  C CE2 . PHE A 1 150 ? 5.961   8.541   2.032   1.00 56.15  ? 150 PHE A CE2 1 
ATOM   990  C CZ  . PHE A 1 150 ? 5.317   7.418   1.550   1.00 78.68  ? 150 PHE A CZ  1 
ATOM   991  N N   . HIS A 1 151 ? 12.643  6.278   2.030   1.00 65.89  ? 151 HIS A N   1 
ATOM   992  C CA  . HIS A 1 151 ? 14.006  6.448   1.541   1.00 59.83  ? 151 HIS A CA  1 
ATOM   993  C C   . HIS A 1 151 ? 14.528  5.177   0.880   1.00 67.80  ? 151 HIS A C   1 
ATOM   994  O O   . HIS A 1 151 ? 15.162  5.242   -0.178  1.00 64.72  ? 151 HIS A O   1 
ATOM   995  C CB  . HIS A 1 151 ? 14.924  6.875   2.687   1.00 57.99  ? 151 HIS A CB  1 
ATOM   996  C CG  . HIS A 1 151 ? 14.736  8.300   3.109   1.00 56.20  ? 151 HIS A CG  1 
ATOM   997  N ND1 . HIS A 1 151 ? 13.892  9.165   2.449   1.00 61.10  ? 151 HIS A ND1 1 
ATOM   998  C CD2 . HIS A 1 151 ? 15.291  9.013   4.117   1.00 46.55  ? 151 HIS A CD2 1 
ATOM   999  C CE1 . HIS A 1 151 ? 13.931  10.349  3.034   1.00 49.04  ? 151 HIS A CE1 1 
ATOM   1000 N NE2 . HIS A 1 151 ? 14.775  10.283  4.049   1.00 42.77  ? 151 HIS A NE2 1 
ATOM   1001 N N   . GLU A 1 152 ? 14.269  4.016   1.488   1.00 63.72  ? 152 GLU A N   1 
ATOM   1002 C CA  . GLU A 1 152 ? 14.733  2.761   0.906   1.00 65.78  ? 152 GLU A CA  1 
ATOM   1003 C C   . GLU A 1 152 ? 13.983  2.420   -0.376  1.00 74.66  ? 152 GLU A C   1 
ATOM   1004 O O   . GLU A 1 152 ? 14.530  1.728   -1.245  1.00 82.03  ? 152 GLU A O   1 
ATOM   1005 C CB  . GLU A 1 152 ? 14.591  1.622   1.918   1.00 73.66  ? 152 GLU A CB  1 
ATOM   1006 C CG  . GLU A 1 152 ? 15.306  1.853   3.243   1.00 73.14  ? 152 GLU A CG  1 
ATOM   1007 C CD  . GLU A 1 152 ? 16.818  1.806   3.123   1.00 70.40  ? 152 GLU A CD  1 
ATOM   1008 O OE1 . GLU A 1 152 ? 17.325  1.298   2.102   1.00 78.50  ? 152 GLU A OE1 1 
ATOM   1009 O OE2 . GLU A 1 152 ? 17.501  2.280   4.056   1.00 60.28  ? 152 GLU A OE2 1 
ATOM   1010 N N   . THR A 1 153 ? 12.739  2.890   -0.516  1.00 75.51  ? 153 THR A N   1 
ATOM   1011 C CA  . THR A 1 153 ? 11.947  2.552   -1.694  1.00 80.72  ? 153 THR A CA  1 
ATOM   1012 C C   . THR A 1 153 ? 12.260  3.466   -2.873  1.00 89.40  ? 153 THR A C   1 
ATOM   1013 O O   . THR A 1 153 ? 12.229  3.023   -4.027  1.00 90.77  ? 153 THR A O   1 
ATOM   1014 C CB  . THR A 1 153 ? 10.450  2.612   -1.370  1.00 65.76  ? 153 THR A CB  1 
ATOM   1015 O OG1 . THR A 1 153 ? 10.147  3.824   -0.666  1.00 74.87  ? 153 THR A OG1 1 
ATOM   1016 C CG2 . THR A 1 153 ? 10.030  1.413   -0.535  1.00 64.17  ? 153 THR A CG2 1 
ATOM   1017 N N   . LEU A 1 154 ? 12.561  4.736   -2.609  1.00 79.63  ? 154 LEU A N   1 
ATOM   1018 C CA  . LEU A 1 154 ? 12.737  5.718   -3.667  1.00 70.77  ? 154 LEU A CA  1 
ATOM   1019 C C   . LEU A 1 154 ? 14.173  6.197   -3.819  1.00 69.91  ? 154 LEU A C   1 
ATOM   1020 O O   . LEU A 1 154 ? 14.449  6.990   -4.726  1.00 68.87  ? 154 LEU A O   1 
ATOM   1021 C CB  . LEU A 1 154 ? 11.814  6.920   -3.428  1.00 54.57  ? 154 LEU A CB  1 
ATOM   1022 C CG  . LEU A 1 154 ? 10.307  6.656   -3.487  1.00 46.94  ? 154 LEU A CG  1 
ATOM   1023 C CD1 . LEU A 1 154 ? 9.526   7.960   -3.402  1.00 43.22  ? 154 LEU A CD1 1 
ATOM   1024 C CD2 . LEU A 1 154 ? 9.934   5.889   -4.746  1.00 42.68  ? 154 LEU A CD2 1 
ATOM   1025 N N   . ASP A 1 155 ? 15.093  5.735   -2.975  1.00 71.78  ? 155 ASP A N   1 
ATOM   1026 C CA  . ASP A 1 155 ? 16.490  6.167   -3.002  1.00 80.33  ? 155 ASP A CA  1 
ATOM   1027 C C   . ASP A 1 155 ? 16.583  7.693   -2.929  1.00 70.88  ? 155 ASP A C   1 
ATOM   1028 O O   . ASP A 1 155 ? 17.121  8.363   -3.810  1.00 62.89  ? 155 ASP A O   1 
ATOM   1029 C CB  . ASP A 1 155 ? 17.210  5.621   -4.240  1.00 68.80  ? 155 ASP A CB  1 
ATOM   1030 C CG  . ASP A 1 155 ? 18.698  5.922   -4.235  1.00 71.69  ? 155 ASP A CG  1 
ATOM   1031 O OD1 . ASP A 1 155 ? 19.267  6.091   -3.136  1.00 69.02  ? 155 ASP A OD1 1 
ATOM   1032 O OD2 . ASP A 1 155 ? 19.295  5.992   -5.330  1.00 77.23  ? 155 ASP A OD2 1 
ATOM   1033 N N   . CYS A 1 156 ? 16.025  8.236   -1.850  1.00 73.02  ? 156 CYS A N   1 
ATOM   1034 C CA  . CYS A 1 156 ? 15.977  9.674   -1.643  1.00 70.33  ? 156 CYS A CA  1 
ATOM   1035 C C   . CYS A 1 156 ? 16.280  9.978   -0.186  1.00 69.94  ? 156 CYS A C   1 
ATOM   1036 O O   . CYS A 1 156 ? 16.244  9.096   0.674   1.00 65.90  ? 156 CYS A O   1 
ATOM   1037 C CB  . CYS A 1 156 ? 14.605  10.254  -2.006  1.00 64.18  ? 156 CYS A CB  1 
ATOM   1038 S SG  . CYS A 1 156 ? 13.549  10.517  -0.561  1.00 74.11  ? 156 CYS A SG  1 
ATOM   1039 N N   . CYS A 1 157 ? 16.576  11.246  0.085   1.00 52.98  ? 157 CYS A N   1 
ATOM   1040 C CA  . CYS A 1 157 ? 16.698  11.721  1.456   1.00 66.50  ? 157 CYS A CA  1 
ATOM   1041 C C   . CYS A 1 157 ? 16.434  13.218  1.461   1.00 65.88  ? 157 CYS A C   1 
ATOM   1042 O O   . CYS A 1 157 ? 17.031  13.957  0.675   1.00 64.54  ? 157 CYS A O   1 
ATOM   1043 C CB  . CYS A 1 157 ? 18.079  11.404  2.045   1.00 55.92  ? 157 CYS A CB  1 
ATOM   1044 S SG  . CYS A 1 157 ? 18.070  11.200  3.849   1.00 71.60  ? 157 CYS A SG  1 
ATOM   1045 N N   . GLY A 1 158 ? 15.527  13.653  2.327   1.00 66.01  ? 158 GLY A N   1 
ATOM   1046 C CA  . GLY A 1 158 ? 15.169  15.050  2.418   1.00 64.38  ? 158 GLY A CA  1 
ATOM   1047 C C   . GLY A 1 158 ? 14.138  15.463  1.381   1.00 61.79  ? 158 GLY A C   1 
ATOM   1048 O O   . GLY A 1 158 ? 13.978  14.845  0.329   1.00 50.76  ? 158 GLY A O   1 
ATOM   1049 N N   . SER A 1 159 ? 13.419  16.540  1.702   1.00 59.06  ? 159 SER A N   1 
ATOM   1050 C CA  . SER A 1 159 ? 12.441  17.088  0.768   1.00 41.31  ? 159 SER A CA  1 
ATOM   1051 C C   . SER A 1 159 ? 13.135  17.795  -0.389  1.00 46.50  ? 159 SER A C   1 
ATOM   1052 O O   . SER A 1 159 ? 12.966  17.421  -1.556  1.00 46.56  ? 159 SER A O   1 
ATOM   1053 C CB  . SER A 1 159 ? 11.495  18.043  1.499   1.00 33.71  ? 159 SER A CB  1 
ATOM   1054 O OG  . SER A 1 159 ? 10.799  17.378  2.540   1.00 45.42  ? 159 SER A OG  1 
ATOM   1055 N N   . SER A 1 160 ? 13.924  18.818  -0.085  1.00 44.83  ? 160 SER A N   1 
ATOM   1056 C CA  . SER A 1 160 ? 14.705  19.537  -1.079  1.00 39.53  ? 160 SER A CA  1 
ATOM   1057 C C   . SER A 1 160 ? 16.153  19.059  -1.061  1.00 47.81  ? 160 SER A C   1 
ATOM   1058 O O   . SER A 1 160 ? 16.555  18.237  -0.234  1.00 67.41  ? 160 SER A O   1 
ATOM   1059 C CB  . SER A 1 160 ? 14.637  21.046  -0.829  1.00 37.92  ? 160 SER A CB  1 
ATOM   1060 O OG  . SER A 1 160 ? 15.516  21.748  -1.691  1.00 65.24  ? 160 SER A OG  1 
ATOM   1061 N N   . THR A 1 161 ? 16.942  19.588  -1.998  1.00 52.75  ? 161 THR A N   1 
ATOM   1062 C CA  . THR A 1 161 ? 18.372  19.295  -1.999  1.00 55.87  ? 161 THR A CA  1 
ATOM   1063 C C   . THR A 1 161 ? 19.060  19.887  -0.776  1.00 65.28  ? 161 THR A C   1 
ATOM   1064 O O   . THR A 1 161 ? 20.101  19.377  -0.344  1.00 68.34  ? 161 THR A O   1 
ATOM   1065 C CB  . THR A 1 161 ? 19.021  19.817  -3.283  1.00 54.97  ? 161 THR A CB  1 
ATOM   1066 O OG1 . THR A 1 161 ? 18.647  21.185  -3.491  1.00 74.07  ? 161 THR A OG1 1 
ATOM   1067 C CG2 . THR A 1 161 ? 18.581  18.987  -4.479  1.00 50.50  ? 161 THR A CG2 1 
ATOM   1068 N N   . LEU A 1 162 ? 18.499  20.957  -0.208  1.00 70.05  ? 162 LEU A N   1 
ATOM   1069 C CA  . LEU A 1 162 ? 19.011  21.477  1.055   1.00 70.21  ? 162 LEU A CA  1 
ATOM   1070 C C   . LEU A 1 162 ? 18.622  20.570  2.216   1.00 70.04  ? 162 LEU A C   1 
ATOM   1071 O O   . LEU A 1 162 ? 19.423  20.342  3.129   1.00 75.28  ? 162 LEU A O   1 
ATOM   1072 C CB  . LEU A 1 162 ? 18.496  22.897  1.286   1.00 64.00  ? 162 LEU A CB  1 
ATOM   1073 C CG  . LEU A 1 162 ? 18.857  23.541  2.627   1.00 74.67  ? 162 LEU A CG  1 
ATOM   1074 C CD1 . LEU A 1 162 ? 20.366  23.658  2.779   1.00 89.39  ? 162 LEU A CD1 1 
ATOM   1075 C CD2 . LEU A 1 162 ? 18.192  24.901  2.765   1.00 93.03  ? 162 LEU A CD2 1 
ATOM   1076 N N   . THR A 1 163 ? 17.393  20.046  2.197   1.00 71.45  ? 163 THR A N   1 
ATOM   1077 C CA  . THR A 1 163 ? 16.972  19.110  3.235   1.00 59.78  ? 163 THR A CA  1 
ATOM   1078 C C   . THR A 1 163 ? 17.745  17.800  3.147   1.00 55.78  ? 163 THR A C   1 
ATOM   1079 O O   . THR A 1 163 ? 17.908  17.107  4.157   1.00 63.95  ? 163 THR A O   1 
ATOM   1080 C CB  . THR A 1 163 ? 15.468  18.854  3.135   1.00 49.11  ? 163 THR A CB  1 
ATOM   1081 O OG1 . THR A 1 163 ? 14.782  20.100  2.955   1.00 77.10  ? 163 THR A OG1 1 
ATOM   1082 C CG2 . THR A 1 163 ? 14.952  18.188  4.401   1.00 58.22  ? 163 THR A CG2 1 
ATOM   1083 N N   . ALA A 1 164 ? 18.230  17.449  1.953   1.00 52.07  ? 164 ALA A N   1 
ATOM   1084 C CA  . ALA A 1 164 ? 19.085  16.275  1.818   1.00 52.82  ? 164 ALA A CA  1 
ATOM   1085 C C   . ALA A 1 164 ? 20.368  16.436  2.621   1.00 61.24  ? 164 ALA A C   1 
ATOM   1086 O O   . ALA A 1 164 ? 20.867  15.472  3.211   1.00 51.82  ? 164 ALA A O   1 
ATOM   1087 C CB  . ALA A 1 164 ? 19.402  16.024  0.343   1.00 61.71  ? 164 ALA A CB  1 
ATOM   1088 N N   . LEU A 1 165 ? 20.914  17.654  2.659   1.00 71.79  ? 165 LEU A N   1 
ATOM   1089 C CA  . LEU A 1 165 ? 22.125  17.900  3.434   1.00 74.58  ? 165 LEU A CA  1 
ATOM   1090 C C   . LEU A 1 165 ? 21.830  17.899  4.929   1.00 70.93  ? 165 LEU A C   1 
ATOM   1091 O O   . LEU A 1 165 ? 22.553  17.274  5.714   1.00 73.15  ? 165 LEU A O   1 
ATOM   1092 C CB  . LEU A 1 165 ? 22.757  19.227  3.011   1.00 86.43  ? 165 LEU A CB  1 
ATOM   1093 C CG  . LEU A 1 165 ? 23.216  19.338  1.556   1.00 93.69  ? 165 LEU A CG  1 
ATOM   1094 C CD1 . LEU A 1 165 ? 23.742  20.735  1.267   1.00 97.14  ? 165 LEU A CD1 1 
ATOM   1095 C CD2 . LEU A 1 165 ? 24.272  18.288  1.244   1.00 96.98  ? 165 LEU A CD2 1 
ATOM   1096 N N   . THR A 1 166 ? 20.766  18.596  5.342   1.00 64.76  ? 166 THR A N   1 
ATOM   1097 C CA  . THR A 1 166 ? 20.432  18.668  6.762   1.00 64.70  ? 166 THR A CA  1 
ATOM   1098 C C   . THR A 1 166 ? 20.118  17.290  7.329   1.00 52.82  ? 166 THR A C   1 
ATOM   1099 O O   . THR A 1 166 ? 20.476  16.983  8.472   1.00 34.03  ? 166 THR A O   1 
ATOM   1100 C CB  . THR A 1 166 ? 19.249  19.613  6.983   1.00 54.37  ? 166 THR A CB  1 
ATOM   1101 O OG1 . THR A 1 166 ? 18.087  19.089  6.328   1.00 75.71  ? 166 THR A OG1 1 
ATOM   1102 C CG2 . THR A 1 166 ? 19.558  20.995  6.432   1.00 44.83  ? 166 THR A CG2 1 
ATOM   1103 N N   . THR A 1 167 ? 19.451  16.441  6.544   1.00 66.32  ? 167 THR A N   1 
ATOM   1104 C CA  . THR A 1 167 ? 19.139  15.100  7.026   1.00 66.53  ? 167 THR A CA  1 
ATOM   1105 C C   . THR A 1 167 ? 20.384  14.222  7.052   1.00 67.65  ? 167 THR A C   1 
ATOM   1106 O O   . THR A 1 167 ? 20.610  13.488  8.021   1.00 71.03  ? 167 THR A O   1 
ATOM   1107 C CB  . THR A 1 167 ? 18.047  14.466  6.163   1.00 65.74  ? 167 THR A CB  1 
ATOM   1108 O OG1 . THR A 1 167 ? 16.957  15.385  6.015   1.00 55.12  ? 167 THR A OG1 1 
ATOM   1109 C CG2 . THR A 1 167 ? 17.531  13.193  6.816   1.00 51.73  ? 167 THR A CG2 1 
ATOM   1110 N N   . SER A 1 168 ? 21.214  14.295  6.009   1.00 63.66  ? 168 SER A N   1 
ATOM   1111 C CA  . SER A 1 168 ? 22.400  13.446  5.949   1.00 57.61  ? 168 SER A CA  1 
ATOM   1112 C C   . SER A 1 168 ? 23.415  13.822  7.023   1.00 58.04  ? 168 SER A C   1 
ATOM   1113 O O   . SER A 1 168 ? 24.039  12.942  7.626   1.00 55.41  ? 168 SER A O   1 
ATOM   1114 C CB  . SER A 1 168 ? 23.034  13.527  4.560   1.00 58.51  ? 168 SER A CB  1 
ATOM   1115 O OG  . SER A 1 168 ? 22.114  13.128  3.557   1.00 66.41  ? 168 SER A OG  1 
ATOM   1116 N N   . VAL A 1 169 ? 23.600  15.119  7.276   1.00 68.23  ? 169 VAL A N   1 
ATOM   1117 C CA  . VAL A 1 169 ? 24.570  15.542  8.283   1.00 58.75  ? 169 VAL A CA  1 
ATOM   1118 C C   . VAL A 1 169 ? 24.083  15.178  9.680   1.00 53.23  ? 169 VAL A C   1 
ATOM   1119 O O   . VAL A 1 169 ? 24.818  14.587  10.480  1.00 39.93  ? 169 VAL A O   1 
ATOM   1120 C CB  . VAL A 1 169 ? 24.857  17.049  8.163   1.00 41.91  ? 169 VAL A CB  1 
ATOM   1121 C CG1 . VAL A 1 169 ? 25.704  17.522  9.336   1.00 35.18  ? 169 VAL A CG1 1 
ATOM   1122 C CG2 . VAL A 1 169 ? 25.556  17.353  6.850   1.00 42.55  ? 169 VAL A CG2 1 
ATOM   1123 N N   . LEU A 1 170 ? 22.834  15.521  9.994   1.00 59.43  ? 170 LEU A N   1 
ATOM   1124 C CA  . LEU A 1 170 ? 22.284  15.270  11.321  1.00 50.67  ? 170 LEU A CA  1 
ATOM   1125 C C   . LEU A 1 170 ? 21.769  13.843  11.457  1.00 43.91  ? 170 LEU A C   1 
ATOM   1126 O O   . LEU A 1 170 ? 22.462  12.970  11.987  1.00 43.04  ? 170 LEU A O   1 
ATOM   1127 C CB  . LEU A 1 170 ? 21.153  16.255  11.625  1.00 43.28  ? 170 LEU A CB  1 
ATOM   1128 C CG  . LEU A 1 170 ? 21.495  17.747  11.655  1.00 36.77  ? 170 LEU A CG  1 
ATOM   1129 C CD1 . LEU A 1 170 ? 20.229  18.584  11.747  1.00 35.89  ? 170 LEU A CD1 1 
ATOM   1130 C CD2 . LEU A 1 170 ? 22.431  18.062  12.811  1.00 35.32  ? 170 LEU A CD2 1 
ATOM   1131 N N   . LYS A 1 171 ? 20.552  13.604  10.970  1.00 45.68  ? 171 LYS A N   1 
ATOM   1132 C CA  . LYS A 1 171 ? 19.849  12.339  11.184  1.00 47.81  ? 171 LYS A CA  1 
ATOM   1133 C C   . LYS A 1 171 ? 20.145  11.383  10.028  1.00 45.43  ? 171 LYS A C   1 
ATOM   1134 O O   . LYS A 1 171 ? 19.295  11.067  9.196   1.00 69.76  ? 171 LYS A O   1 
ATOM   1135 C CB  . LYS A 1 171 ? 18.353  12.593  11.328  1.00 59.83  ? 171 LYS A CB  1 
ATOM   1136 C CG  . LYS A 1 171 ? 17.645  11.688  12.314  1.00 52.59  ? 171 LYS A CG  1 
ATOM   1137 C CD  . LYS A 1 171 ? 18.084  11.979  13.735  1.00 47.28  ? 171 LYS A CD  1 
ATOM   1138 C CE  . LYS A 1 171 ? 17.103  11.393  14.725  1.00 53.72  ? 171 LYS A CE  1 
ATOM   1139 N NZ  . LYS A 1 171 ? 15.750  11.995  14.559  1.00 60.57  ? 171 LYS A NZ  1 
ATOM   1140 N N   . ASN A 1 172 ? 21.393  10.916  9.989   1.00 42.24  ? 172 ASN A N   1 
ATOM   1141 C CA  . ASN A 1 172 ? 21.819  10.029  8.913   1.00 45.51  ? 172 ASN A CA  1 
ATOM   1142 C C   . ASN A 1 172 ? 21.206  8.639   9.016   1.00 55.24  ? 172 ASN A C   1 
ATOM   1143 O O   . ASN A 1 172 ? 21.278  7.877   8.047   1.00 61.82  ? 172 ASN A O   1 
ATOM   1144 C CB  . ASN A 1 172 ? 23.346  9.919   8.888   1.00 68.42  ? 172 ASN A CB  1 
ATOM   1145 C CG  . ASN A 1 172 ? 23.902  9.848   7.478   1.00 68.34  ? 172 ASN A CG  1 
ATOM   1146 O OD1 . ASN A 1 172 ? 23.238  9.368   6.557   1.00 54.19  ? 172 ASN A OD1 1 
ATOM   1147 N ND2 . ASN A 1 172 ? 25.125  10.336  7.298   1.00 91.66  ? 172 ASN A ND2 1 
ATOM   1148 N N   . ASN A 1 173 ? 20.599  8.293   10.155  1.00 62.00  ? 173 ASN A N   1 
ATOM   1149 C CA  . ASN A 1 173 ? 19.905  7.017   10.280  1.00 69.34  ? 173 ASN A CA  1 
ATOM   1150 C C   . ASN A 1 173 ? 18.700  6.915   9.355   1.00 68.62  ? 173 ASN A C   1 
ATOM   1151 O O   . ASN A 1 173 ? 18.168  5.814   9.176   1.00 77.15  ? 173 ASN A O   1 
ATOM   1152 C CB  . ASN A 1 173 ? 19.457  6.798   11.727  1.00 57.35  ? 173 ASN A CB  1 
ATOM   1153 C CG  . ASN A 1 173 ? 20.615  6.812   12.707  1.00 81.08  ? 173 ASN A CG  1 
ATOM   1154 O OD1 . ASN A 1 173 ? 20.663  7.636   13.620  1.00 102.32 ? 173 ASN A OD1 1 
ATOM   1155 N ND2 . ASN A 1 173 ? 21.557  5.894   12.522  1.00 81.20  ? 173 ASN A ND2 1 
ATOM   1156 N N   . LEU A 1 174 ? 18.260  8.028   8.768   1.00 53.37  ? 174 LEU A N   1 
ATOM   1157 C CA  . LEU A 1 174 ? 17.102  8.039   7.884   1.00 46.28  ? 174 LEU A CA  1 
ATOM   1158 C C   . LEU A 1 174 ? 17.477  7.796   6.426   1.00 61.74  ? 174 LEU A C   1 
ATOM   1159 O O   . LEU A 1 174 ? 16.777  7.054   5.728   1.00 52.43  ? 174 LEU A O   1 
ATOM   1160 C CB  . LEU A 1 174 ? 16.354  9.370   8.013   1.00 46.53  ? 174 LEU A CB  1 
ATOM   1161 C CG  . LEU A 1 174 ? 15.266  9.509   9.084   1.00 46.87  ? 174 LEU A CG  1 
ATOM   1162 C CD1 . LEU A 1 174 ? 15.776  9.153   10.476  1.00 51.28  ? 174 LEU A CD1 1 
ATOM   1163 C CD2 . LEU A 1 174 ? 14.687  10.918  9.073   1.00 64.33  ? 174 LEU A CD2 1 
ATOM   1164 N N   . CYS A 1 175 ? 18.569  8.403   5.956   1.00 67.00  ? 175 CYS A N   1 
ATOM   1165 C CA  . CYS A 1 175 ? 18.951  8.290   4.556   1.00 56.13  ? 175 CYS A CA  1 
ATOM   1166 C C   . CYS A 1 175 ? 19.155  6.825   4.172   1.00 56.62  ? 175 CYS A C   1 
ATOM   1167 O O   . CYS A 1 175 ? 19.555  6.003   5.004   1.00 62.59  ? 175 CYS A O   1 
ATOM   1168 C CB  . CYS A 1 175 ? 20.223  9.093   4.281   1.00 59.98  ? 175 CYS A CB  1 
ATOM   1169 S SG  . CYS A 1 175 ? 20.015  10.892  4.340   1.00 79.87  ? 175 CYS A SG  1 
ATOM   1170 N N   . PRO A 1 176 ? 18.888  6.466   2.916   1.00 62.59  ? 176 PRO A N   1 
ATOM   1171 C CA  . PRO A 1 176 ? 18.862  5.047   2.543   1.00 67.87  ? 176 PRO A CA  1 
ATOM   1172 C C   . PRO A 1 176 ? 20.255  4.456   2.405   1.00 75.63  ? 176 PRO A C   1 
ATOM   1173 O O   . PRO A 1 176 ? 21.180  5.100   1.904   1.00 83.13  ? 176 PRO A O   1 
ATOM   1174 C CB  . PRO A 1 176 ? 18.131  5.057   1.196   1.00 74.62  ? 176 PRO A CB  1 
ATOM   1175 C CG  . PRO A 1 176 ? 18.475  6.384   0.610   1.00 54.20  ? 176 PRO A CG  1 
ATOM   1176 C CD  . PRO A 1 176 ? 18.608  7.346   1.764   1.00 73.24  ? 176 PRO A CD  1 
ATOM   1177 N N   . SER A 1 177 ? 20.389  3.207   2.852   1.00 67.65  ? 177 SER A N   1 
ATOM   1178 C CA  . SER A 1 177 ? 21.623  2.435   2.740   1.00 61.14  ? 177 SER A CA  1 
ATOM   1179 C C   . SER A 1 177 ? 22.831  3.189   3.283   1.00 73.87  ? 177 SER A C   1 
ATOM   1180 O O   . SER A 1 177 ? 22.770  3.784   4.365   1.00 86.58  ? 177 SER A O   1 
ATOM   1181 C CB  . SER A 1 177 ? 21.875  2.038   1.280   1.00 63.64  ? 177 SER A CB  1 
ATOM   1182 O OG  . SER A 1 177 ? 20.796  1.323   0.725   1.00 63.80  ? 177 SER A OG  1 
ATOM   1183 N N   . GLY A 1 178 ? 23.926  3.179   2.527   1.00 74.90  ? 178 GLY A N   1 
ATOM   1184 C CA  . GLY A 1 178 ? 25.139  3.874   2.910   1.00 79.09  ? 178 GLY A CA  1 
ATOM   1185 C C   . GLY A 1 178 ? 25.355  5.172   2.157   1.00 90.05  ? 178 GLY A C   1 
ATOM   1186 O O   . GLY A 1 178 ? 26.495  5.594   1.946   1.00 109.12 ? 178 GLY A O   1 
ATOM   1187 N N   . SER A 1 179 ? 24.262  5.819   1.758   1.00 78.56  ? 179 SER A N   1 
ATOM   1188 C CA  . SER A 1 179 ? 24.359  7.060   1.002   1.00 79.22  ? 179 SER A CA  1 
ATOM   1189 C C   . SER A 1 179 ? 25.002  8.151   1.852   1.00 87.55  ? 179 SER A C   1 
ATOM   1190 O O   . SER A 1 179 ? 24.466  8.536   2.896   1.00 79.67  ? 179 SER A O   1 
ATOM   1191 C CB  . SER A 1 179 ? 22.974  7.495   0.522   1.00 77.71  ? 179 SER A CB  1 
ATOM   1192 O OG  . SER A 1 179 ? 22.070  7.643   1.604   1.00 75.50  ? 179 SER A OG  1 
ATOM   1193 N N   . ASN A 1 180 ? 26.153  8.639   1.403   1.00 99.73  ? 180 ASN A N   1 
ATOM   1194 C CA  . ASN A 1 180 ? 26.915  9.632   2.148   1.00 92.52  ? 180 ASN A CA  1 
ATOM   1195 C C   . ASN A 1 180 ? 26.248  11.003  2.023   1.00 94.45  ? 180 ASN A C   1 
ATOM   1196 O O   . ASN A 1 180 ? 25.168  11.157  1.446   1.00 98.16  ? 180 ASN A O   1 
ATOM   1197 C CB  . ASN A 1 180 ? 28.362  9.654   1.664   1.00 89.10  ? 180 ASN A CB  1 
ATOM   1198 C CG  . ASN A 1 180 ? 28.479  9.965   0.184   1.00 93.88  ? 180 ASN A CG  1 
ATOM   1199 O OD1 . ASN A 1 180 ? 28.585  11.127  -0.212  1.00 100.68 ? 180 ASN A OD1 1 
ATOM   1200 N ND2 . ASN A 1 180 ? 28.467  8.926   -0.643  1.00 96.57  ? 180 ASN A ND2 1 
ATOM   1201 N N   . ILE A 1 181 ? 26.905  12.024  2.573   1.00 92.26  ? 181 ILE A N   1 
ATOM   1202 C CA  . ILE A 1 181 ? 26.347  13.371  2.558   1.00 97.01  ? 181 ILE A CA  1 
ATOM   1203 C C   . ILE A 1 181 ? 26.558  14.031  1.202   1.00 106.28 ? 181 ILE A C   1 
ATOM   1204 O O   . ILE A 1 181 ? 25.671  14.725  0.692   1.00 86.92  ? 181 ILE A O   1 
ATOM   1205 C CB  . ILE A 1 181 ? 26.959  14.206  3.697   1.00 83.29  ? 181 ILE A CB  1 
ATOM   1206 C CG1 . ILE A 1 181 ? 26.747  13.508  5.042   1.00 69.92  ? 181 ILE A CG1 1 
ATOM   1207 C CG2 . ILE A 1 181 ? 26.361  15.606  3.718   1.00 80.20  ? 181 ILE A CG2 1 
ATOM   1208 C CD1 . ILE A 1 181 ? 27.441  14.188  6.200   1.00 66.40  ? 181 ILE A CD1 1 
ATOM   1209 N N   . ILE A 1 182 ? 27.731  13.828  0.596   1.00 119.79 ? 182 ILE A N   1 
ATOM   1210 C CA  . ILE A 1 182 ? 28.022  14.456  -0.689  1.00 113.81 ? 182 ILE A CA  1 
ATOM   1211 C C   . ILE A 1 182 ? 27.158  13.860  -1.794  1.00 113.51 ? 182 ILE A C   1 
ATOM   1212 O O   . ILE A 1 182 ? 26.807  14.551  -2.759  1.00 118.68 ? 182 ILE A O   1 
ATOM   1213 C CB  . ILE A 1 182 ? 29.523  14.324  -1.012  1.00 108.43 ? 182 ILE A CB  1 
ATOM   1214 C CG1 . ILE A 1 182 ? 30.368  14.809  0.168   1.00 117.54 ? 182 ILE A CG1 1 
ATOM   1215 C CG2 . ILE A 1 182 ? 29.876  15.111  -2.265  1.00 106.59 ? 182 ILE A CG2 1 
ATOM   1216 C CD1 . ILE A 1 182 ? 30.159  16.269  0.510   1.00 113.00 ? 182 ILE A CD1 1 
ATOM   1217 N N   . SER A 1 183 ? 26.788  12.584  -1.671  1.00 104.50 ? 183 SER A N   1 
ATOM   1218 C CA  . SER A 1 183 ? 26.007  11.918  -2.706  1.00 100.87 ? 183 SER A CA  1 
ATOM   1219 C C   . SER A 1 183 ? 24.558  12.384  -2.755  1.00 102.56 ? 183 SER A C   1 
ATOM   1220 O O   . SER A 1 183 ? 23.864  12.081  -3.731  1.00 111.82 ? 183 SER A O   1 
ATOM   1221 C CB  . SER A 1 183 ? 26.053  10.403  -2.500  1.00 108.31 ? 183 SER A CB  1 
ATOM   1222 O OG  . SER A 1 183 ? 25.318  9.728   -3.505  1.00 112.04 ? 183 SER A OG  1 
ATOM   1223 N N   . ASN A 1 184 ? 24.084  13.110  -1.742  1.00 98.45  ? 184 ASN A N   1 
ATOM   1224 C CA  . ASN A 1 184 ? 22.695  13.546  -1.706  1.00 93.42  ? 184 ASN A CA  1 
ATOM   1225 C C   . ASN A 1 184 ? 22.473  14.906  -2.355  1.00 99.09  ? 184 ASN A C   1 
ATOM   1226 O O   . ASN A 1 184 ? 21.343  15.204  -2.757  1.00 97.33  ? 184 ASN A O   1 
ATOM   1227 C CB  . ASN A 1 184 ? 22.192  13.585  -0.259  1.00 74.98  ? 184 ASN A CB  1 
ATOM   1228 C CG  . ASN A 1 184 ? 22.113  12.207  0.365   1.00 92.96  ? 184 ASN A CG  1 
ATOM   1229 O OD1 . ASN A 1 184 ? 22.692  11.248  -0.146  1.00 104.76 ? 184 ASN A OD1 1 
ATOM   1230 N ND2 . ASN A 1 184 ? 21.394  12.100  1.476   1.00 100.38 ? 184 ASN A ND2 1 
ATOM   1231 N N   . LEU A 1 185 ? 23.515  15.734  -2.464  1.00 100.06 ? 185 LEU A N   1 
ATOM   1232 C CA  . LEU A 1 185 ? 23.357  17.032  -3.110  1.00 112.30 ? 185 LEU A CA  1 
ATOM   1233 C C   . LEU A 1 185 ? 23.136  16.889  -4.610  1.00 123.22 ? 185 LEU A C   1 
ATOM   1234 O O   . LEU A 1 185 ? 22.469  17.732  -5.220  1.00 131.29 ? 185 LEU A O   1 
ATOM   1235 C CB  . LEU A 1 185 ? 24.580  17.909  -2.832  1.00 117.61 ? 185 LEU A CB  1 
ATOM   1236 C CG  . LEU A 1 185 ? 24.531  19.349  -3.345  1.00 117.43 ? 185 LEU A CG  1 
ATOM   1237 C CD1 . LEU A 1 185 ? 23.356  20.097  -2.735  1.00 96.53  ? 185 LEU A CD1 1 
ATOM   1238 C CD2 . LEU A 1 185 ? 25.840  20.070  -3.054  1.00 102.65 ? 185 LEU A CD2 1 
ATOM   1239 N N   . PHE A 1 186 ? 23.675  15.831  -5.217  1.00 118.05 ? 186 PHE A N   1 
ATOM   1240 C CA  . PHE A 1 186 ? 23.536  15.622  -6.653  1.00 116.61 ? 186 PHE A CA  1 
ATOM   1241 C C   . PHE A 1 186 ? 22.373  14.706  -7.006  1.00 116.95 ? 186 PHE A C   1 
ATOM   1242 O O   . PHE A 1 186 ? 21.735  14.906  -8.047  1.00 122.09 ? 186 PHE A O   1 
ATOM   1243 C CB  . PHE A 1 186 ? 24.834  15.048  -7.230  1.00 114.34 ? 186 PHE A CB  1 
ATOM   1244 C CG  . PHE A 1 186 ? 26.042  15.896  -6.959  1.00 119.55 ? 186 PHE A CG  1 
ATOM   1245 C CD1 . PHE A 1 186 ? 26.362  16.956  -7.792  1.00 117.74 ? 186 PHE A CD1 1 
ATOM   1246 C CD2 . PHE A 1 186 ? 26.858  15.636  -5.871  1.00 101.04 ? 186 PHE A CD2 1 
ATOM   1247 C CE1 . PHE A 1 186 ? 27.473  17.738  -7.545  1.00 109.83 ? 186 PHE A CE1 1 
ATOM   1248 C CE2 . PHE A 1 186 ? 27.971  16.414  -5.619  1.00 97.18  ? 186 PHE A CE2 1 
ATOM   1249 C CZ  . PHE A 1 186 ? 28.279  17.467  -6.457  1.00 103.68 ? 186 PHE A CZ  1 
ATOM   1250 N N   . LYS A 1 187 ? 22.084  13.710  -6.172  1.00 120.10 ? 187 LYS A N   1 
ATOM   1251 C CA  . LYS A 1 187 ? 20.963  12.821  -6.431  1.00 116.19 ? 187 LYS A CA  1 
ATOM   1252 C C   . LYS A 1 187 ? 19.642  13.577  -6.327  1.00 116.11 ? 187 LYS A C   1 
ATOM   1253 O O   . LYS A 1 187 ? 19.535  14.621  -5.680  1.00 120.75 ? 187 LYS A O   1 
ATOM   1254 C CB  . LYS A 1 187 ? 20.968  11.646  -5.453  1.00 106.98 ? 187 LYS A CB  1 
ATOM   1255 C CG  . LYS A 1 187 ? 21.963  10.552  -5.790  1.00 106.59 ? 187 LYS A CG  1 
ATOM   1256 C CD  . LYS A 1 187 ? 21.906  9.433   -4.762  1.00 93.77  ? 187 LYS A CD  1 
ATOM   1257 C CE  . LYS A 1 187 ? 22.860  8.305   -5.112  1.00 96.14  ? 187 LYS A CE  1 
ATOM   1258 N NZ  . LYS A 1 187 ? 22.826  7.226   -4.086  1.00 81.87  ? 187 LYS A NZ  1 
ATOM   1259 N N   . GLU A 1 188 ? 18.622  13.028  -6.981  1.00 96.87  ? 188 GLU A N   1 
ATOM   1260 C CA  . GLU A 1 188 ? 17.297  13.627  -6.956  1.00 87.74  ? 188 GLU A CA  1 
ATOM   1261 C C   . GLU A 1 188 ? 16.573  13.254  -5.668  1.00 78.54  ? 188 GLU A C   1 
ATOM   1262 O O   . GLU A 1 188 ? 16.622  12.106  -5.217  1.00 68.69  ? 188 GLU A O   1 
ATOM   1263 C CB  . GLU A 1 188 ? 16.483  13.187  -8.175  1.00 92.44  ? 188 GLU A CB  1 
ATOM   1264 C CG  . GLU A 1 188 ? 16.336  11.681  -8.353  1.00 92.17  ? 188 GLU A CG  1 
ATOM   1265 C CD  . GLU A 1 188 ? 17.549  11.036  -9.000  1.00 95.87  ? 188 GLU A CD  1 
ATOM   1266 O OE1 . GLU A 1 188 ? 18.438  11.775  -9.473  1.00 89.35  ? 188 GLU A OE1 1 
ATOM   1267 O OE2 . GLU A 1 188 ? 17.614  9.789   -9.032  1.00 96.47  ? 188 GLU A OE2 1 
ATOM   1268 N N   . ASP A 1 189 ? 15.907  14.240  -5.072  1.00 79.56  ? 189 ASP A N   1 
ATOM   1269 C CA  . ASP A 1 189 ? 15.210  14.043  -3.812  1.00 78.39  ? 189 ASP A CA  1 
ATOM   1270 C C   . ASP A 1 189 ? 13.863  13.362  -4.053  1.00 79.46  ? 189 ASP A C   1 
ATOM   1271 O O   . ASP A 1 189 ? 13.527  12.965  -5.173  1.00 78.83  ? 189 ASP A O   1 
ATOM   1272 C CB  . ASP A 1 189 ? 15.048  15.377  -3.086  1.00 76.58  ? 189 ASP A CB  1 
ATOM   1273 C CG  . ASP A 1 189 ? 14.565  16.487  -4.004  1.00 71.98  ? 189 ASP A CG  1 
ATOM   1274 O OD1 . ASP A 1 189 ? 13.586  16.269  -4.748  1.00 72.47  ? 189 ASP A OD1 1 
ATOM   1275 O OD2 . ASP A 1 189 ? 15.171  17.579  -3.983  1.00 67.07  ? 189 ASP A OD2 1 
ATOM   1276 N N   . CYS A 1 190 ? 13.077  13.220  -2.984  1.00 77.36  ? 190 CYS A N   1 
ATOM   1277 C CA  . CYS A 1 190 ? 11.791  12.541  -3.110  1.00 67.65  ? 190 CYS A CA  1 
ATOM   1278 C C   . CYS A 1 190 ? 10.771  13.406  -3.837  1.00 70.38  ? 190 CYS A C   1 
ATOM   1279 O O   . CYS A 1 190 ? 9.957   12.891  -4.614  1.00 80.43  ? 190 CYS A O   1 
ATOM   1280 C CB  . CYS A 1 190 ? 11.271  12.132  -1.733  1.00 79.54  ? 190 CYS A CB  1 
ATOM   1281 S SG  . CYS A 1 190 ? 11.659  10.429  -1.289  1.00 124.10 ? 190 CYS A SG  1 
ATOM   1282 N N   . HIS A 1 191 ? 10.798  14.722  -3.608  1.00 75.93  ? 191 HIS A N   1 
ATOM   1283 C CA  . HIS A 1 191 ? 9.901   15.620  -4.327  1.00 59.12  ? 191 HIS A CA  1 
ATOM   1284 C C   . HIS A 1 191 ? 10.127  15.591  -5.832  1.00 58.62  ? 191 HIS A C   1 
ATOM   1285 O O   . HIS A 1 191 ? 9.261   16.055  -6.581  1.00 71.65  ? 191 HIS A O   1 
ATOM   1286 C CB  . HIS A 1 191 ? 10.046  17.050  -3.798  1.00 68.29  ? 191 HIS A CB  1 
ATOM   1287 C CG  . HIS A 1 191 ? 9.298   17.300  -2.524  1.00 50.80  ? 191 HIS A CG  1 
ATOM   1288 N ND1 . HIS A 1 191 ? 8.970   18.565  -2.088  1.00 46.33  ? 191 HIS A ND1 1 
ATOM   1289 C CD2 . HIS A 1 191 ? 8.814   16.444  -1.594  1.00 43.38  ? 191 HIS A CD2 1 
ATOM   1290 C CE1 . HIS A 1 191 ? 8.316   18.479  -0.943  1.00 52.39  ? 191 HIS A CE1 1 
ATOM   1291 N NE2 . HIS A 1 191 ? 8.209   17.202  -0.621  1.00 41.38  ? 191 HIS A NE2 1 
ATOM   1292 N N   . GLN A 1 192 ? 11.263  15.065  -6.290  1.00 59.39  ? 192 GLN A N   1 
ATOM   1293 C CA  . GLN A 1 192 ? 11.455  14.775  -7.704  1.00 70.33  ? 192 GLN A CA  1 
ATOM   1294 C C   . GLN A 1 192 ? 10.931  13.394  -8.073  1.00 68.97  ? 192 GLN A C   1 
ATOM   1295 O O   . GLN A 1 192 ? 10.343  13.219  -9.145  1.00 73.88  ? 192 GLN A O   1 
ATOM   1296 C CB  . GLN A 1 192 ? 12.936  14.882  -8.078  1.00 81.41  ? 192 GLN A CB  1 
ATOM   1297 C CG  . GLN A 1 192 ? 13.528  16.273  -7.935  1.00 76.68  ? 192 GLN A CG  1 
ATOM   1298 C CD  . GLN A 1 192 ? 14.968  16.339  -8.407  1.00 76.89  ? 192 GLN A CD  1 
ATOM   1299 O OE1 . GLN A 1 192 ? 15.294  15.882  -9.502  1.00 80.35  ? 192 GLN A OE1 1 
ATOM   1300 N NE2 . GLN A 1 192 ? 15.838  16.904  -7.578  1.00 75.86  ? 192 GLN A NE2 1 
ATOM   1301 N N   . LYS A 1 193 ? 11.131  12.404  -7.199  1.00 73.52  ? 193 LYS A N   1 
ATOM   1302 C CA  . LYS A 1 193 ? 10.702  11.047  -7.510  1.00 70.53  ? 193 LYS A CA  1 
ATOM   1303 C C   . LYS A 1 193 ? 9.208   10.851  -7.296  1.00 64.02  ? 193 LYS A C   1 
ATOM   1304 O O   . LYS A 1 193 ? 8.593   10.045  -8.000  1.00 62.48  ? 193 LYS A O   1 
ATOM   1305 C CB  . LYS A 1 193 ? 11.495  10.038  -6.678  1.00 61.09  ? 193 LYS A CB  1 
ATOM   1306 C CG  . LYS A 1 193 ? 12.605  9.344   -7.451  1.00 47.30  ? 193 LYS A CG  1 
ATOM   1307 C CD  . LYS A 1 193 ? 13.925  9.401   -6.705  1.00 58.43  ? 193 LYS A CD  1 
ATOM   1308 C CE  . LYS A 1 193 ? 14.980  8.531   -7.370  1.00 65.93  ? 193 LYS A CE  1 
ATOM   1309 N NZ  . LYS A 1 193 ? 16.292  8.643   -6.672  1.00 73.27  ? 193 LYS A NZ  1 
ATOM   1310 N N   . ILE A 1 194 ? 8.610   11.561  -6.335  1.00 60.90  ? 194 ILE A N   1 
ATOM   1311 C CA  . ILE A 1 194 ? 7.166   11.461  -6.137  1.00 64.02  ? 194 ILE A CA  1 
ATOM   1312 C C   . ILE A 1 194 ? 6.434   11.924  -7.391  1.00 85.33  ? 194 ILE A C   1 
ATOM   1313 O O   . ILE A 1 194 ? 5.495   11.271  -7.863  1.00 70.87  ? 194 ILE A O   1 
ATOM   1314 C CB  . ILE A 1 194 ? 6.734   12.263  -4.896  1.00 52.61  ? 194 ILE A CB  1 
ATOM   1315 C CG1 . ILE A 1 194 ? 7.250   11.589  -3.623  1.00 57.35  ? 194 ILE A CG1 1 
ATOM   1316 C CG2 . ILE A 1 194 ? 5.220   12.389  -4.839  1.00 60.60  ? 194 ILE A CG2 1 
ATOM   1317 C CD1 . ILE A 1 194 ? 6.848   12.290  -2.342  1.00 54.17  ? 194 ILE A CD1 1 
ATOM   1318 N N   . ASP A 1 195 ? 6.866   13.053  -7.957  1.00 82.78  ? 195 ASP A N   1 
ATOM   1319 C CA  . ASP A 1 195 ? 6.295   13.511  -9.220  1.00 65.61  ? 195 ASP A CA  1 
ATOM   1320 C C   . ASP A 1 195 ? 6.660   12.571  -10.362 1.00 76.29  ? 195 ASP A C   1 
ATOM   1321 O O   . ASP A 1 195 ? 5.808   12.238  -11.194 1.00 85.08  ? 195 ASP A O   1 
ATOM   1322 C CB  . ASP A 1 195 ? 6.765   14.933  -9.528  1.00 67.70  ? 195 ASP A CB  1 
ATOM   1323 C CG  . ASP A 1 195 ? 6.022   15.984  -8.723  1.00 91.37  ? 195 ASP A CG  1 
ATOM   1324 O OD1 . ASP A 1 195 ? 4.815   15.792  -8.456  1.00 70.79  ? 195 ASP A OD1 1 
ATOM   1325 O OD2 . ASP A 1 195 ? 6.643   17.005  -8.361  1.00 126.95 ? 195 ASP A OD2 1 
ATOM   1326 N N   . ASP A 1 196 ? 7.918   12.132  -10.419 1.00 65.35  ? 196 ASP A N   1 
ATOM   1327 C CA  . ASP A 1 196 ? 8.329   11.223  -11.483 1.00 77.15  ? 196 ASP A CA  1 
ATOM   1328 C C   . ASP A 1 196 ? 7.634   9.872   -11.361 1.00 61.13  ? 196 ASP A C   1 
ATOM   1329 O O   . ASP A 1 196 ? 7.396   9.202   -12.373 1.00 59.02  ? 196 ASP A O   1 
ATOM   1330 C CB  . ASP A 1 196 ? 9.848   11.062  -11.467 1.00 77.05  ? 196 ASP A CB  1 
ATOM   1331 C CG  . ASP A 1 196 ? 10.359  10.221  -12.616 1.00 80.65  ? 196 ASP A CG  1 
ATOM   1332 O OD1 . ASP A 1 196 ? 10.307  10.693  -13.772 1.00 84.50  ? 196 ASP A OD1 1 
ATOM   1333 O OD2 . ASP A 1 196 ? 10.822  9.091   -12.357 1.00 70.40  ? 196 ASP A OD2 1 
ATOM   1334 N N   . LEU A 1 197 ? 7.295   9.458   -10.138 1.00 53.78  ? 197 LEU A N   1 
ATOM   1335 C CA  . LEU A 1 197 ? 6.525   8.232   -9.956  1.00 65.89  ? 197 LEU A CA  1 
ATOM   1336 C C   . LEU A 1 197 ? 5.116   8.383   -10.511 1.00 68.64  ? 197 LEU A C   1 
ATOM   1337 O O   . LEU A 1 197 ? 4.549   7.428   -11.055 1.00 71.34  ? 197 LEU A O   1 
ATOM   1338 C CB  . LEU A 1 197 ? 6.489   7.856   -8.471  1.00 68.71  ? 197 LEU A CB  1 
ATOM   1339 C CG  . LEU A 1 197 ? 5.833   6.552   -7.992  1.00 51.77  ? 197 LEU A CG  1 
ATOM   1340 C CD1 . LEU A 1 197 ? 4.343   6.737   -7.715  1.00 59.07  ? 197 LEU A CD1 1 
ATOM   1341 C CD2 . LEU A 1 197 ? 6.066   5.413   -8.981  1.00 48.99  ? 197 LEU A CD2 1 
ATOM   1342 N N   . PHE A 1 198 ? 4.534   9.573   -10.388 1.00 65.11  ? 198 PHE A N   1 
ATOM   1343 C CA  . PHE A 1 198 ? 3.185   9.805   -10.884 1.00 67.79  ? 198 PHE A CA  1 
ATOM   1344 C C   . PHE A 1 198 ? 3.162   10.261  -12.336 1.00 63.62  ? 198 PHE A C   1 
ATOM   1345 O O   . PHE A 1 198 ? 2.177   10.013  -13.040 1.00 60.48  ? 198 PHE A O   1 
ATOM   1346 C CB  . PHE A 1 198 ? 2.473   10.836  -10.005 1.00 68.48  ? 198 PHE A CB  1 
ATOM   1347 C CG  . PHE A 1 198 ? 1.855   10.253  -8.770  1.00 65.02  ? 198 PHE A CG  1 
ATOM   1348 C CD1 . PHE A 1 198 ? 0.641   9.589   -8.838  1.00 61.07  ? 198 PHE A CD1 1 
ATOM   1349 C CD2 . PHE A 1 198 ? 2.481   10.370  -7.540  1.00 67.11  ? 198 PHE A CD2 1 
ATOM   1350 C CE1 . PHE A 1 198 ? 0.067   9.049   -7.704  1.00 28.60  ? 198 PHE A CE1 1 
ATOM   1351 C CE2 . PHE A 1 198 ? 1.910   9.832   -6.402  1.00 66.97  ? 198 PHE A CE2 1 
ATOM   1352 C CZ  . PHE A 1 198 ? 0.703   9.172   -6.486  1.00 47.96  ? 198 PHE A CZ  1 
ATOM   1353 N N   . SER A 1 199 ? 4.222   10.915  -12.804 1.00 66.16  ? 199 SER A N   1 
ATOM   1354 C CA  . SER A 1 199 ? 4.256   11.423  -14.171 1.00 53.01  ? 199 SER A CA  1 
ATOM   1355 C C   . SER A 1 199 ? 4.792   10.370  -15.132 1.00 48.20  ? 199 SER A C   1 
ATOM   1356 O O   . SER A 1 199 ? 4.020   9.715   -15.839 1.00 58.68  ? 199 SER A O   1 
ATOM   1357 C CB  . SER A 1 199 ? 5.101   12.696  -14.247 1.00 58.72  ? 199 SER A CB  1 
ATOM   1358 O OG  . SER A 1 199 ? 4.607   13.683  -13.358 1.00 74.96  ? 199 SER A OG  1 
ATOM   1359 N N   . GLY A 1 200 ? 6.115   10.196  -15.160 1.00 41.49  ? 200 GLY A N   1 
ATOM   1360 C CA  . GLY A 1 200 ? 6.706   9.251   -16.093 1.00 50.43  ? 200 GLY A CA  1 
ATOM   1361 C C   . GLY A 1 200 ? 6.456   7.804   -15.713 1.00 59.33  ? 200 GLY A C   1 
ATOM   1362 O O   . GLY A 1 200 ? 6.282   6.948   -16.584 1.00 48.33  ? 200 GLY A O   1 
ATOM   1363 N N   . LYS A 1 201 ? 6.435   7.508   -14.412 1.00 70.45  ? 201 LYS A N   1 
ATOM   1364 C CA  . LYS A 1 201 ? 6.265   6.147   -13.922 1.00 60.43  ? 201 LYS A CA  1 
ATOM   1365 C C   . LYS A 1 201 ? 4.810   5.798   -13.631 1.00 66.53  ? 201 LYS A C   1 
ATOM   1366 O O   . LYS A 1 201 ? 4.550   4.890   -12.833 1.00 72.91  ? 201 LYS A O   1 
ATOM   1367 C CB  . LYS A 1 201 ? 7.118   5.927   -12.670 1.00 65.69  ? 201 LYS A CB  1 
ATOM   1368 C CG  . LYS A 1 201 ? 8.613   6.069   -12.896 1.00 75.45  ? 201 LYS A CG  1 
ATOM   1369 C CD  . LYS A 1 201 ? 9.116   5.068   -13.926 1.00 76.71  ? 201 LYS A CD  1 
ATOM   1370 C CE  . LYS A 1 201 ? 10.632  5.114   -14.048 1.00 80.77  ? 201 LYS A CE  1 
ATOM   1371 N NZ  . LYS A 1 201 ? 11.118  6.479   -14.389 1.00 78.66  ? 201 LYS A NZ  1 
ATOM   1372 N N   . LEU A 1 202 ? 3.856   6.496   -14.252 1.00 59.39  ? 202 LEU A N   1 
ATOM   1373 C CA  . LEU A 1 202 ? 2.456   6.117   -14.103 1.00 57.68  ? 202 LEU A CA  1 
ATOM   1374 C C   . LEU A 1 202 ? 2.165   4.773   -14.758 1.00 68.33  ? 202 LEU A C   1 
ATOM   1375 O O   . LEU A 1 202 ? 1.144   4.150   -14.447 1.00 63.23  ? 202 LEU A O   1 
ATOM   1376 C CB  . LEU A 1 202 ? 1.550   7.203   -14.690 1.00 81.36  ? 202 LEU A CB  1 
ATOM   1377 C CG  . LEU A 1 202 ? 0.088   7.184   -14.236 1.00 101.31 ? 202 LEU A CG  1 
ATOM   1378 C CD1 . LEU A 1 202 ? -0.006  7.325   -12.722 1.00 74.34  ? 202 LEU A CD1 1 
ATOM   1379 C CD2 . LEU A 1 202 ? -0.713  8.275   -14.928 1.00 108.19 ? 202 LEU A CD2 1 
ATOM   1380 N N   . TYR A 1 203 ? 3.044   4.316   -15.652 1.00 73.12  ? 203 TYR A N   1 
ATOM   1381 C CA  . TYR A 1 203 ? 2.910   2.983   -16.228 1.00 85.36  ? 203 TYR A CA  1 
ATOM   1382 C C   . TYR A 1 203 ? 3.102   1.898   -15.175 1.00 79.03  ? 203 TYR A C   1 
ATOM   1383 O O   . TYR A 1 203 ? 2.559   0.796   -15.315 1.00 89.74  ? 203 TYR A O   1 
ATOM   1384 C CB  . TYR A 1 203 ? 3.912   2.815   -17.370 1.00 97.71  ? 203 TYR A CB  1 
ATOM   1385 C CG  . TYR A 1 203 ? 3.970   1.427   -17.966 1.00 128.45 ? 203 TYR A CG  1 
ATOM   1386 C CD1 . TYR A 1 203 ? 2.923   0.936   -18.735 1.00 140.59 ? 203 TYR A CD1 1 
ATOM   1387 C CD2 . TYR A 1 203 ? 5.081   0.616   -17.776 1.00 139.06 ? 203 TYR A CD2 1 
ATOM   1388 C CE1 . TYR A 1 203 ? 2.975   -0.329  -19.287 1.00 144.42 ? 203 TYR A CE1 1 
ATOM   1389 C CE2 . TYR A 1 203 ? 5.143   -0.650  -18.326 1.00 166.35 ? 203 TYR A CE2 1 
ATOM   1390 C CZ  . TYR A 1 203 ? 4.088   -1.117  -19.079 1.00 159.05 ? 203 TYR A CZ  1 
ATOM   1391 O OH  . TYR A 1 203 ? 4.145   -2.378  -19.628 1.00 148.66 ? 203 TYR A OH  1 
ATOM   1392 N N   . LEU A 1 204 ? 3.861   2.190   -14.116 1.00 69.02  ? 204 LEU A N   1 
ATOM   1393 C CA  . LEU A 1 204 ? 4.033   1.220   -13.040 1.00 72.00  ? 204 LEU A CA  1 
ATOM   1394 C C   . LEU A 1 204 ? 2.761   1.085   -12.212 1.00 68.55  ? 204 LEU A C   1 
ATOM   1395 O O   . LEU A 1 204 ? 2.354   -0.031  -11.866 1.00 63.08  ? 204 LEU A O   1 
ATOM   1396 C CB  . LEU A 1 204 ? 5.209   1.624   -12.151 1.00 62.78  ? 204 LEU A CB  1 
ATOM   1397 C CG  . LEU A 1 204 ? 6.560   1.799   -12.848 1.00 67.59  ? 204 LEU A CG  1 
ATOM   1398 C CD1 . LEU A 1 204 ? 7.646   2.132   -11.835 1.00 74.06  ? 204 LEU A CD1 1 
ATOM   1399 C CD2 . LEU A 1 204 ? 6.924   0.554   -13.641 1.00 81.57  ? 204 LEU A CD2 1 
ATOM   1400 N N   . ILE A 1 205 ? 2.124   2.211   -11.878 1.00 67.29  ? 205 ILE A N   1 
ATOM   1401 C CA  . ILE A 1 205 ? 0.864   2.161   -11.143 1.00 53.32  ? 205 ILE A CA  1 
ATOM   1402 C C   . ILE A 1 205 ? -0.220  1.509   -11.990 1.00 59.33  ? 205 ILE A C   1 
ATOM   1403 O O   . ILE A 1 205 ? -1.092  0.803   -11.464 1.00 64.15  ? 205 ILE A O   1 
ATOM   1404 C CB  . ILE A 1 205 ? 0.455   3.573   -10.687 1.00 55.18  ? 205 ILE A CB  1 
ATOM   1405 C CG1 . ILE A 1 205 ? 1.578   4.216   -9.871  1.00 54.25  ? 205 ILE A CG1 1 
ATOM   1406 C CG2 . ILE A 1 205 ? -0.831  3.529   -9.872  1.00 32.22  ? 205 ILE A CG2 1 
ATOM   1407 C CD1 . ILE A 1 205 ? 1.253   5.610   -9.380  1.00 53.67  ? 205 ILE A CD1 1 
ATOM   1408 N N   . GLY A 1 206 ? -0.185  1.725   -13.307 1.00 63.58  ? 206 GLY A N   1 
ATOM   1409 C CA  . GLY A 1 206 ? -1.143  1.067   -14.178 1.00 67.05  ? 206 GLY A CA  1 
ATOM   1410 C C   . GLY A 1 206 ? -0.976  -0.440  -14.191 1.00 70.66  ? 206 GLY A C   1 
ATOM   1411 O O   . GLY A 1 206 ? -1.959  -1.183  -14.258 1.00 65.01  ? 206 GLY A O   1 
ATOM   1412 N N   . ILE A 1 207 ? 0.270   -0.913  -14.126 1.00 69.54  ? 207 ILE A N   1 
ATOM   1413 C CA  . ILE A 1 207 ? 0.518   -2.350  -14.061 1.00 67.78  ? 207 ILE A CA  1 
ATOM   1414 C C   . ILE A 1 207 ? -0.015  -2.923  -12.754 1.00 71.21  ? 207 ILE A C   1 
ATOM   1415 O O   . ILE A 1 207 ? -0.773  -3.900  -12.750 1.00 73.46  ? 207 ILE A O   1 
ATOM   1416 C CB  . ILE A 1 207 ? 2.019   -2.648  -14.235 1.00 60.28  ? 207 ILE A CB  1 
ATOM   1417 C CG1 . ILE A 1 207 ? 2.437   -2.470  -15.695 1.00 94.48  ? 207 ILE A CG1 1 
ATOM   1418 C CG2 . ILE A 1 207 ? 2.349   -4.050  -13.743 1.00 49.89  ? 207 ILE A CG2 1 
ATOM   1419 C CD1 . ILE A 1 207 ? 3.858   -2.908  -15.974 1.00 105.93 ? 207 ILE A CD1 1 
ATOM   1420 N N   . ALA A 1 208 ? 0.369   -2.319  -11.626 1.00 55.67  ? 208 ALA A N   1 
ATOM   1421 C CA  . ALA A 1 208 ? -0.069  -2.823  -10.327 1.00 59.47  ? 208 ALA A CA  1 
ATOM   1422 C C   . ALA A 1 208 ? -1.586  -2.787  -10.201 1.00 50.91  ? 208 ALA A C   1 
ATOM   1423 O O   . ALA A 1 208 ? -2.189  -3.698  -9.620  1.00 61.32  ? 208 ALA A O   1 
ATOM   1424 C CB  . ALA A 1 208 ? 0.584   -2.016  -9.205  1.00 69.75  ? 208 ALA A CB  1 
ATOM   1425 N N   . ALA A 1 209 ? -2.223  -1.748  -10.745 1.00 46.53  ? 209 ALA A N   1 
ATOM   1426 C CA  . ALA A 1 209 ? -3.678  -1.652  -10.676 1.00 61.20  ? 209 ALA A CA  1 
ATOM   1427 C C   . ALA A 1 209 ? -4.339  -2.775  -11.465 1.00 64.28  ? 209 ALA A C   1 
ATOM   1428 O O   . ALA A 1 209 ? -5.247  -3.450  -10.966 1.00 77.44  ? 209 ALA A O   1 
ATOM   1429 C CB  . ALA A 1 209 ? -4.140  -0.287  -11.186 1.00 67.24  ? 209 ALA A CB  1 
ATOM   1430 N N   . ILE A 1 210 ? -3.890  -2.996  -12.703 1.00 53.71  ? 210 ILE A N   1 
ATOM   1431 C CA  . ILE A 1 210 ? -4.465  -4.062  -13.517 1.00 55.29  ? 210 ILE A CA  1 
ATOM   1432 C C   . ILE A 1 210 ? -4.156  -5.428  -12.917 1.00 60.55  ? 210 ILE A C   1 
ATOM   1433 O O   . ILE A 1 210 ? -4.976  -6.352  -13.005 1.00 50.64  ? 210 ILE A O   1 
ATOM   1434 C CB  . ILE A 1 210 ? -3.969  -3.948  -14.971 1.00 59.88  ? 210 ILE A CB  1 
ATOM   1435 C CG1 . ILE A 1 210 ? -4.449  -2.634  -15.591 1.00 68.02  ? 210 ILE A CG1 1 
ATOM   1436 C CG2 . ILE A 1 210 ? -4.453  -5.124  -15.808 1.00 61.32  ? 210 ILE A CG2 1 
ATOM   1437 C CD1 . ILE A 1 210 ? -5.955  -2.475  -15.591 1.00 54.83  ? 210 ILE A CD1 1 
ATOM   1438 N N   . VAL A 1 211 ? -2.987  -5.583  -12.289 1.00 65.74  ? 211 VAL A N   1 
ATOM   1439 C CA  . VAL A 1 211 ? -2.674  -6.836  -11.605 1.00 58.57  ? 211 VAL A CA  1 
ATOM   1440 C C   . VAL A 1 211 ? -3.690  -7.107  -10.503 1.00 61.51  ? 211 VAL A C   1 
ATOM   1441 O O   . VAL A 1 211 ? -4.160  -8.239  -10.336 1.00 67.14  ? 211 VAL A O   1 
ATOM   1442 C CB  . VAL A 1 211 ? -1.234  -6.807  -11.061 1.00 60.31  ? 211 VAL A CB  1 
ATOM   1443 C CG1 . VAL A 1 211 ? -1.029  -7.903  -10.027 1.00 57.07  ? 211 VAL A CG1 1 
ATOM   1444 C CG2 . VAL A 1 211 ? -0.238  -6.969  -12.198 1.00 76.71  ? 211 VAL A CG2 1 
ATOM   1445 N N   . VAL A 1 212 ? -4.056  -6.073  -9.742  1.00 67.73  ? 212 VAL A N   1 
ATOM   1446 C CA  . VAL A 1 212 ? -5.127  -6.227  -8.763  1.00 67.55  ? 212 VAL A CA  1 
ATOM   1447 C C   . VAL A 1 212 ? -6.457  -6.472  -9.464  1.00 63.23  ? 212 VAL A C   1 
ATOM   1448 O O   . VAL A 1 212 ? -7.326  -7.178  -8.938  1.00 56.51  ? 212 VAL A O   1 
ATOM   1449 C CB  . VAL A 1 212 ? -5.184  -4.997  -7.837  1.00 60.45  ? 212 VAL A CB  1 
ATOM   1450 C CG1 . VAL A 1 212 ? -6.314  -5.133  -6.826  1.00 66.81  ? 212 VAL A CG1 1 
ATOM   1451 C CG2 . VAL A 1 212 ? -3.856  -4.811  -7.122  1.00 59.19  ? 212 VAL A CG2 1 
ATOM   1452 N N   . ALA A 1 213 ? -6.635  -5.917  -10.665 1.00 55.83  ? 213 ALA A N   1 
ATOM   1453 C CA  . ALA A 1 213 ? -7.889  -6.108  -11.387 1.00 49.03  ? 213 ALA A CA  1 
ATOM   1454 C C   . ALA A 1 213 ? -8.003  -7.523  -11.942 1.00 69.94  ? 213 ALA A C   1 
ATOM   1455 O O   . ALA A 1 213 ? -9.098  -8.097  -11.969 1.00 75.59  ? 213 ALA A O   1 
ATOM   1456 C CB  . ALA A 1 213 ? -8.011  -5.079  -12.510 1.00 47.86  ? 213 ALA A CB  1 
ATOM   1457 N N   . VAL A 1 214 ? -6.889  -8.104  -12.392 1.00 78.16  ? 214 VAL A N   1 
ATOM   1458 C CA  . VAL A 1 214 ? -6.959  -9.438  -12.978 1.00 69.79  ? 214 VAL A CA  1 
ATOM   1459 C C   . VAL A 1 214 ? -7.032  -10.516 -11.899 1.00 68.78  ? 214 VAL A C   1 
ATOM   1460 O O   . VAL A 1 214 ? -7.606  -11.585 -12.131 1.00 78.94  ? 214 VAL A O   1 
ATOM   1461 C CB  . VAL A 1 214 ? -5.779  -9.683  -13.935 1.00 68.92  ? 214 VAL A CB  1 
ATOM   1462 C CG1 . VAL A 1 214 ? -5.822  -8.699  -15.096 1.00 60.58  ? 214 VAL A CG1 1 
ATOM   1463 C CG2 . VAL A 1 214 ? -4.453  -9.595  -13.198 1.00 64.75  ? 214 VAL A CG2 1 
ATOM   1464 N N   . ILE A 1 215 ? -6.467  -10.269 -10.715 1.00 56.99  ? 215 ILE A N   1 
ATOM   1465 C CA  . ILE A 1 215 ? -6.605  -11.240 -9.635  1.00 57.03  ? 215 ILE A CA  1 
ATOM   1466 C C   . ILE A 1 215 ? -7.982  -11.170 -8.990  1.00 66.50  ? 215 ILE A C   1 
ATOM   1467 O O   . ILE A 1 215 ? -8.408  -12.139 -8.351  1.00 81.16  ? 215 ILE A O   1 
ATOM   1468 C CB  . ILE A 1 215 ? -5.519  -11.063 -8.561  1.00 50.44  ? 215 ILE A CB  1 
ATOM   1469 C CG1 . ILE A 1 215 ? -5.663  -9.709  -7.863  1.00 64.20  ? 215 ILE A CG1 1 
ATOM   1470 C CG2 . ILE A 1 215 ? -4.133  -11.224 -9.170  1.00 66.64  ? 215 ILE A CG2 1 
ATOM   1471 C CD1 . ILE A 1 215 ? -4.654  -9.482  -6.758  1.00 68.54  ? 215 ILE A CD1 1 
ATOM   1472 N N   . MET A 1 216 ? -8.692  -10.048 -9.139  1.00 60.38  ? 216 MET A N   1 
ATOM   1473 C CA  . MET A 1 216 ? -10.068 -9.979  -8.662  1.00 59.17  ? 216 MET A CA  1 
ATOM   1474 C C   . MET A 1 216 ? -10.995 -10.789 -9.560  1.00 76.64  ? 216 MET A C   1 
ATOM   1475 O O   . MET A 1 216 ? -11.769 -11.623 -9.078  1.00 85.01  ? 216 MET A O   1 
ATOM   1476 C CB  . MET A 1 216 ? -10.531 -8.523  -8.581  1.00 55.27  ? 216 MET A CB  1 
ATOM   1477 C CG  . MET A 1 216 ? -10.026 -7.766  -7.361  1.00 48.05  ? 216 MET A CG  1 
ATOM   1478 S SD  . MET A 1 216 ? -10.659 -6.077  -7.305  1.00 86.85  ? 216 MET A SD  1 
ATOM   1479 C CE  . MET A 1 216 ? -9.905  -5.469  -5.799  1.00 41.07  ? 216 MET A CE  1 
ATOM   1480 N N   . ILE A 1 217 ? -10.923 -10.560 -10.875 1.00 72.85  ? 217 ILE A N   1 
ATOM   1481 C CA  . ILE A 1 217 ? -11.764 -11.315 -11.800 1.00 72.30  ? 217 ILE A CA  1 
ATOM   1482 C C   . ILE A 1 217 ? -11.387 -12.790 -11.792 1.00 76.89  ? 217 ILE A C   1 
ATOM   1483 O O   . ILE A 1 217 ? -12.239 -13.656 -12.032 1.00 80.16  ? 217 ILE A O   1 
ATOM   1484 C CB  . ILE A 1 217 ? -11.680 -10.720 -13.219 1.00 71.52  ? 217 ILE A CB  1 
ATOM   1485 C CG1 . ILE A 1 217 ? -10.246 -10.778 -13.747 1.00 75.12  ? 217 ILE A CG1 1 
ATOM   1486 C CG2 . ILE A 1 217 ? -12.192 -9.288  -13.232 1.00 72.27  ? 217 ILE A CG2 1 
ATOM   1487 C CD1 . ILE A 1 217 ? -10.072 -10.166 -15.119 1.00 56.57  ? 217 ILE A CD1 1 
ATOM   1488 N N   . PHE A 1 218 ? -10.120 -13.107 -11.515 1.00 77.31  ? 218 PHE A N   1 
ATOM   1489 C CA  . PHE A 1 218 ? -9.719  -14.506 -11.428 1.00 78.51  ? 218 PHE A CA  1 
ATOM   1490 C C   . PHE A 1 218 ? -10.290 -15.158 -10.174 1.00 86.36  ? 218 PHE A C   1 
ATOM   1491 O O   . PHE A 1 218 ? -10.721 -16.316 -10.212 1.00 81.05  ? 218 PHE A O   1 
ATOM   1492 C CB  . PHE A 1 218 ? -8.194  -14.620 -11.453 1.00 72.45  ? 218 PHE A CB  1 
ATOM   1493 C CG  . PHE A 1 218 ? -7.693  -15.994 -11.794 1.00 93.27  ? 218 PHE A CG  1 
ATOM   1494 C CD1 . PHE A 1 218 ? -7.905  -16.526 -13.055 1.00 96.87  ? 218 PHE A CD1 1 
ATOM   1495 C CD2 . PHE A 1 218 ? -7.001  -16.746 -10.861 1.00 88.29  ? 218 PHE A CD2 1 
ATOM   1496 C CE1 . PHE A 1 218 ? -7.443  -17.788 -13.377 1.00 89.60  ? 218 PHE A CE1 1 
ATOM   1497 C CE2 . PHE A 1 218 ? -6.535  -18.009 -11.177 1.00 87.05  ? 218 PHE A CE2 1 
ATOM   1498 C CZ  . PHE A 1 218 ? -6.757  -18.530 -12.437 1.00 90.38  ? 218 PHE A CZ  1 
ATOM   1499 N N   . GLU A 1 219 ? -10.306 -14.427 -9.057  1.00 88.21  ? 219 GLU A N   1 
ATOM   1500 C CA  . GLU A 1 219 ? -10.940 -14.945 -7.851  1.00 82.27  ? 219 GLU A CA  1 
ATOM   1501 C C   . GLU A 1 219 ? -12.459 -14.930 -7.965  1.00 98.05  ? 219 GLU A C   1 
ATOM   1502 O O   . GLU A 1 219 ? -13.130 -15.773 -7.360  1.00 110.67 ? 219 GLU A O   1 
ATOM   1503 C CB  . GLU A 1 219 ? -10.493 -14.143 -6.630  1.00 64.38  ? 219 GLU A CB  1 
ATOM   1504 C CG  . GLU A 1 219 ? -9.078  -14.450 -6.164  1.00 66.32  ? 219 GLU A CG  1 
ATOM   1505 C CD  . GLU A 1 219 ? -8.678  -13.635 -4.949  1.00 79.37  ? 219 GLU A CD  1 
ATOM   1506 O OE1 . GLU A 1 219 ? -9.261  -12.551 -4.740  1.00 87.33  ? 219 GLU A OE1 1 
ATOM   1507 O OE2 . GLU A 1 219 ? -7.785  -14.082 -4.201  1.00 87.76  ? 219 GLU A OE2 1 
ATOM   1508 N N   . MET A 1 220 ? -13.018 -13.988 -8.731  1.00 86.08  ? 220 MET A N   1 
ATOM   1509 C CA  . MET A 1 220 ? -14.466 -13.948 -8.912  1.00 75.65  ? 220 MET A CA  1 
ATOM   1510 C C   . MET A 1 220 ? -14.957 -15.166 -9.683  1.00 87.96  ? 220 MET A C   1 
ATOM   1511 O O   . MET A 1 220 ? -15.894 -15.849 -9.253  1.00 93.32  ? 220 MET A O   1 
ATOM   1512 C CB  . MET A 1 220 ? -14.880 -12.660 -9.627  1.00 71.53  ? 220 MET A CB  1 
ATOM   1513 C CG  . MET A 1 220 ? -14.874 -11.428 -8.741  1.00 78.90  ? 220 MET A CG  1 
ATOM   1514 S SD  . MET A 1 220 ? -15.827 -10.051 -9.409  1.00 68.22  ? 220 MET A SD  1 
ATOM   1515 C CE  . MET A 1 220 ? -14.969 -9.749  -10.950 1.00 71.01  ? 220 MET A CE  1 
ATOM   1516 N N   . ILE A 1 221 ? -14.338 -15.451 -10.831 1.00 89.90  ? 221 ILE A N   1 
ATOM   1517 C CA  . ILE A 1 221 ? -14.743 -16.608 -11.624 1.00 83.83  ? 221 ILE A CA  1 
ATOM   1518 C C   . ILE A 1 221 ? -14.521 -17.895 -10.840 1.00 63.40  ? 221 ILE A C   1 
ATOM   1519 O O   . ILE A 1 221 ? -15.382 -18.783 -10.818 1.00 70.36  ? 221 ILE A O   1 
ATOM   1520 C CB  . ILE A 1 221 ? -13.995 -16.626 -12.970 1.00 100.58 ? 221 ILE A CB  1 
ATOM   1521 C CG1 . ILE A 1 221 ? -14.360 -15.392 -13.799 1.00 109.01 ? 221 ILE A CG1 1 
ATOM   1522 C CG2 . ILE A 1 221 ? -14.312 -17.897 -13.743 1.00 113.16 ? 221 ILE A CG2 1 
ATOM   1523 C CD1 . ILE A 1 221 ? -13.699 -15.353 -15.160 1.00 103.13 ? 221 ILE A CD1 1 
ATOM   1524 N N   . LEU A 1 222 ? -13.372 -18.011 -10.168 1.00 59.68  ? 222 LEU A N   1 
ATOM   1525 C CA  . LEU A 1 222 ? -13.091 -19.206 -9.381  1.00 83.37  ? 222 LEU A CA  1 
ATOM   1526 C C   . LEU A 1 222 ? -13.982 -19.319 -8.151  1.00 78.75  ? 222 LEU A C   1 
ATOM   1527 O O   . LEU A 1 222 ? -14.103 -20.413 -7.590  1.00 78.11  ? 222 LEU A O   1 
ATOM   1528 C CB  . LEU A 1 222 ? -11.620 -19.230 -8.960  1.00 77.22  ? 222 LEU A CB  1 
ATOM   1529 C CG  . LEU A 1 222 ? -10.606 -19.532 -10.066 1.00 78.08  ? 222 LEU A CG  1 
ATOM   1530 C CD1 . LEU A 1 222 ? -9.203  -19.630 -9.489  1.00 76.13  ? 222 LEU A CD1 1 
ATOM   1531 C CD2 . LEU A 1 222 ? -10.977 -20.807 -10.804 1.00 84.04  ? 222 LEU A CD2 1 
ATOM   1532 N N   . SER A 1 223 ? -14.605 -18.221 -7.717  1.00 64.40  ? 223 SER A N   1 
ATOM   1533 C CA  . SER A 1 223 ? -15.528 -18.298 -6.590  1.00 58.33  ? 223 SER A CA  1 
ATOM   1534 C C   . SER A 1 223 ? -16.872 -18.877 -7.012  1.00 64.06  ? 223 SER A C   1 
ATOM   1535 O O   . SER A 1 223 ? -17.428 -19.732 -6.313  1.00 66.81  ? 223 SER A O   1 
ATOM   1536 C CB  . SER A 1 223 ? -15.716 -16.916 -5.963  1.00 65.44  ? 223 SER A CB  1 
ATOM   1537 O OG  . SER A 1 223 ? -14.496 -16.428 -5.436  1.00 87.44  ? 223 SER A OG  1 
ATOM   1538 N N   . MET A 1 224 ? -17.409 -18.428 -8.149  1.00 64.91  ? 224 MET A N   1 
ATOM   1539 C CA  . MET A 1 224 ? -18.652 -19.003 -8.651  1.00 69.66  ? 224 MET A CA  1 
ATOM   1540 C C   . MET A 1 224 ? -18.440 -20.412 -9.187  1.00 76.52  ? 224 MET A C   1 
ATOM   1541 O O   . MET A 1 224 ? -19.378 -21.217 -9.196  1.00 74.83  ? 224 MET A O   1 
ATOM   1542 C CB  . MET A 1 224 ? -19.256 -18.102 -9.728  1.00 65.41  ? 224 MET A CB  1 
ATOM   1543 C CG  . MET A 1 224 ? -20.003 -16.905 -9.162  1.00 78.70  ? 224 MET A CG  1 
ATOM   1544 S SD  . MET A 1 224 ? -21.247 -17.409 -7.956  1.00 83.76  ? 224 MET A SD  1 
ATOM   1545 C CE  . MET A 1 224 ? -21.965 -15.829 -7.515  1.00 77.27  ? 224 MET A CE  1 
ATOM   1546 N N   . VAL A 1 225 ? -17.226 -20.729 -9.640  1.00 78.85  ? 225 VAL A N   1 
ATOM   1547 C CA  . VAL A 1 225 ? -16.908 -22.107 -9.996  1.00 61.71  ? 225 VAL A CA  1 
ATOM   1548 C C   . VAL A 1 225 ? -16.892 -22.981 -8.748  1.00 70.59  ? 225 VAL A C   1 
ATOM   1549 O O   . VAL A 1 225 ? -17.368 -24.123 -8.764  1.00 85.70  ? 225 VAL A O   1 
ATOM   1550 C CB  . VAL A 1 225 ? -15.572 -22.168 -10.759 1.00 62.23  ? 225 VAL A CB  1 
ATOM   1551 C CG1 . VAL A 1 225 ? -15.039 -23.592 -10.800 1.00 78.74  ? 225 VAL A CG1 1 
ATOM   1552 C CG2 . VAL A 1 225 ? -15.747 -21.631 -12.170 1.00 72.26  ? 225 VAL A CG2 1 
ATOM   1553 N N   . LEU A 1 226 ? -16.357 -22.455 -7.644  1.00 59.65  ? 226 LEU A N   1 
ATOM   1554 C CA  . LEU A 1 226 ? -16.376 -23.196 -6.386  1.00 54.99  ? 226 LEU A CA  1 
ATOM   1555 C C   . LEU A 1 226 ? -17.802 -23.386 -5.880  1.00 58.45  ? 226 LEU A C   1 
ATOM   1556 O O   . LEU A 1 226 ? -18.136 -24.446 -5.338  1.00 60.73  ? 226 LEU A O   1 
ATOM   1557 C CB  . LEU A 1 226 ? -15.520 -22.479 -5.341  1.00 42.82  ? 226 LEU A CB  1 
ATOM   1558 C CG  . LEU A 1 226 ? -15.542 -23.032 -3.914  1.00 31.76  ? 226 LEU A CG  1 
ATOM   1559 C CD1 . LEU A 1 226 ? -15.183 -24.509 -3.891  1.00 39.90  ? 226 LEU A CD1 1 
ATOM   1560 C CD2 . LEU A 1 226 ? -14.599 -22.241 -3.022  1.00 20.69  ? 226 LEU A CD2 1 
ATOM   1561 N N   . SER A 1 227 ? -18.657 -22.374 -6.050  1.00 60.65  ? 227 SER A N   1 
ATOM   1562 C CA  . SER A 1 227 ? -20.047 -22.509 -5.628  1.00 54.89  ? 227 SER A CA  1 
ATOM   1563 C C   . SER A 1 227 ? -20.784 -23.535 -6.479  1.00 86.09  ? 227 SER A C   1 
ATOM   1564 O O   . SER A 1 227 ? -21.560 -24.343 -5.956  1.00 100.93 ? 227 SER A O   1 
ATOM   1565 C CB  . SER A 1 227 ? -20.753 -21.155 -5.690  1.00 66.51  ? 227 SER A CB  1 
ATOM   1566 O OG  . SER A 1 227 ? -20.921 -20.730 -7.032  1.00 93.86  ? 227 SER A OG  1 
ATOM   1567 N N   . SER A 1 228 ? -20.554 -23.519 -7.794  1.00 88.95  ? 228 SER A N   1 
ATOM   1568 C CA  . SER A 1 228 ? -21.162 -24.514 -8.669  1.00 87.83  ? 228 SER A CA  1 
ATOM   1569 C C   . SER A 1 228 ? -20.531 -25.890 -8.500  1.00 79.85  ? 228 SER A C   1 
ATOM   1570 O O   . SER A 1 228 ? -21.147 -26.891 -8.883  1.00 89.24  ? 228 SER A O   1 
ATOM   1571 C CB  . SER A 1 228 ? -21.056 -24.069 -10.128 1.00 94.64  ? 228 SER A CB  1 
ATOM   1572 O OG  . SER A 1 228 ? -19.702 -23.931 -10.523 1.00 104.38 ? 228 SER A OG  1 
ATOM   1573 N N   . GLY A 1 229 ? -19.326 -25.962 -7.941  1.00 71.97  ? 229 GLY A N   1 
ATOM   1574 C CA  . GLY A 1 229 ? -18.664 -27.233 -7.727  1.00 79.22  ? 229 GLY A CA  1 
ATOM   1575 C C   . GLY A 1 229 ? -18.958 -27.831 -6.368  1.00 89.91  ? 229 GLY A C   1 
ATOM   1576 O O   . GLY A 1 229 ? -19.016 -29.055 -6.221  1.00 100.59 ? 229 GLY A O   1 
ATOM   1577 N N   . ILE A 1 230 ? -19.150 -26.974 -5.361  1.00 91.30  ? 230 ILE A N   1 
ATOM   1578 C CA  . ILE A 1 230 ? -19.459 -27.445 -4.016  1.00 88.91  ? 230 ILE A CA  1 
ATOM   1579 C C   . ILE A 1 230 ? -20.864 -28.009 -3.896  1.00 88.80  ? 230 ILE A C   1 
ATOM   1580 O O   . ILE A 1 230 ? -21.182 -28.643 -2.882  1.00 91.52  ? 230 ILE A O   1 
ATOM   1581 C CB  . ILE A 1 230 ? -19.274 -26.315 -2.983  1.00 96.02  ? 230 ILE A CB  1 
ATOM   1582 N N   . ARG A 1 231 ? -21.714 -27.795 -4.899  1.00 99.08  ? 231 ARG A N   1 
ATOM   1583 C CA  . ARG A 1 231 ? -23.078 -28.316 -4.883  1.00 109.38 ? 231 ARG A CA  1 
ATOM   1584 C C   . ARG A 1 231 ? -23.037 -29.821 -5.110  1.00 102.43 ? 231 ARG A C   1 
ATOM   1585 O O   . ARG A 1 231 ? -22.823 -30.289 -6.230  1.00 89.28  ? 231 ARG A O   1 
ATOM   1586 C CB  . ARG A 1 231 ? -23.924 -27.617 -5.941  1.00 94.12  ? 231 ARG A CB  1 
ATOM   1587 C CG  . ARG A 1 231 ? -25.351 -28.128 -6.028  1.00 101.71 ? 231 ARG A CG  1 
ATOM   1588 C CD  . ARG A 1 231 ? -26.177 -27.292 -6.989  1.00 117.34 ? 231 ARG A CD  1 
ATOM   1589 N NE  . ARG A 1 231 ? -26.263 -25.899 -6.560  1.00 122.74 ? 231 ARG A NE  1 
ATOM   1590 C CZ  . ARG A 1 231 ? -27.184 -25.430 -5.724  1.00 130.42 ? 231 ARG A CZ  1 
ATOM   1591 N NH1 . ARG A 1 231 ? -28.102 -26.245 -5.220  1.00 134.96 ? 231 ARG A NH1 1 
ATOM   1592 N NH2 . ARG A 1 231 ? -27.188 -24.148 -5.390  1.00 140.79 ? 231 ARG A NH2 1 
ATOM   1593 N N   . ASN A 1 232 ? -23.240 -30.586 -4.041  1.00 90.62  ? 232 ASN A N   1 
ATOM   1594 C CA  . ASN A 1 232 ? -23.223 -32.042 -4.124  1.00 90.40  ? 232 ASN A CA  1 
ATOM   1595 C C   . ASN A 1 232 ? -24.210 -32.653 -3.139  1.00 96.88  ? 232 ASN A C   1 
ATOM   1596 O O   . ASN A 1 232 ? -24.735 -31.965 -2.262  1.00 98.86  ? 232 ASN A O   1 
ATOM   1597 C CB  . ASN A 1 232 ? -21.815 -32.578 -3.864  1.00 64.02  ? 232 ASN A CB  1 
HETATM 1598 C C1  . CLR B 2 .   ? -6.107  -8.680  -2.323  1.00 100.80 ? 301 CLR A C1  1 
HETATM 1599 C C2  . CLR B 2 .   ? -6.675  -10.011 -2.807  1.00 102.26 ? 301 CLR A C2  1 
HETATM 1600 C C3  . CLR B 2 .   ? -7.910  -10.403 -2.005  1.00 89.99  ? 301 CLR A C3  1 
HETATM 1601 C C4  . CLR B 2 .   ? -8.981  -9.336  -2.190  1.00 90.89  ? 301 CLR A C4  1 
HETATM 1602 C C5  . CLR B 2 .   ? -8.398  -7.998  -1.805  1.00 103.13 ? 301 CLR A C5  1 
HETATM 1603 C C6  . CLR B 2 .   ? -9.036  -7.264  -0.882  1.00 94.86  ? 301 CLR A C6  1 
HETATM 1604 C C7  . CLR B 2 .   ? -8.584  -5.889  -0.458  1.00 89.97  ? 301 CLR A C7  1 
HETATM 1605 C C8  . CLR B 2 .   ? -7.686  -5.286  -1.523  1.00 90.88  ? 301 CLR A C8  1 
HETATM 1606 C C9  . CLR B 2 .   ? -6.570  -6.265  -1.878  1.00 104.43 ? 301 CLR A C9  1 
HETATM 1607 C C10 . CLR B 2 .   ? -7.122  -7.555  -2.481  1.00 102.04 ? 301 CLR A C10 1 
HETATM 1608 C C11 . CLR B 2 .   ? -5.531  -5.622  -2.806  1.00 102.63 ? 301 CLR A C11 1 
HETATM 1609 C C12 . CLR B 2 .   ? -5.024  -4.264  -2.313  1.00 94.15  ? 301 CLR A C12 1 
HETATM 1610 C C13 . CLR B 2 .   ? -6.202  -3.333  -2.070  1.00 91.47  ? 301 CLR A C13 1 
HETATM 1611 C C14 . CLR B 2 .   ? -7.070  -3.989  -1.020  1.00 88.37  ? 301 CLR A C14 1 
HETATM 1612 C C15 . CLR B 2 .   ? -8.019  -2.892  -0.564  1.00 66.33  ? 301 CLR A C15 1 
HETATM 1613 C C16 . CLR B 2 .   ? -7.161  -1.629  -0.640  1.00 73.41  ? 301 CLR A C16 1 
HETATM 1614 C C17 . CLR B 2 .   ? -5.907  -1.972  -1.450  1.00 76.99  ? 301 CLR A C17 1 
HETATM 1615 C C18 . CLR B 2 .   ? -6.992  -3.124  -3.362  1.00 92.07  ? 301 CLR A C18 1 
HETATM 1616 C C19 . CLR B 2 .   ? -7.420  -7.351  -3.962  1.00 87.41  ? 301 CLR A C19 1 
HETATM 1617 C C20 . CLR B 2 .   ? -5.545  -0.866  -2.442  1.00 65.19  ? 301 CLR A C20 1 
HETATM 1618 C C21 . CLR B 2 .   ? -4.089  -0.948  -2.888  1.00 77.78  ? 301 CLR A C21 1 
HETATM 1619 C C22 . CLR B 2 .   ? -5.839  0.512   -1.854  1.00 53.44  ? 301 CLR A C22 1 
HETATM 1620 C C23 . CLR B 2 .   ? -5.285  1.626   -2.736  1.00 60.31  ? 301 CLR A C23 1 
HETATM 1621 C C24 . CLR B 2 .   ? -5.280  2.972   -2.018  1.00 48.38  ? 301 CLR A C24 1 
HETATM 1622 C C25 . CLR B 2 .   ? -6.663  3.613   -2.004  1.00 59.84  ? 301 CLR A C25 1 
HETATM 1623 C C26 . CLR B 2 .   ? -7.287  3.560   -0.614  1.00 46.75  ? 301 CLR A C26 1 
HETATM 1624 C C27 . CLR B 2 .   ? -6.604  5.047   -2.518  1.00 36.71  ? 301 CLR A C27 1 
HETATM 1625 O O1  . CLR B 2 .   ? -8.408  -11.666 -2.462  1.00 78.59  ? 301 CLR A O1  1 
HETATM 1626 O O   . HOH C 3 .   ? 17.728  7.881   14.322  1.00 40.33  ? 401 HOH A O   1 
HETATM 1627 O O   . HOH C 3 .   ? 12.284  19.563  -3.717  1.00 28.11  ? 402 HOH A O   1 
HETATM 1628 O O   . HOH C 3 .   ? 9.608   20.591  2.364   1.00 16.37  ? 403 HOH A O   1 
# 
loop_
_pdbx_poly_seq_scheme.asym_id 
_pdbx_poly_seq_scheme.entity_id 
_pdbx_poly_seq_scheme.seq_id 
_pdbx_poly_seq_scheme.mon_id 
_pdbx_poly_seq_scheme.ndb_seq_num 
_pdbx_poly_seq_scheme.pdb_seq_num 
_pdbx_poly_seq_scheme.auth_seq_num 
_pdbx_poly_seq_scheme.pdb_mon_id 
_pdbx_poly_seq_scheme.auth_mon_id 
_pdbx_poly_seq_scheme.pdb_strand_id 
_pdbx_poly_seq_scheme.pdb_ins_code 
_pdbx_poly_seq_scheme.hetero 
A 1 1   ARG 1   1   ?   ?   ?   A . n 
A 1 2   GLY 2   2   ?   ?   ?   A . n 
A 1 3   VAL 3   3   ?   ?   ?   A . n 
A 1 4   GLU 4   4   ?   ?   ?   A . n 
A 1 5   GLY 5   5   ?   ?   ?   A . n 
A 1 6   SER 6   6   6   SER SER A . n 
A 1 7   THR 7   7   7   THR THR A . n 
A 1 8   LYS 8   8   8   LYS LYS A . n 
A 1 9   SER 9   9   9   SER SER A . n 
A 1 10  ILE 10  10  10  ILE ILE A . n 
A 1 11  LYS 11  11  11  LYS LYS A . n 
A 1 12  TYR 12  12  12  TYR TYR A . n 
A 1 13  LEU 13  13  13  LEU LEU A . n 
A 1 14  LEU 14  14  14  LEU LEU A . n 
A 1 15  PHE 15  15  15  PHE PHE A . n 
A 1 16  VAL 16  16  16  VAL VAL A . n 
A 1 17  PHE 17  17  17  PHE PHE A . n 
A 1 18  ASN 18  18  18  ASN ASN A . n 
A 1 19  PHE 19  19  19  PHE PHE A . n 
A 1 20  VAL 20  20  20  VAL VAL A . n 
A 1 21  PHE 21  21  21  PHE PHE A . n 
A 1 22  TRP 22  22  22  TRP TRP A . n 
A 1 23  LEU 23  23  23  LEU LEU A . n 
A 1 24  ALA 24  24  24  ALA ALA A . n 
A 1 25  GLY 25  25  25  GLY GLY A . n 
A 1 26  GLY 26  26  26  GLY GLY A . n 
A 1 27  VAL 27  27  27  VAL VAL A . n 
A 1 28  ILE 28  28  28  ILE ILE A . n 
A 1 29  LEU 29  29  29  LEU LEU A . n 
A 1 30  GLY 30  30  30  GLY GLY A . n 
A 1 31  VAL 31  31  31  VAL VAL A . n 
A 1 32  ALA 32  32  32  ALA ALA A . n 
A 1 33  LEU 33  33  33  LEU LEU A . n 
A 1 34  TRP 34  34  34  TRP TRP A . n 
A 1 35  LEU 35  35  35  LEU LEU A . n 
A 1 36  ARG 36  36  36  ARG ARG A . n 
A 1 37  HIS 37  37  37  HIS HIS A . n 
A 1 38  ASP 38  38  ?   ?   ?   A . n 
A 1 39  PRO 39  39  ?   ?   ?   A . n 
A 1 40  GLN 40  40  ?   ?   ?   A . n 
A 1 41  THR 41  41  ?   ?   ?   A . n 
A 1 42  THR 42  42  ?   ?   ?   A . n 
A 1 43  ASN 43  43  ?   ?   ?   A . n 
A 1 44  LEU 44  44  ?   ?   ?   A . n 
A 1 45  LEU 45  45  ?   ?   ?   A . n 
A 1 46  TYR 46  46  ?   ?   ?   A . n 
A 1 47  LEU 47  47  ?   ?   ?   A . n 
A 1 48  GLU 48  48  ?   ?   ?   A . n 
A 1 49  LEU 49  49  ?   ?   ?   A . n 
A 1 50  GLY 50  50  ?   ?   ?   A . n 
A 1 51  ASP 51  51  ?   ?   ?   A . n 
A 1 52  LYS 52  52  ?   ?   ?   A . n 
A 1 53  PRO 53  53  ?   ?   ?   A . n 
A 1 54  ALA 54  54  ?   ?   ?   A . n 
A 1 55  PRO 55  55  55  PRO PRO A . n 
A 1 56  ASN 56  56  56  ASN ASN A . n 
A 1 57  THR 57  57  57  THR THR A . n 
A 1 58  PHE 58  58  58  PHE PHE A . n 
A 1 59  TYR 59  59  59  TYR TYR A . n 
A 1 60  VAL 60  60  60  VAL VAL A . n 
A 1 61  GLY 61  61  61  GLY GLY A . n 
A 1 62  ILE 62  62  62  ILE ILE A . n 
A 1 63  TYR 63  63  63  TYR TYR A . n 
A 1 64  ILE 64  64  64  ILE ILE A . n 
A 1 65  LEU 65  65  65  LEU LEU A . n 
A 1 66  ILE 66  66  66  ILE ILE A . n 
A 1 67  ALA 67  67  67  ALA ALA A . n 
A 1 68  VAL 68  68  68  VAL VAL A . n 
A 1 69  GLY 69  69  69  GLY GLY A . n 
A 1 70  ALA 70  70  70  ALA ALA A . n 
A 1 71  VAL 71  71  71  VAL VAL A . n 
A 1 72  MET 72  72  72  MET MET A . n 
A 1 73  MET 73  73  73  MET MET A . n 
A 1 74  PHE 74  74  74  PHE PHE A . n 
A 1 75  VAL 75  75  75  VAL VAL A . n 
A 1 76  GLY 76  76  76  GLY GLY A . n 
A 1 77  PHE 77  77  77  PHE PHE A . n 
A 1 78  LEU 78  78  78  LEU LEU A . n 
A 1 79  GLY 79  79  79  GLY GLY A . n 
A 1 80  YCM 80  80  80  YCM YCM A . n 
A 1 81  TYR 81  81  81  TYR TYR A . n 
A 1 82  GLY 82  82  82  GLY GLY A . n 
A 1 83  ALA 83  83  83  ALA ALA A . n 
A 1 84  ILE 84  84  84  ILE ILE A . n 
A 1 85  GLN 85  85  85  GLN GLN A . n 
A 1 86  GLU 86  86  ?   ?   ?   A . n 
A 1 87  SER 87  87  ?   ?   ?   A . n 
A 1 88  GLN 88  88  88  GLN GLN A . n 
A 1 89  YCM 89  89  89  YCM YCM A . n 
A 1 90  LEU 90  90  90  LEU LEU A . n 
A 1 91  LEU 91  91  91  LEU LEU A . n 
A 1 92  GLY 92  92  92  GLY GLY A . n 
A 1 93  THR 93  93  93  THR THR A . n 
A 1 94  PHE 94  94  94  PHE PHE A . n 
A 1 95  PHE 95  95  95  PHE PHE A . n 
A 1 96  THR 96  96  96  THR THR A . n 
A 1 97  CYS 97  97  97  CYS CYS A . n 
A 1 98  LEU 98  98  98  LEU LEU A . n 
A 1 99  VAL 99  99  99  VAL VAL A . n 
A 1 100 ILE 100 100 100 ILE ILE A . n 
A 1 101 LEU 101 101 101 LEU LEU A . n 
A 1 102 PHE 102 102 102 PHE PHE A . n 
A 1 103 ALA 103 103 103 ALA ALA A . n 
A 1 104 CYS 104 104 104 CYS CYS A . n 
A 1 105 GLU 105 105 105 GLU GLU A . n 
A 1 106 VAL 106 106 106 VAL VAL A . n 
A 1 107 ALA 107 107 107 ALA ALA A . n 
A 1 108 ALA 108 108 108 ALA ALA A . n 
A 1 109 GLY 109 109 109 GLY GLY A . n 
A 1 110 ILE 110 110 110 ILE ILE A . n 
A 1 111 TRP 111 111 111 TRP TRP A . n 
A 1 112 GLY 112 112 112 GLY GLY A . n 
A 1 113 PHE 113 113 113 PHE PHE A . n 
A 1 114 VAL 114 114 114 VAL VAL A . n 
A 1 115 ASN 115 115 115 ASN ASN A . n 
A 1 116 LYS 116 116 116 LYS LYS A . n 
A 1 117 ASP 117 117 117 ASP ASP A . n 
A 1 118 GLN 118 118 118 GLN GLN A . n 
A 1 119 ILE 119 119 119 ILE ILE A . n 
A 1 120 ALA 120 120 120 ALA ALA A . n 
A 1 121 LYS 121 121 121 LYS LYS A . n 
A 1 122 ASP 122 122 122 ASP ASP A . n 
A 1 123 VAL 123 123 123 VAL VAL A . n 
A 1 124 LYS 124 124 124 LYS LYS A . n 
A 1 125 GLN 125 125 125 GLN GLN A . n 
A 1 126 PHE 126 126 126 PHE PHE A . n 
A 1 127 TYR 127 127 127 TYR TYR A . n 
A 1 128 ASP 128 128 128 ASP ASP A . n 
A 1 129 GLN 129 129 129 GLN GLN A . n 
A 1 130 ALA 130 130 130 ALA ALA A . n 
A 1 131 LEU 131 131 131 LEU LEU A . n 
A 1 132 GLN 132 132 132 GLN GLN A . n 
A 1 133 GLN 133 133 133 GLN GLN A . n 
A 1 134 ALA 134 134 134 ALA ALA A . n 
A 1 135 VAL 135 135 135 VAL VAL A . n 
A 1 136 VAL 136 136 136 VAL VAL A . n 
A 1 137 ASP 137 137 137 ASP ASP A . n 
A 1 138 ASP 138 138 138 ASP ASP A . n 
A 1 139 ASP 139 139 139 ASP ASP A . n 
A 1 140 ALA 140 140 140 ALA ALA A . n 
A 1 141 ASN 141 141 141 ASN ASN A . n 
A 1 142 ASN 142 142 142 ASN ASN A . n 
A 1 143 ALA 143 143 143 ALA ALA A . n 
A 1 144 LYS 144 144 144 LYS LYS A . n 
A 1 145 ALA 145 145 145 ALA ALA A . n 
A 1 146 VAL 146 146 146 VAL VAL A . n 
A 1 147 VAL 147 147 147 VAL VAL A . n 
A 1 148 LYS 148 148 148 LYS LYS A . n 
A 1 149 THR 149 149 149 THR THR A . n 
A 1 150 PHE 150 150 150 PHE PHE A . n 
A 1 151 HIS 151 151 151 HIS HIS A . n 
A 1 152 GLU 152 152 152 GLU GLU A . n 
A 1 153 THR 153 153 153 THR THR A . n 
A 1 154 LEU 154 154 154 LEU LEU A . n 
A 1 155 ASP 155 155 155 ASP ASP A . n 
A 1 156 CYS 156 156 156 CYS CYS A . n 
A 1 157 CYS 157 157 157 CYS CYS A . n 
A 1 158 GLY 158 158 158 GLY GLY A . n 
A 1 159 SER 159 159 159 SER SER A . n 
A 1 160 SER 160 160 160 SER SER A . n 
A 1 161 THR 161 161 161 THR THR A . n 
A 1 162 LEU 162 162 162 LEU LEU A . n 
A 1 163 THR 163 163 163 THR THR A . n 
A 1 164 ALA 164 164 164 ALA ALA A . n 
A 1 165 LEU 165 165 165 LEU LEU A . n 
A 1 166 THR 166 166 166 THR THR A . n 
A 1 167 THR 167 167 167 THR THR A . n 
A 1 168 SER 168 168 168 SER SER A . n 
A 1 169 VAL 169 169 169 VAL VAL A . n 
A 1 170 LEU 170 170 170 LEU LEU A . n 
A 1 171 LYS 171 171 171 LYS LYS A . n 
A 1 172 ASN 172 172 172 ASN ASN A . n 
A 1 173 ASN 173 173 173 ASN ASN A . n 
A 1 174 LEU 174 174 174 LEU LEU A . n 
A 1 175 CYS 175 175 175 CYS CYS A . n 
A 1 176 PRO 176 176 176 PRO PRO A . n 
A 1 177 SER 177 177 177 SER SER A . n 
A 1 178 GLY 178 178 178 GLY GLY A . n 
A 1 179 SER 179 179 179 SER SER A . n 
A 1 180 ASN 180 180 180 ASN ASN A . n 
A 1 181 ILE 181 181 181 ILE ILE A . n 
A 1 182 ILE 182 182 182 ILE ILE A . n 
A 1 183 SER 183 183 183 SER SER A . n 
A 1 184 ASN 184 184 184 ASN ASN A . n 
A 1 185 LEU 185 185 185 LEU LEU A . n 
A 1 186 PHE 186 186 186 PHE PHE A . n 
A 1 187 LYS 187 187 187 LYS LYS A . n 
A 1 188 GLU 188 188 188 GLU GLU A . n 
A 1 189 ASP 189 189 189 ASP ASP A . n 
A 1 190 CYS 190 190 190 CYS CYS A . n 
A 1 191 HIS 191 191 191 HIS HIS A . n 
A 1 192 GLN 192 192 192 GLN GLN A . n 
A 1 193 LYS 193 193 193 LYS LYS A . n 
A 1 194 ILE 194 194 194 ILE ILE A . n 
A 1 195 ASP 195 195 195 ASP ASP A . n 
A 1 196 ASP 196 196 196 ASP ASP A . n 
A 1 197 LEU 197 197 197 LEU LEU A . n 
A 1 198 PHE 198 198 198 PHE PHE A . n 
A 1 199 SER 199 199 199 SER SER A . n 
A 1 200 GLY 200 200 200 GLY GLY A . n 
A 1 201 LYS 201 201 201 LYS LYS A . n 
A 1 202 LEU 202 202 202 LEU LEU A . n 
A 1 203 TYR 203 203 203 TYR TYR A . n 
A 1 204 LEU 204 204 204 LEU LEU A . n 
A 1 205 ILE 205 205 205 ILE ILE A . n 
A 1 206 GLY 206 206 206 GLY GLY A . n 
A 1 207 ILE 207 207 207 ILE ILE A . n 
A 1 208 ALA 208 208 208 ALA ALA A . n 
A 1 209 ALA 209 209 209 ALA ALA A . n 
A 1 210 ILE 210 210 210 ILE ILE A . n 
A 1 211 VAL 211 211 211 VAL VAL A . n 
A 1 212 VAL 212 212 212 VAL VAL A . n 
A 1 213 ALA 213 213 213 ALA ALA A . n 
A 1 214 VAL 214 214 214 VAL VAL A . n 
A 1 215 ILE 215 215 215 ILE ILE A . n 
A 1 216 MET 216 216 216 MET MET A . n 
A 1 217 ILE 217 217 217 ILE ILE A . n 
A 1 218 PHE 218 218 218 PHE PHE A . n 
A 1 219 GLU 219 219 219 GLU GLU A . n 
A 1 220 MET 220 220 220 MET MET A . n 
A 1 221 ILE 221 221 221 ILE ILE A . n 
A 1 222 LEU 222 222 222 LEU LEU A . n 
A 1 223 SER 223 223 223 SER SER A . n 
A 1 224 MET 224 224 224 MET MET A . n 
A 1 225 VAL 225 225 225 VAL VAL A . n 
A 1 226 LEU 226 226 226 LEU LEU A . n 
A 1 227 SER 227 227 227 SER SER A . n 
A 1 228 SER 228 228 228 SER SER A . n 
A 1 229 GLY 229 229 229 GLY GLY A . n 
A 1 230 ILE 230 230 230 ILE ILE A . n 
A 1 231 ARG 231 231 231 ARG ARG A . n 
A 1 232 ASN 232 232 232 ASN ASN A . n 
A 1 233 SER 233 233 ?   ?   ?   A . n 
A 1 234 SER 234 234 ?   ?   ?   A . n 
A 1 235 VAL 235 235 ?   ?   ?   A . n 
A 1 236 TYR 236 236 ?   ?   ?   A . n 
A 1 237 VAL 237 237 ?   ?   ?   A . n 
A 1 238 PRO 238 238 ?   ?   ?   A . n 
A 1 239 HIS 239 239 ?   ?   ?   A . n 
A 1 240 HIS 240 240 ?   ?   ?   A . n 
A 1 241 HIS 241 241 ?   ?   ?   A . n 
A 1 242 HIS 242 242 ?   ?   ?   A . n 
A 1 243 HIS 243 243 ?   ?   ?   A . n 
A 1 244 HIS 244 244 ?   ?   ?   A . n 
A 1 245 HIS 245 245 ?   ?   ?   A . n 
A 1 246 HIS 246 246 ?   ?   ?   A . n 
# 
loop_
_pdbx_nonpoly_scheme.asym_id 
_pdbx_nonpoly_scheme.entity_id 
_pdbx_nonpoly_scheme.mon_id 
_pdbx_nonpoly_scheme.ndb_seq_num 
_pdbx_nonpoly_scheme.pdb_seq_num 
_pdbx_nonpoly_scheme.auth_seq_num 
_pdbx_nonpoly_scheme.pdb_mon_id 
_pdbx_nonpoly_scheme.auth_mon_id 
_pdbx_nonpoly_scheme.pdb_strand_id 
_pdbx_nonpoly_scheme.pdb_ins_code 
B 2 CLR 1 301 1 CLR CLR A . 
C 3 HOH 1 401 3 HOH HOH A . 
C 3 HOH 2 402 1 HOH HOH A . 
C 3 HOH 3 403 2 HOH HOH A . 
# 
loop_
_pdbx_struct_mod_residue.id 
_pdbx_struct_mod_residue.label_asym_id 
_pdbx_struct_mod_residue.label_comp_id 
_pdbx_struct_mod_residue.label_seq_id 
_pdbx_struct_mod_residue.auth_asym_id 
_pdbx_struct_mod_residue.auth_comp_id 
_pdbx_struct_mod_residue.auth_seq_id 
_pdbx_struct_mod_residue.PDB_ins_code 
_pdbx_struct_mod_residue.parent_comp_id 
_pdbx_struct_mod_residue.details 
1 A YCM 80 A YCM 80 ? CYS 'modified residue' 
2 A YCM 89 A YCM 89 ? CYS 'modified residue' 
# 
_pdbx_struct_assembly.id                   1 
_pdbx_struct_assembly.details              author_and_software_defined_assembly 
_pdbx_struct_assembly.method_details       PISA 
_pdbx_struct_assembly.oligomeric_details   monomeric 
_pdbx_struct_assembly.oligomeric_count     1 
# 
_pdbx_struct_assembly_gen.assembly_id       1 
_pdbx_struct_assembly_gen.oper_expression   1 
_pdbx_struct_assembly_gen.asym_id_list      A,B,C 
# 
_pdbx_struct_oper_list.id                   1 
_pdbx_struct_oper_list.type                 'identity operation' 
_pdbx_struct_oper_list.name                 1_555 
_pdbx_struct_oper_list.symmetry_operation   x,y,z 
_pdbx_struct_oper_list.matrix[1][1]         1.0000000000 
_pdbx_struct_oper_list.matrix[1][2]         0.0000000000 
_pdbx_struct_oper_list.matrix[1][3]         0.0000000000 
_pdbx_struct_oper_list.vector[1]            0.0000000000 
_pdbx_struct_oper_list.matrix[2][1]         0.0000000000 
_pdbx_struct_oper_list.matrix[2][2]         1.0000000000 
_pdbx_struct_oper_list.matrix[2][3]         0.0000000000 
_pdbx_struct_oper_list.vector[2]            0.0000000000 
_pdbx_struct_oper_list.matrix[3][1]         0.0000000000 
_pdbx_struct_oper_list.matrix[3][2]         0.0000000000 
_pdbx_struct_oper_list.matrix[3][3]         1.0000000000 
_pdbx_struct_oper_list.vector[3]            0.0000000000 
# 
loop_
_pdbx_audit_revision_history.ordinal 
_pdbx_audit_revision_history.data_content_type 
_pdbx_audit_revision_history.major_revision 
_pdbx_audit_revision_history.minor_revision 
_pdbx_audit_revision_history.revision_date 
1 'Structure model' 1 0 2016-11-09 
2 'Structure model' 1 1 2016-12-21 
3 'Structure model' 1 2 2017-09-27 
4 'Structure model' 1 3 2019-12-04 
5 'Structure model' 1 4 2023-10-04 
# 
_pdbx_audit_revision_details.ordinal             1 
_pdbx_audit_revision_details.revision_ordinal    1 
_pdbx_audit_revision_details.data_content_type   'Structure model' 
_pdbx_audit_revision_details.provider            repository 
_pdbx_audit_revision_details.type                'Initial release' 
_pdbx_audit_revision_details.description         ? 
_pdbx_audit_revision_details.details             ? 
# 
loop_
_pdbx_audit_revision_group.ordinal 
_pdbx_audit_revision_group.revision_ordinal 
_pdbx_audit_revision_group.data_content_type 
_pdbx_audit_revision_group.group 
1 2 'Structure model' 'Database references'        
2 3 'Structure model' 'Author supporting evidence' 
3 4 'Structure model' 'Author supporting evidence' 
4 5 'Structure model' 'Data collection'            
5 5 'Structure model' 'Database references'        
6 5 'Structure model' 'Refinement description'     
# 
loop_
_pdbx_audit_revision_category.ordinal 
_pdbx_audit_revision_category.revision_ordinal 
_pdbx_audit_revision_category.data_content_type 
_pdbx_audit_revision_category.category 
1 3 'Structure model' pdbx_audit_support            
2 4 'Structure model' pdbx_audit_support            
3 5 'Structure model' chem_comp_atom                
4 5 'Structure model' chem_comp_bond                
5 5 'Structure model' database_2                    
6 5 'Structure model' pdbx_initial_refinement_model 
# 
loop_
_pdbx_audit_revision_item.ordinal 
_pdbx_audit_revision_item.revision_ordinal 
_pdbx_audit_revision_item.data_content_type 
_pdbx_audit_revision_item.item 
1 3 'Structure model' '_pdbx_audit_support.funding_organization' 
2 4 'Structure model' '_pdbx_audit_support.funding_organization' 
3 5 'Structure model' '_database_2.pdbx_DOI'                     
4 5 'Structure model' '_database_2.pdbx_database_accession'      
# 
loop_
_software.citation_id 
_software.classification 
_software.compiler_name 
_software.compiler_version 
_software.contact_author 
_software.contact_author_email 
_software.date 
_software.description 
_software.dependencies 
_software.hardware 
_software.language 
_software.location 
_software.mods 
_software.name 
_software.os 
_software.os_version 
_software.type 
_software.version 
_software.pdbx_ordinal 
? refinement       ? ? ? ? ? ? ? ? ? ? ? PHENIX ? ? ? '(1.10_2155: ???)' 1 
? 'data reduction' ? ? ? ? ? ? ? ? ? ? ? XDS    ? ? ? .                  2 
? 'data scaling'   ? ? ? ? ? ? ? ? ? ? ? XDS    ? ? ? .                  3 
? phasing          ? ? ? ? ? ? ? ? ? ? ? PHASER ? ? ? .                  4 
? 'model building' ? ? ? ? ? ? ? ? ? ? ? Coot   ? ? ? .                  5 
# 
loop_
_pdbx_validate_torsion.id 
_pdbx_validate_torsion.PDB_model_num 
_pdbx_validate_torsion.auth_comp_id 
_pdbx_validate_torsion.auth_asym_id 
_pdbx_validate_torsion.auth_seq_id 
_pdbx_validate_torsion.PDB_ins_code 
_pdbx_validate_torsion.label_alt_id 
_pdbx_validate_torsion.phi 
_pdbx_validate_torsion.psi 
1 1 LEU A 170 ? ? -82.98 -81.58  
2 1 SER A 177 ? ? 51.85  -133.89 
3 1 SER A 199 ? ? -88.29 -78.56  
# 
loop_
_pdbx_unobs_or_zero_occ_atoms.id 
_pdbx_unobs_or_zero_occ_atoms.PDB_model_num 
_pdbx_unobs_or_zero_occ_atoms.polymer_flag 
_pdbx_unobs_or_zero_occ_atoms.occupancy_flag 
_pdbx_unobs_or_zero_occ_atoms.auth_asym_id 
_pdbx_unobs_or_zero_occ_atoms.auth_comp_id 
_pdbx_unobs_or_zero_occ_atoms.auth_seq_id 
_pdbx_unobs_or_zero_occ_atoms.PDB_ins_code 
_pdbx_unobs_or_zero_occ_atoms.auth_atom_id 
_pdbx_unobs_or_zero_occ_atoms.label_alt_id 
_pdbx_unobs_or_zero_occ_atoms.label_asym_id 
_pdbx_unobs_or_zero_occ_atoms.label_comp_id 
_pdbx_unobs_or_zero_occ_atoms.label_seq_id 
_pdbx_unobs_or_zero_occ_atoms.label_atom_id 
1 1 Y 1 A ARG 36  ? CZ  ? A ARG 36  CZ  
2 1 Y 1 A ARG 36  ? NH1 ? A ARG 36  NH1 
3 1 Y 1 A ARG 36  ? NH2 ? A ARG 36  NH2 
4 1 Y 1 A ILE 230 ? CG1 ? A ILE 230 CG1 
5 1 Y 1 A ILE 230 ? CG2 ? A ILE 230 CG2 
6 1 Y 1 A ILE 230 ? CD1 ? A ILE 230 CD1 
7 1 Y 1 A ASN 232 ? CG  ? A ASN 232 CG  
8 1 Y 1 A ASN 232 ? OD1 ? A ASN 232 OD1 
9 1 Y 1 A ASN 232 ? ND2 ? A ASN 232 ND2 
# 
loop_
_pdbx_unobs_or_zero_occ_residues.id 
_pdbx_unobs_or_zero_occ_residues.PDB_model_num 
_pdbx_unobs_or_zero_occ_residues.polymer_flag 
_pdbx_unobs_or_zero_occ_residues.occupancy_flag 
_pdbx_unobs_or_zero_occ_residues.auth_asym_id 
_pdbx_unobs_or_zero_occ_residues.auth_comp_id 
_pdbx_unobs_or_zero_occ_residues.auth_seq_id 
_pdbx_unobs_or_zero_occ_residues.PDB_ins_code 
_pdbx_unobs_or_zero_occ_residues.label_asym_id 
_pdbx_unobs_or_zero_occ_residues.label_comp_id 
_pdbx_unobs_or_zero_occ_residues.label_seq_id 
1  1 Y 1 A ARG 1   ? A ARG 1   
2  1 Y 1 A GLY 2   ? A GLY 2   
3  1 Y 1 A VAL 3   ? A VAL 3   
4  1 Y 1 A GLU 4   ? A GLU 4   
5  1 Y 1 A GLY 5   ? A GLY 5   
6  1 Y 1 A ASP 38  ? A ASP 38  
7  1 Y 1 A PRO 39  ? A PRO 39  
8  1 Y 1 A GLN 40  ? A GLN 40  
9  1 Y 1 A THR 41  ? A THR 41  
10 1 Y 1 A THR 42  ? A THR 42  
11 1 Y 1 A ASN 43  ? A ASN 43  
12 1 Y 1 A LEU 44  ? A LEU 44  
13 1 Y 1 A LEU 45  ? A LEU 45  
14 1 Y 1 A TYR 46  ? A TYR 46  
15 1 Y 1 A LEU 47  ? A LEU 47  
16 1 Y 1 A GLU 48  ? A GLU 48  
17 1 Y 1 A LEU 49  ? A LEU 49  
18 1 Y 1 A GLY 50  ? A GLY 50  
19 1 Y 1 A ASP 51  ? A ASP 51  
20 1 Y 1 A LYS 52  ? A LYS 52  
21 1 Y 1 A PRO 53  ? A PRO 53  
22 1 Y 1 A ALA 54  ? A ALA 54  
23 1 Y 1 A GLU 86  ? A GLU 86  
24 1 Y 1 A SER 87  ? A SER 87  
25 1 Y 1 A SER 233 ? A SER 233 
26 1 Y 1 A SER 234 ? A SER 234 
27 1 Y 1 A VAL 235 ? A VAL 235 
28 1 Y 1 A TYR 236 ? A TYR 236 
29 1 Y 1 A VAL 237 ? A VAL 237 
30 1 Y 1 A PRO 238 ? A PRO 238 
31 1 Y 1 A HIS 239 ? A HIS 239 
32 1 Y 1 A HIS 240 ? A HIS 240 
33 1 Y 1 A HIS 241 ? A HIS 241 
34 1 Y 1 A HIS 242 ? A HIS 242 
35 1 Y 1 A HIS 243 ? A HIS 243 
36 1 Y 1 A HIS 244 ? A HIS 244 
37 1 Y 1 A HIS 245 ? A HIS 245 
38 1 Y 1 A HIS 246 ? A HIS 246 
# 
loop_
_chem_comp_atom.comp_id 
_chem_comp_atom.atom_id 
_chem_comp_atom.type_symbol 
_chem_comp_atom.pdbx_aromatic_flag 
_chem_comp_atom.pdbx_stereo_config 
_chem_comp_atom.pdbx_ordinal 
ALA N    N N N 1   
ALA CA   C N S 2   
ALA C    C N N 3   
ALA O    O N N 4   
ALA CB   C N N 5   
ALA OXT  O N N 6   
ALA H    H N N 7   
ALA H2   H N N 8   
ALA HA   H N N 9   
ALA HB1  H N N 10  
ALA HB2  H N N 11  
ALA HB3  H N N 12  
ALA HXT  H N N 13  
ARG N    N N N 14  
ARG CA   C N S 15  
ARG C    C N N 16  
ARG O    O N N 17  
ARG CB   C N N 18  
ARG CG   C N N 19  
ARG CD   C N N 20  
ARG NE   N N N 21  
ARG CZ   C N N 22  
ARG NH1  N N N 23  
ARG NH2  N N N 24  
ARG OXT  O N N 25  
ARG H    H N N 26  
ARG H2   H N N 27  
ARG HA   H N N 28  
ARG HB2  H N N 29  
ARG HB3  H N N 30  
ARG HG2  H N N 31  
ARG HG3  H N N 32  
ARG HD2  H N N 33  
ARG HD3  H N N 34  
ARG HE   H N N 35  
ARG HH11 H N N 36  
ARG HH12 H N N 37  
ARG HH21 H N N 38  
ARG HH22 H N N 39  
ARG HXT  H N N 40  
ASN N    N N N 41  
ASN CA   C N S 42  
ASN C    C N N 43  
ASN O    O N N 44  
ASN CB   C N N 45  
ASN CG   C N N 46  
ASN OD1  O N N 47  
ASN ND2  N N N 48  
ASN OXT  O N N 49  
ASN H    H N N 50  
ASN H2   H N N 51  
ASN HA   H N N 52  
ASN HB2  H N N 53  
ASN HB3  H N N 54  
ASN HD21 H N N 55  
ASN HD22 H N N 56  
ASN HXT  H N N 57  
ASP N    N N N 58  
ASP CA   C N S 59  
ASP C    C N N 60  
ASP O    O N N 61  
ASP CB   C N N 62  
ASP CG   C N N 63  
ASP OD1  O N N 64  
ASP OD2  O N N 65  
ASP OXT  O N N 66  
ASP H    H N N 67  
ASP H2   H N N 68  
ASP HA   H N N 69  
ASP HB2  H N N 70  
ASP HB3  H N N 71  
ASP HD2  H N N 72  
ASP HXT  H N N 73  
CLR C1   C N N 74  
CLR C2   C N N 75  
CLR C3   C N S 76  
CLR C4   C N N 77  
CLR C5   C N N 78  
CLR C6   C N N 79  
CLR C7   C N N 80  
CLR C8   C N S 81  
CLR C9   C N S 82  
CLR C10  C N R 83  
CLR C11  C N N 84  
CLR C12  C N N 85  
CLR C13  C N R 86  
CLR C14  C N S 87  
CLR C15  C N N 88  
CLR C16  C N N 89  
CLR C17  C N R 90  
CLR C18  C N N 91  
CLR C19  C N N 92  
CLR C20  C N R 93  
CLR C21  C N N 94  
CLR C22  C N N 95  
CLR C23  C N N 96  
CLR C24  C N N 97  
CLR C25  C N N 98  
CLR C26  C N N 99  
CLR C27  C N N 100 
CLR O1   O N N 101 
CLR H11  H N N 102 
CLR H12  H N N 103 
CLR H21  H N N 104 
CLR H22  H N N 105 
CLR H3   H N N 106 
CLR H41  H N N 107 
CLR H42  H N N 108 
CLR H6   H N N 109 
CLR H71  H N N 110 
CLR H72  H N N 111 
CLR H8   H N N 112 
CLR H9   H N N 113 
CLR H111 H N N 114 
CLR H112 H N N 115 
CLR H121 H N N 116 
CLR H122 H N N 117 
CLR H14  H N N 118 
CLR H151 H N N 119 
CLR H152 H N N 120 
CLR H161 H N N 121 
CLR H162 H N N 122 
CLR H17  H N N 123 
CLR H181 H N N 124 
CLR H182 H N N 125 
CLR H183 H N N 126 
CLR H191 H N N 127 
CLR H192 H N N 128 
CLR H193 H N N 129 
CLR H20  H N N 130 
CLR H211 H N N 131 
CLR H212 H N N 132 
CLR H213 H N N 133 
CLR H221 H N N 134 
CLR H222 H N N 135 
CLR H231 H N N 136 
CLR H232 H N N 137 
CLR H241 H N N 138 
CLR H242 H N N 139 
CLR H25  H N N 140 
CLR H261 H N N 141 
CLR H262 H N N 142 
CLR H263 H N N 143 
CLR H271 H N N 144 
CLR H272 H N N 145 
CLR H273 H N N 146 
CLR H1   H N N 147 
CYS N    N N N 148 
CYS CA   C N R 149 
CYS C    C N N 150 
CYS O    O N N 151 
CYS CB   C N N 152 
CYS SG   S N N 153 
CYS OXT  O N N 154 
CYS H    H N N 155 
CYS H2   H N N 156 
CYS HA   H N N 157 
CYS HB2  H N N 158 
CYS HB3  H N N 159 
CYS HG   H N N 160 
CYS HXT  H N N 161 
GLN N    N N N 162 
GLN CA   C N S 163 
GLN C    C N N 164 
GLN O    O N N 165 
GLN CB   C N N 166 
GLN CG   C N N 167 
GLN CD   C N N 168 
GLN OE1  O N N 169 
GLN NE2  N N N 170 
GLN OXT  O N N 171 
GLN H    H N N 172 
GLN H2   H N N 173 
GLN HA   H N N 174 
GLN HB2  H N N 175 
GLN HB3  H N N 176 
GLN HG2  H N N 177 
GLN HG3  H N N 178 
GLN HE21 H N N 179 
GLN HE22 H N N 180 
GLN HXT  H N N 181 
GLU N    N N N 182 
GLU CA   C N S 183 
GLU C    C N N 184 
GLU O    O N N 185 
GLU CB   C N N 186 
GLU CG   C N N 187 
GLU CD   C N N 188 
GLU OE1  O N N 189 
GLU OE2  O N N 190 
GLU OXT  O N N 191 
GLU H    H N N 192 
GLU H2   H N N 193 
GLU HA   H N N 194 
GLU HB2  H N N 195 
GLU HB3  H N N 196 
GLU HG2  H N N 197 
GLU HG3  H N N 198 
GLU HE2  H N N 199 
GLU HXT  H N N 200 
GLY N    N N N 201 
GLY CA   C N N 202 
GLY C    C N N 203 
GLY O    O N N 204 
GLY OXT  O N N 205 
GLY H    H N N 206 
GLY H2   H N N 207 
GLY HA2  H N N 208 
GLY HA3  H N N 209 
GLY HXT  H N N 210 
HIS N    N N N 211 
HIS CA   C N S 212 
HIS C    C N N 213 
HIS O    O N N 214 
HIS CB   C N N 215 
HIS CG   C Y N 216 
HIS ND1  N Y N 217 
HIS CD2  C Y N 218 
HIS CE1  C Y N 219 
HIS NE2  N Y N 220 
HIS OXT  O N N 221 
HIS H    H N N 222 
HIS H2   H N N 223 
HIS HA   H N N 224 
HIS HB2  H N N 225 
HIS HB3  H N N 226 
HIS HD1  H N N 227 
HIS HD2  H N N 228 
HIS HE1  H N N 229 
HIS HE2  H N N 230 
HIS HXT  H N N 231 
HOH O    O N N 232 
HOH H1   H N N 233 
HOH H2   H N N 234 
ILE N    N N N 235 
ILE CA   C N S 236 
ILE C    C N N 237 
ILE O    O N N 238 
ILE CB   C N S 239 
ILE CG1  C N N 240 
ILE CG2  C N N 241 
ILE CD1  C N N 242 
ILE OXT  O N N 243 
ILE H    H N N 244 
ILE H2   H N N 245 
ILE HA   H N N 246 
ILE HB   H N N 247 
ILE HG12 H N N 248 
ILE HG13 H N N 249 
ILE HG21 H N N 250 
ILE HG22 H N N 251 
ILE HG23 H N N 252 
ILE HD11 H N N 253 
ILE HD12 H N N 254 
ILE HD13 H N N 255 
ILE HXT  H N N 256 
LEU N    N N N 257 
LEU CA   C N S 258 
LEU C    C N N 259 
LEU O    O N N 260 
LEU CB   C N N 261 
LEU CG   C N N 262 
LEU CD1  C N N 263 
LEU CD2  C N N 264 
LEU OXT  O N N 265 
LEU H    H N N 266 
LEU H2   H N N 267 
LEU HA   H N N 268 
LEU HB2  H N N 269 
LEU HB3  H N N 270 
LEU HG   H N N 271 
LEU HD11 H N N 272 
LEU HD12 H N N 273 
LEU HD13 H N N 274 
LEU HD21 H N N 275 
LEU HD22 H N N 276 
LEU HD23 H N N 277 
LEU HXT  H N N 278 
LYS N    N N N 279 
LYS CA   C N S 280 
LYS C    C N N 281 
LYS O    O N N 282 
LYS CB   C N N 283 
LYS CG   C N N 284 
LYS CD   C N N 285 
LYS CE   C N N 286 
LYS NZ   N N N 287 
LYS OXT  O N N 288 
LYS H    H N N 289 
LYS H2   H N N 290 
LYS HA   H N N 291 
LYS HB2  H N N 292 
LYS HB3  H N N 293 
LYS HG2  H N N 294 
LYS HG3  H N N 295 
LYS HD2  H N N 296 
LYS HD3  H N N 297 
LYS HE2  H N N 298 
LYS HE3  H N N 299 
LYS HZ1  H N N 300 
LYS HZ2  H N N 301 
LYS HZ3  H N N 302 
LYS HXT  H N N 303 
MET N    N N N 304 
MET CA   C N S 305 
MET C    C N N 306 
MET O    O N N 307 
MET CB   C N N 308 
MET CG   C N N 309 
MET SD   S N N 310 
MET CE   C N N 311 
MET OXT  O N N 312 
MET H    H N N 313 
MET H2   H N N 314 
MET HA   H N N 315 
MET HB2  H N N 316 
MET HB3  H N N 317 
MET HG2  H N N 318 
MET HG3  H N N 319 
MET HE1  H N N 320 
MET HE2  H N N 321 
MET HE3  H N N 322 
MET HXT  H N N 323 
PHE N    N N N 324 
PHE CA   C N S 325 
PHE C    C N N 326 
PHE O    O N N 327 
PHE CB   C N N 328 
PHE CG   C Y N 329 
PHE CD1  C Y N 330 
PHE CD2  C Y N 331 
PHE CE1  C Y N 332 
PHE CE2  C Y N 333 
PHE CZ   C Y N 334 
PHE OXT  O N N 335 
PHE H    H N N 336 
PHE H2   H N N 337 
PHE HA   H N N 338 
PHE HB2  H N N 339 
PHE HB3  H N N 340 
PHE HD1  H N N 341 
PHE HD2  H N N 342 
PHE HE1  H N N 343 
PHE HE2  H N N 344 
PHE HZ   H N N 345 
PHE HXT  H N N 346 
PRO N    N N N 347 
PRO CA   C N S 348 
PRO C    C N N 349 
PRO O    O N N 350 
PRO CB   C N N 351 
PRO CG   C N N 352 
PRO CD   C N N 353 
PRO OXT  O N N 354 
PRO H    H N N 355 
PRO HA   H N N 356 
PRO HB2  H N N 357 
PRO HB3  H N N 358 
PRO HG2  H N N 359 
PRO HG3  H N N 360 
PRO HD2  H N N 361 
PRO HD3  H N N 362 
PRO HXT  H N N 363 
SER N    N N N 364 
SER CA   C N S 365 
SER C    C N N 366 
SER O    O N N 367 
SER CB   C N N 368 
SER OG   O N N 369 
SER OXT  O N N 370 
SER H    H N N 371 
SER H2   H N N 372 
SER HA   H N N 373 
SER HB2  H N N 374 
SER HB3  H N N 375 
SER HG   H N N 376 
SER HXT  H N N 377 
THR N    N N N 378 
THR CA   C N S 379 
THR C    C N N 380 
THR O    O N N 381 
THR CB   C N R 382 
THR OG1  O N N 383 
THR CG2  C N N 384 
THR OXT  O N N 385 
THR H    H N N 386 
THR H2   H N N 387 
THR HA   H N N 388 
THR HB   H N N 389 
THR HG1  H N N 390 
THR HG21 H N N 391 
THR HG22 H N N 392 
THR HG23 H N N 393 
THR HXT  H N N 394 
TRP N    N N N 395 
TRP CA   C N S 396 
TRP C    C N N 397 
TRP O    O N N 398 
TRP CB   C N N 399 
TRP CG   C Y N 400 
TRP CD1  C Y N 401 
TRP CD2  C Y N 402 
TRP NE1  N Y N 403 
TRP CE2  C Y N 404 
TRP CE3  C Y N 405 
TRP CZ2  C Y N 406 
TRP CZ3  C Y N 407 
TRP CH2  C Y N 408 
TRP OXT  O N N 409 
TRP H    H N N 410 
TRP H2   H N N 411 
TRP HA   H N N 412 
TRP HB2  H N N 413 
TRP HB3  H N N 414 
TRP HD1  H N N 415 
TRP HE1  H N N 416 
TRP HE3  H N N 417 
TRP HZ2  H N N 418 
TRP HZ3  H N N 419 
TRP HH2  H N N 420 
TRP HXT  H N N 421 
TYR N    N N N 422 
TYR CA   C N S 423 
TYR C    C N N 424 
TYR O    O N N 425 
TYR CB   C N N 426 
TYR CG   C Y N 427 
TYR CD1  C Y N 428 
TYR CD2  C Y N 429 
TYR CE1  C Y N 430 
TYR CE2  C Y N 431 
TYR CZ   C Y N 432 
TYR OH   O N N 433 
TYR OXT  O N N 434 
TYR H    H N N 435 
TYR H2   H N N 436 
TYR HA   H N N 437 
TYR HB2  H N N 438 
TYR HB3  H N N 439 
TYR HD1  H N N 440 
TYR HD2  H N N 441 
TYR HE1  H N N 442 
TYR HE2  H N N 443 
TYR HH   H N N 444 
TYR HXT  H N N 445 
VAL N    N N N 446 
VAL CA   C N S 447 
VAL C    C N N 448 
VAL O    O N N 449 
VAL CB   C N N 450 
VAL CG1  C N N 451 
VAL CG2  C N N 452 
VAL OXT  O N N 453 
VAL H    H N N 454 
VAL H2   H N N 455 
VAL HA   H N N 456 
VAL HB   H N N 457 
VAL HG11 H N N 458 
VAL HG12 H N N 459 
VAL HG13 H N N 460 
VAL HG21 H N N 461 
VAL HG22 H N N 462 
VAL HG23 H N N 463 
VAL HXT  H N N 464 
YCM N    N N N 465 
YCM CA   C N R 466 
YCM CB   C N N 467 
YCM SG   S N N 468 
YCM CD   C N N 469 
YCM CE   C N N 470 
YCM OZ1  O N N 471 
YCM NZ2  N N N 472 
YCM C    C N N 473 
YCM O    O N N 474 
YCM OXT  O N N 475 
YCM H    H N N 476 
YCM H2   H N N 477 
YCM HA   H N N 478 
YCM HB2  H N N 479 
YCM HB3  H N N 480 
YCM HD2  H N N 481 
YCM HD3  H N N 482 
YCM HZ21 H N N 483 
YCM HZ22 H N N 484 
YCM HXT  H N N 485 
# 
loop_
_chem_comp_bond.comp_id 
_chem_comp_bond.atom_id_1 
_chem_comp_bond.atom_id_2 
_chem_comp_bond.value_order 
_chem_comp_bond.pdbx_aromatic_flag 
_chem_comp_bond.pdbx_stereo_config 
_chem_comp_bond.pdbx_ordinal 
ALA N   CA   sing N N 1   
ALA N   H    sing N N 2   
ALA N   H2   sing N N 3   
ALA CA  C    sing N N 4   
ALA CA  CB   sing N N 5   
ALA CA  HA   sing N N 6   
ALA C   O    doub N N 7   
ALA C   OXT  sing N N 8   
ALA CB  HB1  sing N N 9   
ALA CB  HB2  sing N N 10  
ALA CB  HB3  sing N N 11  
ALA OXT HXT  sing N N 12  
ARG N   CA   sing N N 13  
ARG N   H    sing N N 14  
ARG N   H2   sing N N 15  
ARG CA  C    sing N N 16  
ARG CA  CB   sing N N 17  
ARG CA  HA   sing N N 18  
ARG C   O    doub N N 19  
ARG C   OXT  sing N N 20  
ARG CB  CG   sing N N 21  
ARG CB  HB2  sing N N 22  
ARG CB  HB3  sing N N 23  
ARG CG  CD   sing N N 24  
ARG CG  HG2  sing N N 25  
ARG CG  HG3  sing N N 26  
ARG CD  NE   sing N N 27  
ARG CD  HD2  sing N N 28  
ARG CD  HD3  sing N N 29  
ARG NE  CZ   sing N N 30  
ARG NE  HE   sing N N 31  
ARG CZ  NH1  sing N N 32  
ARG CZ  NH2  doub N N 33  
ARG NH1 HH11 sing N N 34  
ARG NH1 HH12 sing N N 35  
ARG NH2 HH21 sing N N 36  
ARG NH2 HH22 sing N N 37  
ARG OXT HXT  sing N N 38  
ASN N   CA   sing N N 39  
ASN N   H    sing N N 40  
ASN N   H2   sing N N 41  
ASN CA  C    sing N N 42  
ASN CA  CB   sing N N 43  
ASN CA  HA   sing N N 44  
ASN C   O    doub N N 45  
ASN C   OXT  sing N N 46  
ASN CB  CG   sing N N 47  
ASN CB  HB2  sing N N 48  
ASN CB  HB3  sing N N 49  
ASN CG  OD1  doub N N 50  
ASN CG  ND2  sing N N 51  
ASN ND2 HD21 sing N N 52  
ASN ND2 HD22 sing N N 53  
ASN OXT HXT  sing N N 54  
ASP N   CA   sing N N 55  
ASP N   H    sing N N 56  
ASP N   H2   sing N N 57  
ASP CA  C    sing N N 58  
ASP CA  CB   sing N N 59  
ASP CA  HA   sing N N 60  
ASP C   O    doub N N 61  
ASP C   OXT  sing N N 62  
ASP CB  CG   sing N N 63  
ASP CB  HB2  sing N N 64  
ASP CB  HB3  sing N N 65  
ASP CG  OD1  doub N N 66  
ASP CG  OD2  sing N N 67  
ASP OD2 HD2  sing N N 68  
ASP OXT HXT  sing N N 69  
CLR C1  C2   sing N N 70  
CLR C1  C10  sing N N 71  
CLR C1  H11  sing N N 72  
CLR C1  H12  sing N N 73  
CLR C2  C3   sing N N 74  
CLR C2  H21  sing N N 75  
CLR C2  H22  sing N N 76  
CLR C3  C4   sing N N 77  
CLR C3  O1   sing N N 78  
CLR C3  H3   sing N N 79  
CLR C4  C5   sing N N 80  
CLR C4  H41  sing N N 81  
CLR C4  H42  sing N N 82  
CLR C5  C6   doub N N 83  
CLR C5  C10  sing N N 84  
CLR C6  C7   sing N N 85  
CLR C6  H6   sing N N 86  
CLR C7  C8   sing N N 87  
CLR C7  H71  sing N N 88  
CLR C7  H72  sing N N 89  
CLR C8  C9   sing N N 90  
CLR C8  C14  sing N N 91  
CLR C8  H8   sing N N 92  
CLR C9  C10  sing N N 93  
CLR C9  C11  sing N N 94  
CLR C9  H9   sing N N 95  
CLR C10 C19  sing N N 96  
CLR C11 C12  sing N N 97  
CLR C11 H111 sing N N 98  
CLR C11 H112 sing N N 99  
CLR C12 C13  sing N N 100 
CLR C12 H121 sing N N 101 
CLR C12 H122 sing N N 102 
CLR C13 C14  sing N N 103 
CLR C13 C17  sing N N 104 
CLR C13 C18  sing N N 105 
CLR C14 C15  sing N N 106 
CLR C14 H14  sing N N 107 
CLR C15 C16  sing N N 108 
CLR C15 H151 sing N N 109 
CLR C15 H152 sing N N 110 
CLR C16 C17  sing N N 111 
CLR C16 H161 sing N N 112 
CLR C16 H162 sing N N 113 
CLR C17 C20  sing N N 114 
CLR C17 H17  sing N N 115 
CLR C18 H181 sing N N 116 
CLR C18 H182 sing N N 117 
CLR C18 H183 sing N N 118 
CLR C19 H191 sing N N 119 
CLR C19 H192 sing N N 120 
CLR C19 H193 sing N N 121 
CLR C20 C21  sing N N 122 
CLR C20 C22  sing N N 123 
CLR C20 H20  sing N N 124 
CLR C21 H211 sing N N 125 
CLR C21 H212 sing N N 126 
CLR C21 H213 sing N N 127 
CLR C22 C23  sing N N 128 
CLR C22 H221 sing N N 129 
CLR C22 H222 sing N N 130 
CLR C23 C24  sing N N 131 
CLR C23 H231 sing N N 132 
CLR C23 H232 sing N N 133 
CLR C24 C25  sing N N 134 
CLR C24 H241 sing N N 135 
CLR C24 H242 sing N N 136 
CLR C25 C26  sing N N 137 
CLR C25 C27  sing N N 138 
CLR C25 H25  sing N N 139 
CLR C26 H261 sing N N 140 
CLR C26 H262 sing N N 141 
CLR C26 H263 sing N N 142 
CLR C27 H271 sing N N 143 
CLR C27 H272 sing N N 144 
CLR C27 H273 sing N N 145 
CLR O1  H1   sing N N 146 
CYS N   CA   sing N N 147 
CYS N   H    sing N N 148 
CYS N   H2   sing N N 149 
CYS CA  C    sing N N 150 
CYS CA  CB   sing N N 151 
CYS CA  HA   sing N N 152 
CYS C   O    doub N N 153 
CYS C   OXT  sing N N 154 
CYS CB  SG   sing N N 155 
CYS CB  HB2  sing N N 156 
CYS CB  HB3  sing N N 157 
CYS SG  HG   sing N N 158 
CYS OXT HXT  sing N N 159 
GLN N   CA   sing N N 160 
GLN N   H    sing N N 161 
GLN N   H2   sing N N 162 
GLN CA  C    sing N N 163 
GLN CA  CB   sing N N 164 
GLN CA  HA   sing N N 165 
GLN C   O    doub N N 166 
GLN C   OXT  sing N N 167 
GLN CB  CG   sing N N 168 
GLN CB  HB2  sing N N 169 
GLN CB  HB3  sing N N 170 
GLN CG  CD   sing N N 171 
GLN CG  HG2  sing N N 172 
GLN CG  HG3  sing N N 173 
GLN CD  OE1  doub N N 174 
GLN CD  NE2  sing N N 175 
GLN NE2 HE21 sing N N 176 
GLN NE2 HE22 sing N N 177 
GLN OXT HXT  sing N N 178 
GLU N   CA   sing N N 179 
GLU N   H    sing N N 180 
GLU N   H2   sing N N 181 
GLU CA  C    sing N N 182 
GLU CA  CB   sing N N 183 
GLU CA  HA   sing N N 184 
GLU C   O    doub N N 185 
GLU C   OXT  sing N N 186 
GLU CB  CG   sing N N 187 
GLU CB  HB2  sing N N 188 
GLU CB  HB3  sing N N 189 
GLU CG  CD   sing N N 190 
GLU CG  HG2  sing N N 191 
GLU CG  HG3  sing N N 192 
GLU CD  OE1  doub N N 193 
GLU CD  OE2  sing N N 194 
GLU OE2 HE2  sing N N 195 
GLU OXT HXT  sing N N 196 
GLY N   CA   sing N N 197 
GLY N   H    sing N N 198 
GLY N   H2   sing N N 199 
GLY CA  C    sing N N 200 
GLY CA  HA2  sing N N 201 
GLY CA  HA3  sing N N 202 
GLY C   O    doub N N 203 
GLY C   OXT  sing N N 204 
GLY OXT HXT  sing N N 205 
HIS N   CA   sing N N 206 
HIS N   H    sing N N 207 
HIS N   H2   sing N N 208 
HIS CA  C    sing N N 209 
HIS CA  CB   sing N N 210 
HIS CA  HA   sing N N 211 
HIS C   O    doub N N 212 
HIS C   OXT  sing N N 213 
HIS CB  CG   sing N N 214 
HIS CB  HB2  sing N N 215 
HIS CB  HB3  sing N N 216 
HIS CG  ND1  sing Y N 217 
HIS CG  CD2  doub Y N 218 
HIS ND1 CE1  doub Y N 219 
HIS ND1 HD1  sing N N 220 
HIS CD2 NE2  sing Y N 221 
HIS CD2 HD2  sing N N 222 
HIS CE1 NE2  sing Y N 223 
HIS CE1 HE1  sing N N 224 
HIS NE2 HE2  sing N N 225 
HIS OXT HXT  sing N N 226 
HOH O   H1   sing N N 227 
HOH O   H2   sing N N 228 
ILE N   CA   sing N N 229 
ILE N   H    sing N N 230 
ILE N   H2   sing N N 231 
ILE CA  C    sing N N 232 
ILE CA  CB   sing N N 233 
ILE CA  HA   sing N N 234 
ILE C   O    doub N N 235 
ILE C   OXT  sing N N 236 
ILE CB  CG1  sing N N 237 
ILE CB  CG2  sing N N 238 
ILE CB  HB   sing N N 239 
ILE CG1 CD1  sing N N 240 
ILE CG1 HG12 sing N N 241 
ILE CG1 HG13 sing N N 242 
ILE CG2 HG21 sing N N 243 
ILE CG2 HG22 sing N N 244 
ILE CG2 HG23 sing N N 245 
ILE CD1 HD11 sing N N 246 
ILE CD1 HD12 sing N N 247 
ILE CD1 HD13 sing N N 248 
ILE OXT HXT  sing N N 249 
LEU N   CA   sing N N 250 
LEU N   H    sing N N 251 
LEU N   H2   sing N N 252 
LEU CA  C    sing N N 253 
LEU CA  CB   sing N N 254 
LEU CA  HA   sing N N 255 
LEU C   O    doub N N 256 
LEU C   OXT  sing N N 257 
LEU CB  CG   sing N N 258 
LEU CB  HB2  sing N N 259 
LEU CB  HB3  sing N N 260 
LEU CG  CD1  sing N N 261 
LEU CG  CD2  sing N N 262 
LEU CG  HG   sing N N 263 
LEU CD1 HD11 sing N N 264 
LEU CD1 HD12 sing N N 265 
LEU CD1 HD13 sing N N 266 
LEU CD2 HD21 sing N N 267 
LEU CD2 HD22 sing N N 268 
LEU CD2 HD23 sing N N 269 
LEU OXT HXT  sing N N 270 
LYS N   CA   sing N N 271 
LYS N   H    sing N N 272 
LYS N   H2   sing N N 273 
LYS CA  C    sing N N 274 
LYS CA  CB   sing N N 275 
LYS CA  HA   sing N N 276 
LYS C   O    doub N N 277 
LYS C   OXT  sing N N 278 
LYS CB  CG   sing N N 279 
LYS CB  HB2  sing N N 280 
LYS CB  HB3  sing N N 281 
LYS CG  CD   sing N N 282 
LYS CG  HG2  sing N N 283 
LYS CG  HG3  sing N N 284 
LYS CD  CE   sing N N 285 
LYS CD  HD2  sing N N 286 
LYS CD  HD3  sing N N 287 
LYS CE  NZ   sing N N 288 
LYS CE  HE2  sing N N 289 
LYS CE  HE3  sing N N 290 
LYS NZ  HZ1  sing N N 291 
LYS NZ  HZ2  sing N N 292 
LYS NZ  HZ3  sing N N 293 
LYS OXT HXT  sing N N 294 
MET N   CA   sing N N 295 
MET N   H    sing N N 296 
MET N   H2   sing N N 297 
MET CA  C    sing N N 298 
MET CA  CB   sing N N 299 
MET CA  HA   sing N N 300 
MET C   O    doub N N 301 
MET C   OXT  sing N N 302 
MET CB  CG   sing N N 303 
MET CB  HB2  sing N N 304 
MET CB  HB3  sing N N 305 
MET CG  SD   sing N N 306 
MET CG  HG2  sing N N 307 
MET CG  HG3  sing N N 308 
MET SD  CE   sing N N 309 
MET CE  HE1  sing N N 310 
MET CE  HE2  sing N N 311 
MET CE  HE3  sing N N 312 
MET OXT HXT  sing N N 313 
PHE N   CA   sing N N 314 
PHE N   H    sing N N 315 
PHE N   H2   sing N N 316 
PHE CA  C    sing N N 317 
PHE CA  CB   sing N N 318 
PHE CA  HA   sing N N 319 
PHE C   O    doub N N 320 
PHE C   OXT  sing N N 321 
PHE CB  CG   sing N N 322 
PHE CB  HB2  sing N N 323 
PHE CB  HB3  sing N N 324 
PHE CG  CD1  doub Y N 325 
PHE CG  CD2  sing Y N 326 
PHE CD1 CE1  sing Y N 327 
PHE CD1 HD1  sing N N 328 
PHE CD2 CE2  doub Y N 329 
PHE CD2 HD2  sing N N 330 
PHE CE1 CZ   doub Y N 331 
PHE CE1 HE1  sing N N 332 
PHE CE2 CZ   sing Y N 333 
PHE CE2 HE2  sing N N 334 
PHE CZ  HZ   sing N N 335 
PHE OXT HXT  sing N N 336 
PRO N   CA   sing N N 337 
PRO N   CD   sing N N 338 
PRO N   H    sing N N 339 
PRO CA  C    sing N N 340 
PRO CA  CB   sing N N 341 
PRO CA  HA   sing N N 342 
PRO C   O    doub N N 343 
PRO C   OXT  sing N N 344 
PRO CB  CG   sing N N 345 
PRO CB  HB2  sing N N 346 
PRO CB  HB3  sing N N 347 
PRO CG  CD   sing N N 348 
PRO CG  HG2  sing N N 349 
PRO CG  HG3  sing N N 350 
PRO CD  HD2  sing N N 351 
PRO CD  HD3  sing N N 352 
PRO OXT HXT  sing N N 353 
SER N   CA   sing N N 354 
SER N   H    sing N N 355 
SER N   H2   sing N N 356 
SER CA  C    sing N N 357 
SER CA  CB   sing N N 358 
SER CA  HA   sing N N 359 
SER C   O    doub N N 360 
SER C   OXT  sing N N 361 
SER CB  OG   sing N N 362 
SER CB  HB2  sing N N 363 
SER CB  HB3  sing N N 364 
SER OG  HG   sing N N 365 
SER OXT HXT  sing N N 366 
THR N   CA   sing N N 367 
THR N   H    sing N N 368 
THR N   H2   sing N N 369 
THR CA  C    sing N N 370 
THR CA  CB   sing N N 371 
THR CA  HA   sing N N 372 
THR C   O    doub N N 373 
THR C   OXT  sing N N 374 
THR CB  OG1  sing N N 375 
THR CB  CG2  sing N N 376 
THR CB  HB   sing N N 377 
THR OG1 HG1  sing N N 378 
THR CG2 HG21 sing N N 379 
THR CG2 HG22 sing N N 380 
THR CG2 HG23 sing N N 381 
THR OXT HXT  sing N N 382 
TRP N   CA   sing N N 383 
TRP N   H    sing N N 384 
TRP N   H2   sing N N 385 
TRP CA  C    sing N N 386 
TRP CA  CB   sing N N 387 
TRP CA  HA   sing N N 388 
TRP C   O    doub N N 389 
TRP C   OXT  sing N N 390 
TRP CB  CG   sing N N 391 
TRP CB  HB2  sing N N 392 
TRP CB  HB3  sing N N 393 
TRP CG  CD1  doub Y N 394 
TRP CG  CD2  sing Y N 395 
TRP CD1 NE1  sing Y N 396 
TRP CD1 HD1  sing N N 397 
TRP CD2 CE2  doub Y N 398 
TRP CD2 CE3  sing Y N 399 
TRP NE1 CE2  sing Y N 400 
TRP NE1 HE1  sing N N 401 
TRP CE2 CZ2  sing Y N 402 
TRP CE3 CZ3  doub Y N 403 
TRP CE3 HE3  sing N N 404 
TRP CZ2 CH2  doub Y N 405 
TRP CZ2 HZ2  sing N N 406 
TRP CZ3 CH2  sing Y N 407 
TRP CZ3 HZ3  sing N N 408 
TRP CH2 HH2  sing N N 409 
TRP OXT HXT  sing N N 410 
TYR N   CA   sing N N 411 
TYR N   H    sing N N 412 
TYR N   H2   sing N N 413 
TYR CA  C    sing N N 414 
TYR CA  CB   sing N N 415 
TYR CA  HA   sing N N 416 
TYR C   O    doub N N 417 
TYR C   OXT  sing N N 418 
TYR CB  CG   sing N N 419 
TYR CB  HB2  sing N N 420 
TYR CB  HB3  sing N N 421 
TYR CG  CD1  doub Y N 422 
TYR CG  CD2  sing Y N 423 
TYR CD1 CE1  sing Y N 424 
TYR CD1 HD1  sing N N 425 
TYR CD2 CE2  doub Y N 426 
TYR CD2 HD2  sing N N 427 
TYR CE1 CZ   doub Y N 428 
TYR CE1 HE1  sing N N 429 
TYR CE2 CZ   sing Y N 430 
TYR CE2 HE2  sing N N 431 
TYR CZ  OH   sing N N 432 
TYR OH  HH   sing N N 433 
TYR OXT HXT  sing N N 434 
VAL N   CA   sing N N 435 
VAL N   H    sing N N 436 
VAL N   H2   sing N N 437 
VAL CA  C    sing N N 438 
VAL CA  CB   sing N N 439 
VAL CA  HA   sing N N 440 
VAL C   O    doub N N 441 
VAL C   OXT  sing N N 442 
VAL CB  CG1  sing N N 443 
VAL CB  CG2  sing N N 444 
VAL CB  HB   sing N N 445 
VAL CG1 HG11 sing N N 446 
VAL CG1 HG12 sing N N 447 
VAL CG1 HG13 sing N N 448 
VAL CG2 HG21 sing N N 449 
VAL CG2 HG22 sing N N 450 
VAL CG2 HG23 sing N N 451 
VAL OXT HXT  sing N N 452 
YCM N   CA   sing N N 453 
YCM N   H    sing N N 454 
YCM N   H2   sing N N 455 
YCM CA  CB   sing N N 456 
YCM CA  C    sing N N 457 
YCM CA  HA   sing N N 458 
YCM CB  SG   sing N N 459 
YCM CB  HB2  sing N N 460 
YCM CB  HB3  sing N N 461 
YCM SG  CD   sing N N 462 
YCM CD  CE   sing N N 463 
YCM CD  HD2  sing N N 464 
YCM CD  HD3  sing N N 465 
YCM CE  OZ1  doub N N 466 
YCM CE  NZ2  sing N N 467 
YCM NZ2 HZ21 sing N N 468 
YCM NZ2 HZ22 sing N N 469 
YCM C   O    doub N N 470 
YCM C   OXT  sing N N 471 
YCM OXT HXT  sing N N 472 
# 
loop_
_pdbx_audit_support.funding_organization 
_pdbx_audit_support.country 
_pdbx_audit_support.grant_number 
_pdbx_audit_support.ordinal 
'National Institutes of Health/National Cancer Institute (NIH/NCI)' 'United States' '5RO1 CA092433' 1 
'National Institutes of Health/Office of the Director'              'United States' '1DP5 OD021345' 2 
# 
loop_
_pdbx_entity_nonpoly.entity_id 
_pdbx_entity_nonpoly.name 
_pdbx_entity_nonpoly.comp_id 
2 CHOLESTEROL CLR 
3 water       HOH 
# 
_pdbx_initial_refinement_model.id               1 
_pdbx_initial_refinement_model.entity_id_list   ? 
_pdbx_initial_refinement_model.type             'experimental model' 
_pdbx_initial_refinement_model.source_name      PDB 
_pdbx_initial_refinement_model.accession_code   1G8Q 
_pdbx_initial_refinement_model.details          ? 
# 
